data_2Q0V
# 
_entry.id   2Q0V 
# 
_audit_conform.dict_name       mmcif_pdbx.dic 
_audit_conform.dict_version    5.377 
_audit_conform.dict_location   http://mmcif.pdb.org/dictionaries/ascii/mmcif_pdbx.dic 
# 
loop_
_database_2.database_id 
_database_2.database_code 
_database_2.pdbx_database_accession 
_database_2.pdbx_DOI 
PDB   2Q0V         pdb_00002q0v 10.2210/pdb2q0v/pdb 
RCSB  RCSB043008   ?            ?                   
WWPDB D_1000043008 ?            ?                   
# 
_pdbx_database_status.entry_id                        2Q0V 
_pdbx_database_status.deposit_site                    RCSB 
_pdbx_database_status.process_site                    RCSB 
_pdbx_database_status.recvd_initial_deposition_date   2007-05-22 
_pdbx_database_status.status_code                     REL 
_pdbx_database_status.status_code_sf                  REL 
_pdbx_database_status.status_code_mr                  ? 
_pdbx_database_status.SG_entry                        Y 
_pdbx_database_status.pdb_format_compatible           Y 
_pdbx_database_status.status_code_cs                  ? 
_pdbx_database_status.methods_development_category    ? 
_pdbx_database_status.status_code_nmr_data            ? 
# 
loop_
_audit_author.name 
_audit_author.pdbx_ordinal 
'Wernimont, A.K.'                      1  
'Lew, J.'                              2  
'Hassanali, A.'                        3  
'Lin, L.'                              4  
'Kozieradzki, I.'                      5  
'Edwards, A.M.'                        6  
'Arrowsmith, C.H.'                     7  
'Weigelt, J.'                          8  
'Sundstrom, M.'                        9  
'Bochkarev, A.'                        10 
'Hui, R.'                              11 
'Brokx, S.'                            12 
'Structural Genomics Consortium (SGC)' 13 
# 
_citation.id                        primary 
_citation.title                     'Crystal structure of ubiquitin conjugating enzyme E2, putative, from Plasmodium falciparum.' 
_citation.journal_abbrev            'To be Published' 
_citation.journal_volume            ? 
_citation.page_first                ? 
_citation.page_last                 ? 
_citation.year                      ? 
_citation.journal_id_ASTM           ? 
_citation.country                   ? 
_citation.journal_id_ISSN           ? 
_citation.journal_id_CSD            0353 
_citation.book_publisher            ? 
_citation.pdbx_database_id_PubMed   ? 
_citation.pdbx_database_id_DOI      ? 
# 
loop_
_citation_author.citation_id 
_citation_author.name 
_citation_author.ordinal 
_citation_author.identifier_ORCID 
primary 'Wernimont, A.K.'  1  ? 
primary 'Lew, J.'          2  ? 
primary 'Hassanali, A.'    3  ? 
primary 'Lin, L.'          4  ? 
primary 'Kozieradzki, I.'  5  ? 
primary 'Edwards, A.M.'    6  ? 
primary 'Arrowsmith, C.H.' 7  ? 
primary 'Sundstrom, M.'    8  ? 
primary 'Weigelt, J.'      9  ? 
primary 'Bochkarev, A.'    10 ? 
primary 'Hui, R.'          11 ? 
primary 'Brokx, S.'        12 ? 
# 
_cell.length_a           101.474 
_cell.length_b           101.474 
_cell.length_c           83.871 
_cell.angle_alpha        90.000 
_cell.angle_beta         90.000 
_cell.angle_gamma        120.000 
_cell.entry_id           2Q0V 
_cell.pdbx_unique_axis   ? 
_cell.Z_PDB              12 
_cell.length_a_esd       ? 
_cell.length_b_esd       ? 
_cell.length_c_esd       ? 
_cell.angle_alpha_esd    ? 
_cell.angle_beta_esd     ? 
_cell.angle_gamma_esd    ? 
# 
_symmetry.space_group_name_H-M             'P 65 2 2' 
_symmetry.entry_id                         2Q0V 
_symmetry.Int_Tables_number                179 
_symmetry.pdbx_full_space_group_name_H-M   ? 
_symmetry.cell_setting                     ? 
_symmetry.space_group_name_Hall            ? 
# 
loop_
_entity.id 
_entity.type 
_entity.src_method 
_entity.pdbx_description 
_entity.formula_weight 
_entity.pdbx_number_of_molecules 
_entity.pdbx_ec 
_entity.pdbx_mutation 
_entity.pdbx_fragment 
_entity.details 
1 polymer     man 'Ubiquitin-conjugating enzyme E2, putative' 17908.990 1  ? ? ? ? 
2 non-polymer syn 'PHOSPHATE ION'                             94.971    1  ? ? ? ? 
3 water       nat water                                       18.015    56 ? ? ? ? 
# 
_entity_poly.entity_id                      1 
_entity_poly.type                           'polypeptide(L)' 
_entity_poly.nstd_linkage                   no 
_entity_poly.nstd_monomer                   no 
_entity_poly.pdbx_seq_one_letter_code       
;MHHHHHHSSGRENLYFQGIVPRSFRLLDELERGQKGNVSEGVSFGLESADDITLSNWSCTIFGQPGTVFENRIYSLTIFC
DDNYPDSPPTVKFDTKIEMSCVDNCGRVIKNNLHILKNWNRNYTIETILISLRQEMLSSANKRLPQPNEGEVYSNN
;
_entity_poly.pdbx_seq_one_letter_code_can   
;MHHHHHHSSGRENLYFQGIVPRSFRLLDELERGQKGNVSEGVSFGLESADDITLSNWSCTIFGQPGTVFENRIYSLTIFC
DDNYPDSPPTVKFDTKIEMSCVDNCGRVIKNNLHILKNWNRNYTIETILISLRQEMLSSANKRLPQPNEGEVYSNN
;
_entity_poly.pdbx_strand_id                 A 
_entity_poly.pdbx_target_identifier         ? 
# 
loop_
_entity_poly_seq.entity_id 
_entity_poly_seq.num 
_entity_poly_seq.mon_id 
_entity_poly_seq.hetero 
1 1   MET n 
1 2   HIS n 
1 3   HIS n 
1 4   HIS n 
1 5   HIS n 
1 6   HIS n 
1 7   HIS n 
1 8   SER n 
1 9   SER n 
1 10  GLY n 
1 11  ARG n 
1 12  GLU n 
1 13  ASN n 
1 14  LEU n 
1 15  TYR n 
1 16  PHE n 
1 17  GLN n 
1 18  GLY n 
1 19  ILE n 
1 20  VAL n 
1 21  PRO n 
1 22  ARG n 
1 23  SER n 
1 24  PHE n 
1 25  ARG n 
1 26  LEU n 
1 27  LEU n 
1 28  ASP n 
1 29  GLU n 
1 30  LEU n 
1 31  GLU n 
1 32  ARG n 
1 33  GLY n 
1 34  GLN n 
1 35  LYS n 
1 36  GLY n 
1 37  ASN n 
1 38  VAL n 
1 39  SER n 
1 40  GLU n 
1 41  GLY n 
1 42  VAL n 
1 43  SER n 
1 44  PHE n 
1 45  GLY n 
1 46  LEU n 
1 47  GLU n 
1 48  SER n 
1 49  ALA n 
1 50  ASP n 
1 51  ASP n 
1 52  ILE n 
1 53  THR n 
1 54  LEU n 
1 55  SER n 
1 56  ASN n 
1 57  TRP n 
1 58  SER n 
1 59  CYS n 
1 60  THR n 
1 61  ILE n 
1 62  PHE n 
1 63  GLY n 
1 64  GLN n 
1 65  PRO n 
1 66  GLY n 
1 67  THR n 
1 68  VAL n 
1 69  PHE n 
1 70  GLU n 
1 71  ASN n 
1 72  ARG n 
1 73  ILE n 
1 74  TYR n 
1 75  SER n 
1 76  LEU n 
1 77  THR n 
1 78  ILE n 
1 79  PHE n 
1 80  CYS n 
1 81  ASP n 
1 82  ASP n 
1 83  ASN n 
1 84  TYR n 
1 85  PRO n 
1 86  ASP n 
1 87  SER n 
1 88  PRO n 
1 89  PRO n 
1 90  THR n 
1 91  VAL n 
1 92  LYS n 
1 93  PHE n 
1 94  ASP n 
1 95  THR n 
1 96  LYS n 
1 97  ILE n 
1 98  GLU n 
1 99  MET n 
1 100 SER n 
1 101 CYS n 
1 102 VAL n 
1 103 ASP n 
1 104 ASN n 
1 105 CYS n 
1 106 GLY n 
1 107 ARG n 
1 108 VAL n 
1 109 ILE n 
1 110 LYS n 
1 111 ASN n 
1 112 ASN n 
1 113 LEU n 
1 114 HIS n 
1 115 ILE n 
1 116 LEU n 
1 117 LYS n 
1 118 ASN n 
1 119 TRP n 
1 120 ASN n 
1 121 ARG n 
1 122 ASN n 
1 123 TYR n 
1 124 THR n 
1 125 ILE n 
1 126 GLU n 
1 127 THR n 
1 128 ILE n 
1 129 LEU n 
1 130 ILE n 
1 131 SER n 
1 132 LEU n 
1 133 ARG n 
1 134 GLN n 
1 135 GLU n 
1 136 MET n 
1 137 LEU n 
1 138 SER n 
1 139 SER n 
1 140 ALA n 
1 141 ASN n 
1 142 LYS n 
1 143 ARG n 
1 144 LEU n 
1 145 PRO n 
1 146 GLN n 
1 147 PRO n 
1 148 ASN n 
1 149 GLU n 
1 150 GLY n 
1 151 GLU n 
1 152 VAL n 
1 153 TYR n 
1 154 SER n 
1 155 ASN n 
1 156 ASN n 
# 
_entity_src_gen.entity_id                          1 
_entity_src_gen.pdbx_src_id                        1 
_entity_src_gen.pdbx_alt_source_flag               sample 
_entity_src_gen.pdbx_seq_type                      ? 
_entity_src_gen.pdbx_beg_seq_num                   ? 
_entity_src_gen.pdbx_end_seq_num                   ? 
_entity_src_gen.gene_src_common_name               ? 
_entity_src_gen.gene_src_genus                     Plasmodium 
_entity_src_gen.pdbx_gene_src_gene                 'MAL3P2.20, PFC0255c' 
_entity_src_gen.gene_src_species                   'Plasmodium falciparum' 
_entity_src_gen.gene_src_strain                    3D7 
_entity_src_gen.gene_src_tissue                    ? 
_entity_src_gen.gene_src_tissue_fraction           ? 
_entity_src_gen.gene_src_details                   ? 
_entity_src_gen.pdbx_gene_src_fragment             ? 
_entity_src_gen.pdbx_gene_src_scientific_name      'Plasmodium falciparum' 
_entity_src_gen.pdbx_gene_src_ncbi_taxonomy_id     36329 
_entity_src_gen.pdbx_gene_src_variant              ? 
_entity_src_gen.pdbx_gene_src_cell_line            ? 
_entity_src_gen.pdbx_gene_src_atcc                 ? 
_entity_src_gen.pdbx_gene_src_organ                ? 
_entity_src_gen.pdbx_gene_src_organelle            ? 
_entity_src_gen.pdbx_gene_src_cell                 ? 
_entity_src_gen.pdbx_gene_src_cellular_location    ? 
_entity_src_gen.host_org_common_name               ? 
_entity_src_gen.pdbx_host_org_scientific_name      'Escherichia coli' 
_entity_src_gen.pdbx_host_org_ncbi_taxonomy_id     562 
_entity_src_gen.host_org_genus                     Escherichia 
_entity_src_gen.pdbx_host_org_gene                 ? 
_entity_src_gen.pdbx_host_org_organ                ? 
_entity_src_gen.host_org_species                   ? 
_entity_src_gen.pdbx_host_org_tissue               ? 
_entity_src_gen.pdbx_host_org_tissue_fraction      ? 
_entity_src_gen.pdbx_host_org_strain               dh5a 
_entity_src_gen.pdbx_host_org_variant              ? 
_entity_src_gen.pdbx_host_org_cell_line            ? 
_entity_src_gen.pdbx_host_org_atcc                 ? 
_entity_src_gen.pdbx_host_org_culture_collection   ? 
_entity_src_gen.pdbx_host_org_cell                 ? 
_entity_src_gen.pdbx_host_org_organelle            ? 
_entity_src_gen.pdbx_host_org_cellular_location    ? 
_entity_src_gen.pdbx_host_org_vector_type          Plasmid 
_entity_src_gen.pdbx_host_org_vector               ? 
_entity_src_gen.host_org_details                   ? 
_entity_src_gen.expression_system_id               ? 
_entity_src_gen.plasmid_name                       p15-mhl 
_entity_src_gen.plasmid_details                    ? 
_entity_src_gen.pdbx_description                   ? 
# 
_struct_ref.id                         1 
_struct_ref.db_name                    UNP 
_struct_ref.db_code                    O97241_PLAF7 
_struct_ref.pdbx_db_accession          O97241 
_struct_ref.entity_id                  1 
_struct_ref.pdbx_seq_one_letter_code   
;IVPRSFRLLDELERGQKGNVSEGVSFGLESADDITLSNWSCTIFGQPGTVFENRIYSLTIFCDDNYPDSPPTVKFDTKIE
MSCVDNCGRVIKNNLHILKNWNRNYTIETILISLRQEMLSSANKRLPQPNEGEVYSNN
;
_struct_ref.pdbx_align_begin           5 
_struct_ref.pdbx_db_isoform            ? 
# 
_struct_ref_seq.align_id                      1 
_struct_ref_seq.ref_id                        1 
_struct_ref_seq.pdbx_PDB_id_code              2Q0V 
_struct_ref_seq.pdbx_strand_id                A 
_struct_ref_seq.seq_align_beg                 19 
_struct_ref_seq.pdbx_seq_align_beg_ins_code   ? 
_struct_ref_seq.seq_align_end                 156 
_struct_ref_seq.pdbx_seq_align_end_ins_code   ? 
_struct_ref_seq.pdbx_db_accession             O97241 
_struct_ref_seq.db_align_beg                  5 
_struct_ref_seq.pdbx_db_align_beg_ins_code    ? 
_struct_ref_seq.db_align_end                  142 
_struct_ref_seq.pdbx_db_align_end_ins_code    ? 
_struct_ref_seq.pdbx_auth_seq_align_beg       19 
_struct_ref_seq.pdbx_auth_seq_align_end       156 
# 
loop_
_struct_ref_seq_dif.align_id 
_struct_ref_seq_dif.pdbx_pdb_id_code 
_struct_ref_seq_dif.mon_id 
_struct_ref_seq_dif.pdbx_pdb_strand_id 
_struct_ref_seq_dif.seq_num 
_struct_ref_seq_dif.pdbx_pdb_ins_code 
_struct_ref_seq_dif.pdbx_seq_db_name 
_struct_ref_seq_dif.pdbx_seq_db_accession_code 
_struct_ref_seq_dif.db_mon_id 
_struct_ref_seq_dif.pdbx_seq_db_seq_num 
_struct_ref_seq_dif.details 
_struct_ref_seq_dif.pdbx_auth_seq_num 
_struct_ref_seq_dif.pdbx_ordinal 
1 2Q0V MET A 1  ? UNP O97241 ? ? 'cloning artifact' 1  1  
1 2Q0V HIS A 2  ? UNP O97241 ? ? 'cloning artifact' 2  2  
1 2Q0V HIS A 3  ? UNP O97241 ? ? 'cloning artifact' 3  3  
1 2Q0V HIS A 4  ? UNP O97241 ? ? 'cloning artifact' 4  4  
1 2Q0V HIS A 5  ? UNP O97241 ? ? 'cloning artifact' 5  5  
1 2Q0V HIS A 6  ? UNP O97241 ? ? 'cloning artifact' 6  6  
1 2Q0V HIS A 7  ? UNP O97241 ? ? 'cloning artifact' 7  7  
1 2Q0V SER A 8  ? UNP O97241 ? ? 'cloning artifact' 8  8  
1 2Q0V SER A 9  ? UNP O97241 ? ? 'cloning artifact' 9  9  
1 2Q0V GLY A 10 ? UNP O97241 ? ? 'cloning artifact' 10 10 
1 2Q0V ARG A 11 ? UNP O97241 ? ? 'cloning artifact' 11 11 
1 2Q0V GLU A 12 ? UNP O97241 ? ? 'cloning artifact' 12 12 
1 2Q0V ASN A 13 ? UNP O97241 ? ? 'cloning artifact' 13 13 
1 2Q0V LEU A 14 ? UNP O97241 ? ? 'cloning artifact' 14 14 
1 2Q0V TYR A 15 ? UNP O97241 ? ? 'cloning artifact' 15 15 
1 2Q0V PHE A 16 ? UNP O97241 ? ? 'cloning artifact' 16 16 
1 2Q0V GLN A 17 ? UNP O97241 ? ? 'cloning artifact' 17 17 
1 2Q0V GLY A 18 ? UNP O97241 ? ? 'cloning artifact' 18 18 
# 
loop_
_chem_comp.id 
_chem_comp.type 
_chem_comp.mon_nstd_flag 
_chem_comp.name 
_chem_comp.pdbx_synonyms 
_chem_comp.formula 
_chem_comp.formula_weight 
ALA 'L-peptide linking' y ALANINE         ? 'C3 H7 N O2'     89.093  
ARG 'L-peptide linking' y ARGININE        ? 'C6 H15 N4 O2 1' 175.209 
ASN 'L-peptide linking' y ASPARAGINE      ? 'C4 H8 N2 O3'    132.118 
ASP 'L-peptide linking' y 'ASPARTIC ACID' ? 'C4 H7 N O4'     133.103 
CYS 'L-peptide linking' y CYSTEINE        ? 'C3 H7 N O2 S'   121.158 
GLN 'L-peptide linking' y GLUTAMINE       ? 'C5 H10 N2 O3'   146.144 
GLU 'L-peptide linking' y 'GLUTAMIC ACID' ? 'C5 H9 N O4'     147.129 
GLY 'peptide linking'   y GLYCINE         ? 'C2 H5 N O2'     75.067  
HIS 'L-peptide linking' y HISTIDINE       ? 'C6 H10 N3 O2 1' 156.162 
HOH non-polymer         . WATER           ? 'H2 O'           18.015  
ILE 'L-peptide linking' y ISOLEUCINE      ? 'C6 H13 N O2'    131.173 
LEU 'L-peptide linking' y LEUCINE         ? 'C6 H13 N O2'    131.173 
LYS 'L-peptide linking' y LYSINE          ? 'C6 H15 N2 O2 1' 147.195 
MET 'L-peptide linking' y METHIONINE      ? 'C5 H11 N O2 S'  149.211 
PHE 'L-peptide linking' y PHENYLALANINE   ? 'C9 H11 N O2'    165.189 
PO4 non-polymer         . 'PHOSPHATE ION' ? 'O4 P -3'        94.971  
PRO 'L-peptide linking' y PROLINE         ? 'C5 H9 N O2'     115.130 
SER 'L-peptide linking' y SERINE          ? 'C3 H7 N O3'     105.093 
THR 'L-peptide linking' y THREONINE       ? 'C4 H9 N O3'     119.119 
TRP 'L-peptide linking' y TRYPTOPHAN      ? 'C11 H12 N2 O2'  204.225 
TYR 'L-peptide linking' y TYROSINE        ? 'C9 H11 N O3'    181.189 
VAL 'L-peptide linking' y VALINE          ? 'C5 H11 N O2'    117.146 
# 
_exptl.crystals_number   1 
_exptl.entry_id          2Q0V 
_exptl.method            'X-RAY DIFFRACTION' 
# 
_exptl_crystal.id                    1 
_exptl_crystal.density_Matthews      3.48 
_exptl_crystal.density_meas          ? 
_exptl_crystal.density_percent_sol   64.64 
_exptl_crystal.description           ? 
_exptl_crystal.F_000                 ? 
_exptl_crystal.preparation           ? 
# 
_exptl_crystal_grow.crystal_id      1 
_exptl_crystal_grow.method          'VAPOR DIFFUSION, HANGING DROP' 
_exptl_crystal_grow.pH              7.0 
_exptl_crystal_grow.temp            298 
_exptl_crystal_grow.temp_details    ? 
_exptl_crystal_grow.pdbx_details    '1.4 M Na/KPi pH 7.0, 1 mM DTT, VAPOR DIFFUSION, HANGING DROP, temperature 298K' 
_exptl_crystal_grow.pdbx_pH_range   . 
# 
_diffrn.id                     1 
_diffrn.ambient_temp           100 
_diffrn.ambient_temp_details   ? 
_diffrn.crystal_id             1 
# 
_diffrn_detector.diffrn_id              1 
_diffrn_detector.detector               'IMAGE PLATE' 
_diffrn_detector.type                   'RIGAKU RAXIS IV' 
_diffrn_detector.pdbx_collection_date   2007-05-09 
_diffrn_detector.details                ? 
# 
_diffrn_radiation.diffrn_id                        1 
_diffrn_radiation.wavelength_id                    1 
_diffrn_radiation.pdbx_diffrn_protocol             'SINGLE WAVELENGTH' 
_diffrn_radiation.monochromator                    ? 
_diffrn_radiation.pdbx_monochromatic_or_laue_m_l   M 
_diffrn_radiation.pdbx_scattering_type             x-ray 
# 
_diffrn_radiation_wavelength.id           1 
_diffrn_radiation_wavelength.wavelength   1.5418 
_diffrn_radiation_wavelength.wt           1.0 
# 
_diffrn_source.diffrn_id                   1 
_diffrn_source.source                      'ROTATING ANODE' 
_diffrn_source.type                        RIGAKU 
_diffrn_source.pdbx_wavelength             ? 
_diffrn_source.pdbx_wavelength_list        1.5418 
_diffrn_source.pdbx_synchrotron_site       ? 
_diffrn_source.pdbx_synchrotron_beamline   ? 
# 
_reflns.entry_id                     2Q0V 
_reflns.d_resolution_high            2.300 
_reflns.d_resolution_low             30.000 
_reflns.number_obs                   11808 
_reflns.pdbx_Rmerge_I_obs            0.099 
_reflns.pdbx_netI_over_sigmaI        7.800 
_reflns.pdbx_chi_squared             1.309 
_reflns.pdbx_redundancy              20.800 
_reflns.percent_possible_obs         99.900 
_reflns.observed_criterion_sigma_F   0 
_reflns.observed_criterion_sigma_I   0 
_reflns.number_all                   11808 
_reflns.pdbx_Rsym_value              0.066 
_reflns.B_iso_Wilson_estimate        ? 
_reflns.R_free_details               ? 
_reflns.limit_h_max                  ? 
_reflns.limit_h_min                  ? 
_reflns.limit_k_max                  ? 
_reflns.limit_k_min                  ? 
_reflns.limit_l_max                  ? 
_reflns.limit_l_min                  ? 
_reflns.observed_criterion_F_max     ? 
_reflns.observed_criterion_F_min     ? 
_reflns.pdbx_scaling_rejects         ? 
_reflns.pdbx_ordinal                 1 
_reflns.pdbx_diffrn_id               1 
# 
_reflns_shell.d_res_high             2.30 
_reflns_shell.d_res_low              2.38 
_reflns_shell.number_measured_obs    ? 
_reflns_shell.number_measured_all    ? 
_reflns_shell.number_unique_obs      ? 
_reflns_shell.Rmerge_I_obs           ? 
_reflns_shell.meanI_over_sigI_obs    2.9 
_reflns_shell.pdbx_Rsym_value        ? 
_reflns_shell.pdbx_chi_squared       1.018 
_reflns_shell.pdbx_redundancy        20.90 
_reflns_shell.percent_possible_obs   ? 
_reflns_shell.number_unique_all      1154 
_reflns_shell.percent_possible_all   99.80 
_reflns_shell.pdbx_ordinal           1 
_reflns_shell.pdbx_diffrn_id         1 
# 
_refine.entry_id                                 2Q0V 
_refine.ls_d_res_high                            2.400 
_refine.ls_d_res_low                             25.000 
_refine.pdbx_ls_sigma_F                          0.00 
_refine.ls_percent_reflns_obs                    99.980 
_refine.ls_number_reflns_obs                     10436 
_refine.pdbx_ls_cross_valid_method               THROUGHOUT 
_refine.pdbx_R_Free_selection_details            RANDOM 
_refine.details                                  'HYDROGENS HAVE BEEN ADDED IN THE RIDING POSITIONS' 
_refine.ls_R_factor_obs                          0.227 
_refine.ls_R_factor_R_work                       0.224 
_refine.ls_R_factor_R_free                       0.290 
_refine.ls_percent_reflns_R_free                 4.700 
_refine.ls_number_reflns_R_free                  490 
_refine.B_iso_mean                               43.154 
_refine.aniso_B[1][1]                            0.750 
_refine.aniso_B[2][2]                            0.750 
_refine.aniso_B[3][3]                            -1.130 
_refine.aniso_B[1][2]                            0.380 
_refine.aniso_B[1][3]                            0.000 
_refine.aniso_B[2][3]                            0.000 
_refine.correlation_coeff_Fo_to_Fc               0.936 
_refine.correlation_coeff_Fo_to_Fc_free          0.883 
_refine.pdbx_overall_ESU_R                       0.261 
_refine.pdbx_overall_ESU_R_Free                  0.244 
_refine.overall_SU_ML                            0.176 
_refine.overall_SU_B                             7.456 
_refine.solvent_model_details                    MASK 
_refine.pdbx_solvent_vdw_probe_radii             1.400 
_refine.pdbx_solvent_ion_probe_radii             0.800 
_refine.pdbx_solvent_shrinkage_radii             0.800 
_refine.pdbx_stereochemistry_target_values       'MAXIMUM LIKELIHOOD' 
_refine.pdbx_ls_sigma_I                          0 
_refine.ls_number_reflns_all                     10436 
_refine.ls_R_factor_all                          0.227 
_refine.ls_redundancy_reflns_obs                 ? 
_refine.pdbx_data_cutoff_high_absF               ? 
_refine.pdbx_data_cutoff_low_absF                ? 
_refine.ls_number_parameters                     ? 
_refine.ls_number_restraints                     ? 
_refine.ls_R_factor_R_free_error                 ? 
_refine.ls_R_factor_R_free_error_details         ? 
_refine.pdbx_method_to_determine_struct          'MOLECULAR REPLACEMENT' 
_refine.pdbx_starting_model                      'PDB entry 1J74' 
_refine.pdbx_stereochem_target_val_spec_case     ? 
_refine.solvent_model_param_bsol                 ? 
_refine.solvent_model_param_ksol                 ? 
_refine.occupancy_max                            ? 
_refine.occupancy_min                            ? 
_refine.pdbx_isotropic_thermal_model             ? 
_refine.B_iso_min                                ? 
_refine.B_iso_max                                ? 
_refine.overall_SU_R_Cruickshank_DPI             ? 
_refine.overall_SU_R_free                        ? 
_refine.pdbx_data_cutoff_high_rms_absF           ? 
_refine.ls_wR_factor_R_free                      ? 
_refine.ls_wR_factor_R_work                      ? 
_refine.overall_FOM_free_R_set                   ? 
_refine.overall_FOM_work_R_set                   ? 
_refine.pdbx_refine_id                           'X-RAY DIFFRACTION' 
_refine.pdbx_diffrn_id                           1 
_refine.pdbx_TLS_residual_ADP_flag               ? 
_refine.pdbx_overall_phase_error                 ? 
_refine.pdbx_overall_SU_R_free_Cruickshank_DPI   ? 
_refine.pdbx_overall_SU_R_Blow_DPI               ? 
_refine.pdbx_overall_SU_R_free_Blow_DPI          ? 
# 
_refine_hist.pdbx_refine_id                   'X-RAY DIFFRACTION' 
_refine_hist.cycle_id                         LAST 
_refine_hist.pdbx_number_atoms_protein        1123 
_refine_hist.pdbx_number_atoms_nucleic_acid   0 
_refine_hist.pdbx_number_atoms_ligand         5 
_refine_hist.number_atoms_solvent             56 
_refine_hist.number_atoms_total               1184 
_refine_hist.d_res_high                       2.400 
_refine_hist.d_res_low                        25.000 
# 
loop_
_refine_ls_restr.type 
_refine_ls_restr.number 
_refine_ls_restr.dev_ideal 
_refine_ls_restr.dev_ideal_target 
_refine_ls_restr.weight 
_refine_ls_restr.pdbx_refine_id 
_refine_ls_restr.pdbx_restraint_function 
r_bond_refined_d         1149 0.015  0.022  ? 'X-RAY DIFFRACTION' ? 
r_angle_refined_deg      1556 1.806  1.964  ? 'X-RAY DIFFRACTION' ? 
r_dihedral_angle_1_deg   138  7.276  5.000  ? 'X-RAY DIFFRACTION' ? 
r_dihedral_angle_2_deg   58   39.219 24.655 ? 'X-RAY DIFFRACTION' ? 
r_dihedral_angle_3_deg   199  17.190 15.000 ? 'X-RAY DIFFRACTION' ? 
r_dihedral_angle_4_deg   8    19.566 15.000 ? 'X-RAY DIFFRACTION' ? 
r_chiral_restr           171  0.128  0.200  ? 'X-RAY DIFFRACTION' ? 
r_gen_planes_refined     875  0.006  0.020  ? 'X-RAY DIFFRACTION' ? 
r_nbd_refined            481  0.219  0.200  ? 'X-RAY DIFFRACTION' ? 
r_nbtor_refined          788  0.303  0.200  ? 'X-RAY DIFFRACTION' ? 
r_xyhbond_nbd_refined    62   0.192  0.200  ? 'X-RAY DIFFRACTION' ? 
r_symmetry_vdw_refined   45   0.283  0.200  ? 'X-RAY DIFFRACTION' ? 
r_symmetry_hbond_refined 5    0.479  0.200  ? 'X-RAY DIFFRACTION' ? 
r_mcbond_it              720  0.896  1.500  ? 'X-RAY DIFFRACTION' ? 
r_mcangle_it             1133 1.492  2.000  ? 'X-RAY DIFFRACTION' ? 
r_scbond_it              491  2.182  3.000  ? 'X-RAY DIFFRACTION' ? 
r_scangle_it             423  3.401  4.500  ? 'X-RAY DIFFRACTION' ? 
# 
_refine_ls_shell.d_res_high                       2.400 
_refine_ls_shell.d_res_low                        2.462 
_refine_ls_shell.pdbx_total_number_of_bins_used   20 
_refine_ls_shell.percent_reflns_obs               100.000 
_refine_ls_shell.number_reflns_R_work             694 
_refine_ls_shell.R_factor_all                     ? 
_refine_ls_shell.R_factor_R_work                  0.315 
_refine_ls_shell.R_factor_R_free                  0.452 
_refine_ls_shell.percent_reflns_R_free            ? 
_refine_ls_shell.number_reflns_R_free             33 
_refine_ls_shell.R_factor_R_free_error            ? 
_refine_ls_shell.number_reflns_all                ? 
_refine_ls_shell.number_reflns_obs                727 
_refine_ls_shell.redundancy_reflns_obs            ? 
_refine_ls_shell.pdbx_refine_id                   'X-RAY DIFFRACTION' 
# 
_struct.entry_id                  2Q0V 
_struct.title                     'Crystal structure of ubiquitin conjugating enzyme E2, putative, from Plasmodium falciparum' 
_struct.pdbx_model_details        ? 
_struct.pdbx_CASP_flag            N 
_struct.pdbx_model_type_details   ? 
# 
_struct_keywords.entry_id        2Q0V 
_struct_keywords.pdbx_keywords   LIGASE 
_struct_keywords.text            
'malaria, ubiquitin, E2, plasmodium, falciparum, Structural Genomics, Structural Genomics Consortium, SGC, LIGASE' 
# 
loop_
_struct_asym.id 
_struct_asym.pdbx_blank_PDB_chainid_flag 
_struct_asym.pdbx_modified 
_struct_asym.entity_id 
_struct_asym.details 
A N N 1 ? 
B N N 2 ? 
C N N 3 ? 
# 
_struct_biol.id   1 
# 
loop_
_struct_conf.conf_type_id 
_struct_conf.id 
_struct_conf.pdbx_PDB_helix_id 
_struct_conf.beg_label_comp_id 
_struct_conf.beg_label_asym_id 
_struct_conf.beg_label_seq_id 
_struct_conf.pdbx_beg_PDB_ins_code 
_struct_conf.end_label_comp_id 
_struct_conf.end_label_asym_id 
_struct_conf.end_label_seq_id 
_struct_conf.pdbx_end_PDB_ins_code 
_struct_conf.beg_auth_comp_id 
_struct_conf.beg_auth_asym_id 
_struct_conf.beg_auth_seq_id 
_struct_conf.end_auth_comp_id 
_struct_conf.end_auth_asym_id 
_struct_conf.end_auth_seq_id 
_struct_conf.pdbx_PDB_helix_class 
_struct_conf.details 
_struct_conf.pdbx_PDB_helix_length 
HELX_P HELX_P1 1 PRO A 21  ? LYS A 35  ? PRO A 21  LYS A 35  1 ? 15 
HELX_P HELX_P2 2 ILE A 109 ? ASN A 112 ? ILE A 109 ASN A 112 5 ? 4  
HELX_P HELX_P3 3 LEU A 113 ? ASN A 118 ? LEU A 113 ASN A 118 1 ? 6  
HELX_P HELX_P4 4 THR A 124 ? MET A 136 ? THR A 124 MET A 136 1 ? 13 
# 
_struct_conf_type.id          HELX_P 
_struct_conf_type.criteria    ? 
_struct_conf_type.reference   ? 
# 
_struct_mon_prot_cis.pdbx_id                1 
_struct_mon_prot_cis.label_comp_id          TYR 
_struct_mon_prot_cis.label_seq_id           84 
_struct_mon_prot_cis.label_asym_id          A 
_struct_mon_prot_cis.label_alt_id           . 
_struct_mon_prot_cis.pdbx_PDB_ins_code      ? 
_struct_mon_prot_cis.auth_comp_id           TYR 
_struct_mon_prot_cis.auth_seq_id            84 
_struct_mon_prot_cis.auth_asym_id           A 
_struct_mon_prot_cis.pdbx_label_comp_id_2   PRO 
_struct_mon_prot_cis.pdbx_label_seq_id_2    85 
_struct_mon_prot_cis.pdbx_label_asym_id_2   A 
_struct_mon_prot_cis.pdbx_PDB_ins_code_2    ? 
_struct_mon_prot_cis.pdbx_auth_comp_id_2    PRO 
_struct_mon_prot_cis.pdbx_auth_seq_id_2     85 
_struct_mon_prot_cis.pdbx_auth_asym_id_2    A 
_struct_mon_prot_cis.pdbx_PDB_model_num     1 
_struct_mon_prot_cis.pdbx_omega_angle       8.29 
# 
_struct_sheet.id               A 
_struct_sheet.type             ? 
_struct_sheet.number_strands   4 
_struct_sheet.details          ? 
# 
loop_
_struct_sheet_order.sheet_id 
_struct_sheet_order.range_id_1 
_struct_sheet_order.range_id_2 
_struct_sheet_order.offset 
_struct_sheet_order.sense 
A 1 2 ? anti-parallel 
A 2 3 ? anti-parallel 
A 3 4 ? anti-parallel 
# 
loop_
_struct_sheet_range.sheet_id 
_struct_sheet_range.id 
_struct_sheet_range.beg_label_comp_id 
_struct_sheet_range.beg_label_asym_id 
_struct_sheet_range.beg_label_seq_id 
_struct_sheet_range.pdbx_beg_PDB_ins_code 
_struct_sheet_range.end_label_comp_id 
_struct_sheet_range.end_label_asym_id 
_struct_sheet_range.end_label_seq_id 
_struct_sheet_range.pdbx_end_PDB_ins_code 
_struct_sheet_range.beg_auth_comp_id 
_struct_sheet_range.beg_auth_asym_id 
_struct_sheet_range.beg_auth_seq_id 
_struct_sheet_range.end_auth_comp_id 
_struct_sheet_range.end_auth_asym_id 
_struct_sheet_range.end_auth_seq_id 
A 1 VAL A 42 ? LEU A 46 ? VAL A 42 LEU A 46 
A 2 ASN A 56 ? PHE A 62 ? ASN A 56 PHE A 62 
A 3 ILE A 73 ? PHE A 79 ? ILE A 73 PHE A 79 
A 4 THR A 90 ? PHE A 93 ? THR A 90 PHE A 93 
# 
loop_
_pdbx_struct_sheet_hbond.sheet_id 
_pdbx_struct_sheet_hbond.range_id_1 
_pdbx_struct_sheet_hbond.range_id_2 
_pdbx_struct_sheet_hbond.range_1_label_atom_id 
_pdbx_struct_sheet_hbond.range_1_label_comp_id 
_pdbx_struct_sheet_hbond.range_1_label_asym_id 
_pdbx_struct_sheet_hbond.range_1_label_seq_id 
_pdbx_struct_sheet_hbond.range_1_PDB_ins_code 
_pdbx_struct_sheet_hbond.range_1_auth_atom_id 
_pdbx_struct_sheet_hbond.range_1_auth_comp_id 
_pdbx_struct_sheet_hbond.range_1_auth_asym_id 
_pdbx_struct_sheet_hbond.range_1_auth_seq_id 
_pdbx_struct_sheet_hbond.range_2_label_atom_id 
_pdbx_struct_sheet_hbond.range_2_label_comp_id 
_pdbx_struct_sheet_hbond.range_2_label_asym_id 
_pdbx_struct_sheet_hbond.range_2_label_seq_id 
_pdbx_struct_sheet_hbond.range_2_PDB_ins_code 
_pdbx_struct_sheet_hbond.range_2_auth_atom_id 
_pdbx_struct_sheet_hbond.range_2_auth_comp_id 
_pdbx_struct_sheet_hbond.range_2_auth_asym_id 
_pdbx_struct_sheet_hbond.range_2_auth_seq_id 
A 1 2 N SER A 43 ? N SER A 43 O THR A 60 ? O THR A 60 
A 2 3 N TRP A 57 ? N TRP A 57 O ILE A 78 ? O ILE A 78 
A 3 4 N THR A 77 ? N THR A 77 O LYS A 92 ? O LYS A 92 
# 
_struct_site.id                   AC1 
_struct_site.pdbx_evidence_code   Software 
_struct_site.pdbx_auth_asym_id    A 
_struct_site.pdbx_auth_comp_id    PO4 
_struct_site.pdbx_auth_seq_id     157 
_struct_site.pdbx_auth_ins_code   ? 
_struct_site.pdbx_num_residues    4 
_struct_site.details              'BINDING SITE FOR RESIDUE PO4 A 157' 
# 
loop_
_struct_site_gen.id 
_struct_site_gen.site_id 
_struct_site_gen.pdbx_num_res 
_struct_site_gen.label_comp_id 
_struct_site_gen.label_asym_id 
_struct_site_gen.label_seq_id 
_struct_site_gen.pdbx_auth_ins_code 
_struct_site_gen.auth_comp_id 
_struct_site_gen.auth_asym_id 
_struct_site_gen.auth_seq_id 
_struct_site_gen.label_atom_id 
_struct_site_gen.label_alt_id 
_struct_site_gen.symmetry 
_struct_site_gen.details 
1 AC1 4 LYS A 117 ? LYS A 117 . ? 1_555  ? 
2 AC1 4 ASN A 118 ? ASN A 118 . ? 1_555  ? 
3 AC1 4 LYS A 142 ? LYS A 142 . ? 10_555 ? 
4 AC1 4 ARG A 143 ? ARG A 143 . ? 10_555 ? 
# 
_atom_sites.entry_id                    2Q0V 
_atom_sites.fract_transf_matrix[1][1]   -0.00684451 
_atom_sites.fract_transf_matrix[1][2]   0.00905114 
_atom_sites.fract_transf_matrix[1][3]   0.00085247 
_atom_sites.fract_transf_matrix[2][1]   -0.01117796 
_atom_sites.fract_transf_matrix[2][2]   -0.00112936 
_atom_sites.fract_transf_matrix[2][3]   -0.00180540 
_atom_sites.fract_transf_matrix[3][1]   -0.00163505 
_atom_sites.fract_transf_matrix[3][2]   -0.00232696 
_atom_sites.fract_transf_matrix[3][3]   0.01157885 
_atom_sites.fract_transf_vector[1]      0.145681 
_atom_sites.fract_transf_vector[2]      -0.279667 
_atom_sites.fract_transf_vector[3]      -0.027846 
# 
loop_
_atom_type.symbol 
C 
N 
O 
P 
S 
# 
loop_
_atom_site.group_PDB 
_atom_site.id 
_atom_site.type_symbol 
_atom_site.label_atom_id 
_atom_site.label_alt_id 
_atom_site.label_comp_id 
_atom_site.label_asym_id 
_atom_site.label_entity_id 
_atom_site.label_seq_id 
_atom_site.pdbx_PDB_ins_code 
_atom_site.Cartn_x 
_atom_site.Cartn_y 
_atom_site.Cartn_z 
_atom_site.occupancy 
_atom_site.B_iso_or_equiv 
_atom_site.pdbx_formal_charge 
_atom_site.auth_seq_id 
_atom_site.auth_comp_id 
_atom_site.auth_asym_id 
_atom_site.auth_atom_id 
_atom_site.pdbx_PDB_model_num 
ATOM   1    N N   . ASN A 1 13  ? 3.216   -31.243 7.590   1.00 61.96  ? 13  ASN A N   1 
ATOM   2    C CA  . ASN A 1 13  ? 2.753   -29.859 7.988   1.00 61.61  ? 13  ASN A CA  1 
ATOM   3    C C   . ASN A 1 13  ? 3.465   -29.242 9.198   1.00 59.95  ? 13  ASN A C   1 
ATOM   4    O O   . ASN A 1 13  ? 3.479   -29.826 10.276  1.00 60.01  ? 13  ASN A O   1 
ATOM   5    C CB  . ASN A 1 13  ? 1.228   -29.830 8.150   1.00 62.20  ? 13  ASN A CB  1 
ATOM   6    C CG  . ASN A 1 13  ? 0.520   -30.189 6.863   1.00 65.48  ? 13  ASN A CG  1 
ATOM   7    O OD1 . ASN A 1 13  ? 0.912   -31.144 6.181   1.00 68.17  ? 13  ASN A OD1 1 
ATOM   8    N ND2 . ASN A 1 13  ? -0.513  -29.409 6.499   1.00 68.14  ? 13  ASN A ND2 1 
ATOM   9    N N   . LEU A 1 14  ? 4.030   -28.054 8.984   1.00 58.00  ? 14  LEU A N   1 
ATOM   10   C CA  . LEU A 1 14  ? 4.961   -27.399 9.909   1.00 56.34  ? 14  LEU A CA  1 
ATOM   11   C C   . LEU A 1 14  ? 4.250   -26.584 11.019  1.00 55.81  ? 14  LEU A C   1 
ATOM   12   O O   . LEU A 1 14  ? 3.154   -26.012 10.814  1.00 55.92  ? 14  LEU A O   1 
ATOM   13   C CB  . LEU A 1 14  ? 5.890   -26.491 9.104   1.00 55.88  ? 14  LEU A CB  1 
ATOM   14   C CG  . LEU A 1 14  ? 7.397   -26.321 9.308   1.00 55.76  ? 14  LEU A CG  1 
ATOM   15   C CD1 . LEU A 1 14  ? 8.154   -27.552 8.921   1.00 55.70  ? 14  LEU A CD1 1 
ATOM   16   C CD2 . LEU A 1 14  ? 7.905   -25.182 8.436   1.00 56.54  ? 14  LEU A CD2 1 
ATOM   17   N N   . TYR A 1 15  ? 4.863   -26.564 12.204  1.00 53.88  ? 15  TYR A N   1 
ATOM   18   C CA  . TYR A 1 15  ? 4.375   -25.732 13.282  1.00 52.10  ? 15  TYR A CA  1 
ATOM   19   C C   . TYR A 1 15  ? 5.541   -25.041 13.931  1.00 51.39  ? 15  TYR A C   1 
ATOM   20   O O   . TYR A 1 15  ? 6.532   -25.676 14.264  1.00 51.02  ? 15  TYR A O   1 
ATOM   21   C CB  . TYR A 1 15  ? 3.595   -26.519 14.337  1.00 51.40  ? 15  TYR A CB  1 
ATOM   22   C CG  . TYR A 1 15  ? 3.428   -25.750 15.641  1.00 50.19  ? 15  TYR A CG  1 
ATOM   23   C CD1 . TYR A 1 15  ? 2.279   -24.985 15.902  1.00 47.55  ? 15  TYR A CD1 1 
ATOM   24   C CD2 . TYR A 1 15  ? 4.444   -25.765 16.605  1.00 49.22  ? 15  TYR A CD2 1 
ATOM   25   C CE1 . TYR A 1 15  ? 2.149   -24.264 17.107  1.00 46.82  ? 15  TYR A CE1 1 
ATOM   26   C CE2 . TYR A 1 15  ? 4.329   -25.058 17.781  1.00 49.32  ? 15  TYR A CE2 1 
ATOM   27   C CZ  . TYR A 1 15  ? 3.177   -24.319 18.040  1.00 49.38  ? 15  TYR A CZ  1 
ATOM   28   O OH  . TYR A 1 15  ? 3.113   -23.648 19.249  1.00 50.92  ? 15  TYR A OH  1 
ATOM   29   N N   . PHE A 1 16  ? 5.427   -23.731 14.084  1.00 50.66  ? 16  PHE A N   1 
ATOM   30   C CA  . PHE A 1 16  ? 6.259   -23.007 15.044  1.00 50.97  ? 16  PHE A CA  1 
ATOM   31   C C   . PHE A 1 16  ? 5.615   -21.663 15.411  1.00 50.74  ? 16  PHE A C   1 
ATOM   32   O O   . PHE A 1 16  ? 4.904   -21.050 14.616  1.00 50.10  ? 16  PHE A O   1 
ATOM   33   C CB  . PHE A 1 16  ? 7.752   -22.884 14.612  1.00 50.78  ? 16  PHE A CB  1 
ATOM   34   C CG  . PHE A 1 16  ? 7.945   -22.180 13.320  1.00 50.68  ? 16  PHE A CG  1 
ATOM   35   C CD1 . PHE A 1 16  ? 7.813   -22.868 12.106  1.00 52.07  ? 16  PHE A CD1 1 
ATOM   36   C CD2 . PHE A 1 16  ? 8.245   -20.820 13.296  1.00 50.61  ? 16  PHE A CD2 1 
ATOM   37   C CE1 . PHE A 1 16  ? 7.997   -22.209 10.855  1.00 53.18  ? 16  PHE A CE1 1 
ATOM   38   C CE2 . PHE A 1 16  ? 8.411   -20.153 12.073  1.00 52.10  ? 16  PHE A CE2 1 
ATOM   39   C CZ  . PHE A 1 16  ? 8.285   -20.852 10.840  1.00 51.51  ? 16  PHE A CZ  1 
ATOM   40   N N   . GLN A 1 17  ? 5.824   -21.269 16.661  1.00 50.90  ? 17  GLN A N   1 
ATOM   41   C CA  . GLN A 1 17  ? 5.424   -19.962 17.158  1.00 51.05  ? 17  GLN A CA  1 
ATOM   42   C C   . GLN A 1 17  ? 6.484   -18.986 16.648  1.00 50.68  ? 17  GLN A C   1 
ATOM   43   O O   . GLN A 1 17  ? 7.649   -19.366 16.481  1.00 51.55  ? 17  GLN A O   1 
ATOM   44   C CB  . GLN A 1 17  ? 5.438   -20.009 18.686  1.00 50.81  ? 17  GLN A CB  1 
ATOM   45   C CG  . GLN A 1 17  ? 4.440   -19.113 19.371  1.00 52.21  ? 17  GLN A CG  1 
ATOM   46   C CD  . GLN A 1 17  ? 3.004   -19.502 19.100  1.00 54.86  ? 17  GLN A CD  1 
ATOM   47   O OE1 . GLN A 1 17  ? 2.649   -20.686 19.105  1.00 55.50  ? 17  GLN A OE1 1 
ATOM   48   N NE2 . GLN A 1 17  ? 2.155   -18.495 18.875  1.00 56.35  ? 17  GLN A NE2 1 
ATOM   49   N N   . GLY A 1 18  ? 6.112   -17.748 16.364  1.00 49.58  ? 18  GLY A N   1 
ATOM   50   C CA  . GLY A 1 18  ? 7.138   -16.793 15.971  1.00 48.19  ? 18  GLY A CA  1 
ATOM   51   C C   . GLY A 1 18  ? 7.278   -16.516 14.486  1.00 47.05  ? 18  GLY A C   1 
ATOM   52   O O   . GLY A 1 18  ? 6.507   -17.019 13.660  1.00 46.85  ? 18  GLY A O   1 
ATOM   53   N N   . ILE A 1 19  ? 8.279   -15.711 14.156  1.00 46.37  ? 19  ILE A N   1 
ATOM   54   C CA  . ILE A 1 19  ? 8.442   -15.207 12.797  1.00 46.34  ? 19  ILE A CA  1 
ATOM   55   C C   . ILE A 1 19  ? 8.627   -16.327 11.784  1.00 45.87  ? 19  ILE A C   1 
ATOM   56   O O   . ILE A 1 19  ? 9.283   -17.324 12.072  1.00 45.91  ? 19  ILE A O   1 
ATOM   57   C CB  . ILE A 1 19  ? 9.505   -14.060 12.664  1.00 46.06  ? 19  ILE A CB  1 
ATOM   58   C CG1 . ILE A 1 19  ? 10.932  -14.565 12.827  1.00 46.41  ? 19  ILE A CG1 1 
ATOM   59   C CG2 . ILE A 1 19  ? 9.223   -12.950 13.663  1.00 45.44  ? 19  ILE A CG2 1 
ATOM   60   C CD1 . ILE A 1 19  ? 11.972  -13.451 12.628  1.00 47.14  ? 19  ILE A CD1 1 
ATOM   61   N N   . VAL A 1 20  ? 8.026   -16.136 10.610  1.00 45.42  ? 20  VAL A N   1 
ATOM   62   C CA  . VAL A 1 20  ? 8.017   -17.119 9.528   1.00 44.59  ? 20  VAL A CA  1 
ATOM   63   C C   . VAL A 1 20  ? 8.887   -16.587 8.390   1.00 44.34  ? 20  VAL A C   1 
ATOM   64   O O   . VAL A 1 20  ? 9.097   -15.376 8.297   1.00 44.62  ? 20  VAL A O   1 
ATOM   65   C CB  . VAL A 1 20  ? 6.565   -17.369 9.006   1.00 44.98  ? 20  VAL A CB  1 
ATOM   66   C CG1 . VAL A 1 20  ? 5.698   -18.049 10.076  1.00 44.62  ? 20  VAL A CG1 1 
ATOM   67   C CG2 . VAL A 1 20  ? 5.904   -16.058 8.497   1.00 42.93  ? 20  VAL A CG2 1 
ATOM   68   N N   . PRO A 1 21  ? 9.426   -17.482 7.541   1.00 43.80  ? 21  PRO A N   1 
ATOM   69   C CA  . PRO A 1 21  ? 10.222  -16.997 6.414   1.00 43.63  ? 21  PRO A CA  1 
ATOM   70   C C   . PRO A 1 21  ? 9.435   -16.114 5.423   1.00 43.38  ? 21  PRO A C   1 
ATOM   71   O O   . PRO A 1 21  ? 8.220   -16.274 5.292   1.00 43.21  ? 21  PRO A O   1 
ATOM   72   C CB  . PRO A 1 21  ? 10.704  -18.282 5.727   1.00 43.10  ? 21  PRO A CB  1 
ATOM   73   C CG  . PRO A 1 21  ? 9.887   -19.360 6.268   1.00 43.53  ? 21  PRO A CG  1 
ATOM   74   C CD  . PRO A 1 21  ? 9.383   -18.952 7.600   1.00 43.77  ? 21  PRO A CD  1 
ATOM   75   N N   . ARG A 1 22  ? 10.153  -15.222 4.737   1.00 42.94  ? 22  ARG A N   1 
ATOM   76   C CA  . ARG A 1 22  ? 9.613   -14.290 3.750   1.00 42.79  ? 22  ARG A CA  1 
ATOM   77   C C   . ARG A 1 22  ? 8.544   -14.908 2.880   1.00 43.33  ? 22  ARG A C   1 
ATOM   78   O O   . ARG A 1 22  ? 7.515   -14.297 2.636   1.00 44.03  ? 22  ARG A O   1 
ATOM   79   C CB  . ARG A 1 22  ? 10.735  -13.708 2.862   1.00 42.99  ? 22  ARG A CB  1 
ATOM   80   C CG  . ARG A 1 22  ? 10.229  -12.841 1.704   1.00 42.45  ? 22  ARG A CG  1 
ATOM   81   C CD  . ARG A 1 22  ? 11.347  -12.277 0.862   1.00 41.66  ? 22  ARG A CD  1 
ATOM   82   N NE  . ARG A 1 22  ? 10.866  -11.360 -0.171  1.00 37.83  ? 22  ARG A NE  1 
ATOM   83   C CZ  . ARG A 1 22  ? 10.247  -11.730 -1.292  1.00 36.63  ? 22  ARG A CZ  1 
ATOM   84   N NH1 . ARG A 1 22  ? 9.987   -13.005 -1.547  1.00 37.88  ? 22  ARG A NH1 1 
ATOM   85   N NH2 . ARG A 1 22  ? 9.856   -10.815 -2.159  1.00 36.10  ? 22  ARG A NH2 1 
ATOM   86   N N   . SER A 1 23  ? 8.777   -16.133 2.435   1.00 43.72  ? 23  SER A N   1 
ATOM   87   C CA  . SER A 1 23  ? 7.882   -16.771 1.493   1.00 44.25  ? 23  SER A CA  1 
ATOM   88   C C   . SER A 1 23  ? 6.568   -17.164 2.159   1.00 44.25  ? 23  SER A C   1 
ATOM   89   O O   . SER A 1 23  ? 5.504   -17.045 1.544   1.00 44.77  ? 23  SER A O   1 
ATOM   90   C CB  . SER A 1 23  ? 8.555   -17.974 0.826   1.00 44.26  ? 23  SER A CB  1 
ATOM   91   O OG  . SER A 1 23  ? 8.837   -18.992 1.776   1.00 46.74  ? 23  SER A OG  1 
ATOM   92   N N   . PHE A 1 24  ? 6.649   -17.639 3.402   1.00 44.18  ? 24  PHE A N   1 
ATOM   93   C CA  . PHE A 1 24  ? 5.469   -17.963 4.227   1.00 43.87  ? 24  PHE A CA  1 
ATOM   94   C C   . PHE A 1 24  ? 4.652   -16.697 4.542   1.00 42.28  ? 24  PHE A C   1 
ATOM   95   O O   . PHE A 1 24  ? 3.439   -16.657 4.409   1.00 41.60  ? 24  PHE A O   1 
ATOM   96   C CB  . PHE A 1 24  ? 5.936   -18.628 5.531   1.00 44.99  ? 24  PHE A CB  1 
ATOM   97   C CG  . PHE A 1 24  ? 6.214   -20.112 5.403   1.00 47.55  ? 24  PHE A CG  1 
ATOM   98   C CD1 . PHE A 1 24  ? 6.472   -20.697 4.161   1.00 49.76  ? 24  PHE A CD1 1 
ATOM   99   C CD2 . PHE A 1 24  ? 6.237   -20.919 6.530   1.00 49.31  ? 24  PHE A CD2 1 
ATOM   100  C CE1 . PHE A 1 24  ? 6.724   -22.066 4.029   1.00 50.33  ? 24  PHE A CE1 1 
ATOM   101  C CE2 . PHE A 1 24  ? 6.496   -22.296 6.413   1.00 52.40  ? 24  PHE A CE2 1 
ATOM   102  C CZ  . PHE A 1 24  ? 6.732   -22.867 5.154   1.00 50.41  ? 24  PHE A CZ  1 
ATOM   103  N N   . ARG A 1 25  ? 5.354   -15.664 4.961   1.00 41.14  ? 25  ARG A N   1 
ATOM   104  C CA  . ARG A 1 25  ? 4.756   -14.382 5.245   1.00 41.09  ? 25  ARG A CA  1 
ATOM   105  C C   . ARG A 1 25  ? 3.938   -13.816 4.035   1.00 41.16  ? 25  ARG A C   1 
ATOM   106  O O   . ARG A 1 25  ? 2.807   -13.394 4.205   1.00 41.52  ? 25  ARG A O   1 
ATOM   107  C CB  . ARG A 1 25  ? 5.851   -13.427 5.712   1.00 39.72  ? 25  ARG A CB  1 
ATOM   108  C CG  . ARG A 1 25  ? 5.446   -11.977 5.732   1.00 39.85  ? 25  ARG A CG  1 
ATOM   109  C CD  . ARG A 1 25  ? 4.353   -11.628 6.775   1.00 36.60  ? 25  ARG A CD  1 
ATOM   110  N NE  . ARG A 1 25  ? 4.165   -10.189 6.715   1.00 35.59  ? 25  ARG A NE  1 
ATOM   111  C CZ  . ARG A 1 25  ? 4.541   -9.332  7.650   1.00 37.31  ? 25  ARG A CZ  1 
ATOM   112  N NH1 . ARG A 1 25  ? 4.368   -8.024  7.460   1.00 37.71  ? 25  ARG A NH1 1 
ATOM   113  N NH2 . ARG A 1 25  ? 5.072   -9.777  8.783   1.00 38.34  ? 25  ARG A NH2 1 
ATOM   114  N N   . LEU A 1 26  ? 4.511   -13.858 2.835   1.00 40.64  ? 26  LEU A N   1 
ATOM   115  C CA  . LEU A 1 26  ? 3.873   -13.336 1.648   1.00 40.75  ? 26  LEU A CA  1 
ATOM   116  C C   . LEU A 1 26  ? 2.750   -14.236 1.178   1.00 41.25  ? 26  LEU A C   1 
ATOM   117  O O   . LEU A 1 26  ? 1.738   -13.758 0.661   1.00 42.29  ? 26  LEU A O   1 
ATOM   118  C CB  . LEU A 1 26  ? 4.903   -13.055 0.554   1.00 40.42  ? 26  LEU A CB  1 
ATOM   119  C CG  . LEU A 1 26  ? 5.725   -11.777 0.809   1.00 40.84  ? 26  LEU A CG  1 
ATOM   120  C CD1 . LEU A 1 26  ? 7.005   -11.718 -0.013  1.00 39.99  ? 26  LEU A CD1 1 
ATOM   121  C CD2 . LEU A 1 26  ? 4.891   -10.515 0.583   1.00 38.17  ? 26  LEU A CD2 1 
ATOM   122  N N   . LEU A 1 27  ? 2.883   -15.534 1.403   1.00 41.47  ? 27  LEU A N   1 
ATOM   123  C CA  . LEU A 1 27  ? 1.746   -16.430 1.195   1.00 41.67  ? 27  LEU A CA  1 
ATOM   124  C C   . LEU A 1 27  ? 0.550   -16.134 2.118   1.00 41.20  ? 27  LEU A C   1 
ATOM   125  O O   . LEU A 1 27  ? -0.584  -16.209 1.674   1.00 41.63  ? 27  LEU A O   1 
ATOM   126  C CB  . LEU A 1 27  ? 2.171   -17.894 1.282   1.00 42.15  ? 27  LEU A CB  1 
ATOM   127  C CG  . LEU A 1 27  ? 3.067   -18.391 0.121   1.00 43.73  ? 27  LEU A CG  1 
ATOM   128  C CD1 . LEU A 1 27  ? 3.751   -19.734 0.499   1.00 43.29  ? 27  LEU A CD1 1 
ATOM   129  C CD2 . LEU A 1 27  ? 2.312   -18.497 -1.224  1.00 41.83  ? 27  LEU A CD2 1 
ATOM   130  N N   . ASP A 1 28  ? 0.802   -15.777 3.381   1.00 40.97  ? 28  ASP A N   1 
ATOM   131  C CA  . ASP A 1 28  ? -0.261  -15.359 4.317   1.00 40.65  ? 28  ASP A CA  1 
ATOM   132  C C   . ASP A 1 28  ? -1.020  -14.093 3.844   1.00 39.81  ? 28  ASP A C   1 
ATOM   133  O O   . ASP A 1 28  ? -2.245  -14.082 3.793   1.00 38.71  ? 28  ASP A O   1 
ATOM   134  C CB  . ASP A 1 28  ? 0.321   -15.116 5.705   1.00 41.09  ? 28  ASP A CB  1 
ATOM   135  C CG  . ASP A 1 28  ? 0.748   -16.404 6.407   1.00 44.12  ? 28  ASP A CG  1 
ATOM   136  O OD1 . ASP A 1 28  ? 0.201   -17.498 6.073   1.00 43.16  ? 28  ASP A OD1 1 
ATOM   137  O OD2 . ASP A 1 28  ? 1.633   -16.299 7.306   1.00 47.00  ? 28  ASP A OD2 1 
ATOM   138  N N   . GLU A 1 29  ? -0.256  -13.059 3.485   1.00 38.86  ? 29  GLU A N   1 
ATOM   139  C CA  . GLU A 1 29  ? -0.781  -11.816 2.949   1.00 38.62  ? 29  GLU A CA  1 
ATOM   140  C C   . GLU A 1 29  ? -1.503  -11.997 1.615   1.00 38.97  ? 29  GLU A C   1 
ATOM   141  O O   . GLU A 1 29  ? -2.481  -11.301 1.342   1.00 38.17  ? 29  GLU A O   1 
ATOM   142  C CB  . GLU A 1 29  ? 0.318   -10.757 2.837   1.00 38.53  ? 29  GLU A CB  1 
ATOM   143  C CG  . GLU A 1 29  ? 1.009   -10.427 4.165   1.00 37.80  ? 29  GLU A CG  1 
ATOM   144  C CD  . GLU A 1 29  ? 1.847   -9.160  4.104   1.00 38.17  ? 29  GLU A CD  1 
ATOM   145  O OE1 . GLU A 1 29  ? 1.385   -8.149  3.573   1.00 38.67  ? 29  GLU A OE1 1 
ATOM   146  O OE2 . GLU A 1 29  ? 2.975   -9.153  4.602   1.00 39.08  ? 29  GLU A OE2 1 
ATOM   147  N N   . LEU A 1 30  ? -1.042  -12.942 0.797   1.00 39.58  ? 30  LEU A N   1 
ATOM   148  C CA  . LEU A 1 30  ? -1.696  -13.217 -0.474  1.00 40.06  ? 30  LEU A CA  1 
ATOM   149  C C   . LEU A 1 30  ? -3.085  -13.832 -0.290  1.00 40.09  ? 30  LEU A C   1 
ATOM   150  O O   . LEU A 1 30  ? -4.044  -13.454 -0.967  1.00 39.81  ? 30  LEU A O   1 
ATOM   151  C CB  . LEU A 1 30  ? -0.821  -14.137 -1.340  1.00 41.25  ? 30  LEU A CB  1 
ATOM   152  C CG  . LEU A 1 30  ? -1.487  -14.561 -2.660  1.00 40.83  ? 30  LEU A CG  1 
ATOM   153  C CD1 . LEU A 1 30  ? -1.460  -13.368 -3.627  1.00 40.10  ? 30  LEU A CD1 1 
ATOM   154  C CD2 . LEU A 1 30  ? -0.863  -15.814 -3.250  1.00 41.50  ? 30  LEU A CD2 1 
ATOM   155  N N   . GLU A 1 31  ? -3.172  -14.781 0.633   1.00 40.88  ? 31  GLU A N   1 
ATOM   156  C CA  . GLU A 1 31  ? -4.418  -15.462 0.984   1.00 42.17  ? 31  GLU A CA  1 
ATOM   157  C C   . GLU A 1 31  ? -5.422  -14.483 1.584   1.00 40.68  ? 31  GLU A C   1 
ATOM   158  O O   . GLU A 1 31  ? -6.621  -14.556 1.313   1.00 40.41  ? 31  GLU A O   1 
ATOM   159  C CB  . GLU A 1 31  ? -4.116  -16.578 1.973   1.00 41.43  ? 31  GLU A CB  1 
ATOM   160  C CG  . GLU A 1 31  ? -5.268  -17.531 2.253   1.00 45.53  ? 31  GLU A CG  1 
ATOM   161  C CD  . GLU A 1 31  ? -4.972  -18.477 3.436   1.00 47.34  ? 31  GLU A CD  1 
ATOM   162  O OE1 . GLU A 1 31  ? -3.760  -18.825 3.649   1.00 53.45  ? 31  GLU A OE1 1 
ATOM   163  O OE2 . GLU A 1 31  ? -5.946  -18.854 4.154   1.00 51.35  ? 31  GLU A OE2 1 
ATOM   164  N N   . ARG A 1 32  ? -4.901  -13.576 2.399   1.00 40.12  ? 32  ARG A N   1 
ATOM   165  C CA  . ARG A 1 32  ? -5.641  -12.459 2.957   1.00 39.99  ? 32  ARG A CA  1 
ATOM   166  C C   . ARG A 1 32  ? -6.207  -11.526 1.876   1.00 40.21  ? 32  ARG A C   1 
ATOM   167  O O   . ARG A 1 32  ? -7.387  -11.221 1.893   1.00 39.60  ? 32  ARG A O   1 
ATOM   168  C CB  . ARG A 1 32  ? -4.718  -11.689 3.904   1.00 39.64  ? 32  ARG A CB  1 
ATOM   169  C CG  . ARG A 1 32  ? -5.299  -10.431 4.468   1.00 38.55  ? 32  ARG A CG  1 
ATOM   170  C CD  . ARG A 1 32  ? -6.242  -10.671 5.627   1.00 35.50  ? 32  ARG A CD  1 
ATOM   171  N NE  . ARG A 1 32  ? -6.526  -9.382  6.238   1.00 33.10  ? 32  ARG A NE  1 
ATOM   172  C CZ  . ARG A 1 32  ? -7.492  -9.136  7.109   1.00 29.35  ? 32  ARG A CZ  1 
ATOM   173  N NH1 . ARG A 1 32  ? -7.644  -7.900  7.569   1.00 25.98  ? 32  ARG A NH1 1 
ATOM   174  N NH2 . ARG A 1 32  ? -8.306  -10.101 7.502   1.00 25.76  ? 32  ARG A NH2 1 
ATOM   175  N N   . GLY A 1 33  ? -5.353  -11.077 0.956   1.00 40.95  ? 33  GLY A N   1 
ATOM   176  C CA  . GLY A 1 33  ? -5.759  -10.261 -0.164  1.00 42.16  ? 33  GLY A CA  1 
ATOM   177  C C   . GLY A 1 33  ? -6.783  -10.908 -1.077  1.00 43.69  ? 33  GLY A C   1 
ATOM   178  O O   . GLY A 1 33  ? -7.759  -10.266 -1.434  1.00 43.33  ? 33  GLY A O   1 
ATOM   179  N N   . GLN A 1 34  ? -6.556  -12.177 -1.437  1.00 45.38  ? 34  GLN A N   1 
ATOM   180  C CA  . GLN A 1 34  ? -7.383  -12.924 -2.408  1.00 47.31  ? 34  GLN A CA  1 
ATOM   181  C C   . GLN A 1 34  ? -8.789  -13.130 -1.907  1.00 47.19  ? 34  GLN A C   1 
ATOM   182  O O   . GLN A 1 34  ? -9.742  -13.057 -2.681  1.00 47.96  ? 34  GLN A O   1 
ATOM   183  C CB  . GLN A 1 34  ? -6.773  -14.292 -2.747  1.00 47.27  ? 34  GLN A CB  1 
ATOM   184  C CG  . GLN A 1 34  ? -5.568  -14.230 -3.673  1.00 49.09  ? 34  GLN A CG  1 
ATOM   185  C CD  . GLN A 1 34  ? -4.855  -15.580 -3.817  1.00 50.13  ? 34  GLN A CD  1 
ATOM   186  O OE1 . GLN A 1 34  ? -5.011  -16.493 -2.986  1.00 53.50  ? 34  GLN A OE1 1 
ATOM   187  N NE2 . GLN A 1 34  ? -4.056  -15.702 -4.873  1.00 53.14  ? 34  GLN A NE2 1 
ATOM   188  N N   . LYS A 1 35  ? -8.909  -13.444 -0.625  1.00 47.11  ? 35  LYS A N   1 
ATOM   189  C CA  . LYS A 1 35  ? -10.156 -13.240 0.077   1.00 47.41  ? 35  LYS A CA  1 
ATOM   190  C C   . LYS A 1 35  ? -10.350 -11.712 -0.014  0.50 47.75  ? 35  LYS A C   1 
ATOM   191  O O   . LYS A 1 35  ? -9.588  -10.953 0.586   0.50 48.20  ? 35  LYS A O   1 
ATOM   192  C CB  . LYS A 1 35  ? -10.007 -13.715 1.532   1.00 46.93  ? 35  LYS A CB  1 
ATOM   193  C CG  . LYS A 1 35  ? -11.158 -13.387 2.475   1.00 46.92  ? 35  LYS A CG  1 
ATOM   194  C CD  . LYS A 1 35  ? -10.651 -12.528 3.697   1.00 46.28  ? 35  LYS A CD  1 
ATOM   195  C CE  . LYS A 1 35  ? -11.029 -11.028 3.612   1.00 41.97  ? 35  LYS A CE  1 
ATOM   196  N NZ  . LYS A 1 35  ? -11.291 -10.473 4.986   1.00 36.94  ? 35  LYS A NZ  1 
ATOM   197  N N   . GLY A 1 36  ? -11.316 -11.251 -0.805  1.00 47.56  ? 36  GLY A N   1 
ATOM   198  C CA  . GLY A 1 36  ? -11.541 -9.825  -0.927  1.00 47.39  ? 36  GLY A CA  1 
ATOM   199  C C   . GLY A 1 36  ? -11.694 -9.180  0.438   1.00 47.83  ? 36  GLY A C   1 
ATOM   200  O O   . GLY A 1 36  ? -12.311 -8.106  0.580   1.00 47.92  ? 36  GLY A O   1 
ATOM   201  N N   . VAL A 1 38  ? -10.601 -6.887  1.950   1.00 44.27  ? 38  VAL A N   1 
ATOM   202  C CA  . VAL A 1 38  ? -9.887  -7.103  3.207   1.00 42.26  ? 38  VAL A CA  1 
ATOM   203  C C   . VAL A 1 38  ? -10.482 -6.036  4.084   1.00 42.39  ? 38  VAL A C   1 
ATOM   204  O O   . VAL A 1 38  ? -11.709 -6.091  4.269   1.00 43.99  ? 38  VAL A O   1 
ATOM   205  C CB  . VAL A 1 38  ? -8.386  -7.052  3.022   1.00 42.02  ? 38  VAL A CB  1 
ATOM   206  C CG1 . VAL A 1 38  ? -7.940  -8.306  2.310   1.00 40.82  ? 38  VAL A CG1 1 
ATOM   207  C CG2 . VAL A 1 38  ? -8.017  -5.849  2.220   1.00 42.14  ? 38  VAL A CG2 1 
ATOM   208  N N   . SER A 1 39  ? -9.717  -5.068  4.585   1.00 40.68  ? 39  SER A N   1 
ATOM   209  C CA  . SER A 1 39  ? -10.342 -3.976  5.300   1.00 41.10  ? 39  SER A CA  1 
ATOM   210  C C   . SER A 1 39  ? -10.957 -3.011  4.285   1.00 41.43  ? 39  SER A C   1 
ATOM   211  O O   . SER A 1 39  ? -10.771 -3.177  3.041   1.00 43.11  ? 39  SER A O   1 
ATOM   212  C CB  . SER A 1 39  ? -9.385  -3.240  6.244   1.00 41.55  ? 39  SER A CB  1 
ATOM   213  O OG  . SER A 1 39  ? -8.267  -2.666  5.609   1.00 40.55  ? 39  SER A OG  1 
ATOM   214  N N   . GLU A 1 40  ? -11.682 -2.031  4.795   1.00 39.69  ? 40  GLU A N   1 
ATOM   215  C CA  . GLU A 1 40  ? -12.334 -1.020  3.953   1.00 39.85  ? 40  GLU A CA  1 
ATOM   216  C C   . GLU A 1 40  ? -11.389 0.120   3.523   1.00 39.04  ? 40  GLU A C   1 
ATOM   217  O O   . GLU A 1 40  ? -10.482 0.502   4.267   1.00 40.50  ? 40  GLU A O   1 
ATOM   218  C CB  . GLU A 1 40  ? -13.578 -0.449  4.695   1.00 39.14  ? 40  GLU A CB  1 
ATOM   219  C CG  . GLU A 1 40  ? -13.265 0.638   5.694   1.00 38.31  ? 40  GLU A CG  1 
ATOM   220  C CD  . GLU A 1 40  ? -14.419 1.033   6.665   1.00 40.06  ? 40  GLU A CD  1 
ATOM   221  O OE1 . GLU A 1 40  ? -15.483 0.373   6.786   1.00 40.48  ? 40  GLU A OE1 1 
ATOM   222  O OE2 . GLU A 1 40  ? -14.223 2.036   7.364   1.00 39.72  ? 40  GLU A OE2 1 
ATOM   223  N N   . GLY A 1 41  ? -11.498 0.654   2.323   1.00 38.79  ? 41  GLY A N   1 
ATOM   224  C CA  . GLY A 1 41  ? -11.837 0.006   1.106   1.00 38.46  ? 41  GLY A CA  1 
ATOM   225  C C   . GLY A 1 41  ? -10.426 0.013   0.525   1.00 38.83  ? 41  GLY A C   1 
ATOM   226  O O   . GLY A 1 41  ? -9.915  1.048   0.048   1.00 37.58  ? 41  GLY A O   1 
ATOM   227  N N   . VAL A 1 42  ? -9.747  -1.118  0.713   1.00 38.97  ? 42  VAL A N   1 
ATOM   228  C CA  . VAL A 1 42  ? -8.474  -1.366  0.085   1.00 39.04  ? 42  VAL A CA  1 
ATOM   229  C C   . VAL A 1 42  ? -8.568  -2.747  -0.513  1.00 38.74  ? 42  VAL A C   1 
ATOM   230  O O   . VAL A 1 42  ? -9.331  -3.586  -0.068  1.00 38.80  ? 42  VAL A O   1 
ATOM   231  C CB  . VAL A 1 42  ? -7.227  -1.254  1.035   1.00 39.23  ? 42  VAL A CB  1 
ATOM   232  C CG1 . VAL A 1 42  ? -7.240  0.020   1.880   1.00 38.19  ? 42  VAL A CG1 1 
ATOM   233  C CG2 . VAL A 1 42  ? -7.046  -2.507  1.893   1.00 40.03  ? 42  VAL A CG2 1 
ATOM   234  N N   . SER A 1 43  ? -7.815  -2.960  -1.576  1.00 39.11  ? 43  SER A N   1 
ATOM   235  C CA  . SER A 1 43  ? -7.598  -4.299  -2.057  1.00 38.74  ? 43  SER A CA  1 
ATOM   236  C C   . SER A 1 43  ? -6.118  -4.438  -2.414  1.00 37.88  ? 43  SER A C   1 
ATOM   237  O O   . SER A 1 43  ? -5.398  -3.441  -2.578  1.00 37.75  ? 43  SER A O   1 
ATOM   238  C CB  . SER A 1 43  ? -8.516  -4.591  -3.218  1.00 38.38  ? 43  SER A CB  1 
ATOM   239  O OG  . SER A 1 43  ? -8.089  -3.846  -4.324  1.00 43.91  ? 43  SER A OG  1 
ATOM   240  N N   . PHE A 1 44  ? -5.651  -5.674  -2.470  1.00 37.28  ? 44  PHE A N   1 
ATOM   241  C CA  . PHE A 1 44  ? -4.267  -5.942  -2.839  1.00 36.75  ? 44  PHE A CA  1 
ATOM   242  C C   . PHE A 1 44  ? -4.108  -7.370  -3.334  1.00 37.83  ? 44  PHE A C   1 
ATOM   243  O O   . PHE A 1 44  ? -4.836  -8.282  -2.918  1.00 36.70  ? 44  PHE A O   1 
ATOM   244  C CB  . PHE A 1 44  ? -3.281  -5.618  -1.694  1.00 36.01  ? 44  PHE A CB  1 
ATOM   245  C CG  . PHE A 1 44  ? -3.520  -6.382  -0.416  1.00 33.01  ? 44  PHE A CG  1 
ATOM   246  C CD1 . PHE A 1 44  ? -2.809  -7.540  -0.137  1.00 33.64  ? 44  PHE A CD1 1 
ATOM   247  C CD2 . PHE A 1 44  ? -4.433  -5.927  0.525   1.00 32.62  ? 44  PHE A CD2 1 
ATOM   248  C CE1 . PHE A 1 44  ? -3.005  -8.248  1.077   1.00 32.74  ? 44  PHE A CE1 1 
ATOM   249  C CE2 . PHE A 1 44  ? -4.651  -6.622  1.729   1.00 31.85  ? 44  PHE A CE2 1 
ATOM   250  C CZ  . PHE A 1 44  ? -3.938  -7.792  2.005   1.00 33.33  ? 44  PHE A CZ  1 
ATOM   251  N N   . GLY A 1 45  ? -3.156  -7.537  -4.251  1.00 39.09  ? 45  GLY A N   1 
ATOM   252  C CA  . GLY A 1 45  ? -2.837  -8.850  -4.800  1.00 41.02  ? 45  GLY A CA  1 
ATOM   253  C C   . GLY A 1 45  ? -1.595  -8.803  -5.661  1.00 42.27  ? 45  GLY A C   1 
ATOM   254  O O   . GLY A 1 45  ? -0.932  -7.779  -5.775  1.00 42.65  ? 45  GLY A O   1 
ATOM   255  N N   . LEU A 1 46  ? -1.271  -9.933  -6.262  1.00 44.12  ? 46  LEU A N   1 
ATOM   256  C CA  . LEU A 1 46  ? -0.100  -10.037 -7.104  1.00 45.56  ? 46  LEU A CA  1 
ATOM   257  C C   . LEU A 1 46  ? -0.337  -9.324  -8.421  1.00 46.78  ? 46  LEU A C   1 
ATOM   258  O O   . LEU A 1 46  ? -1.422  -9.371  -8.973  1.00 45.95  ? 46  LEU A O   1 
ATOM   259  C CB  . LEU A 1 46  ? 0.239   -11.508 -7.335  1.00 45.35  ? 46  LEU A CB  1 
ATOM   260  C CG  . LEU A 1 46  ? 0.871   -12.237 -6.152  1.00 44.33  ? 46  LEU A CG  1 
ATOM   261  C CD1 . LEU A 1 46  ? 1.128   -13.666 -6.551  1.00 46.21  ? 46  LEU A CD1 1 
ATOM   262  C CD2 . LEU A 1 46  ? 2.158   -11.592 -5.724  1.00 43.49  ? 46  LEU A CD2 1 
ATOM   263  N N   . GLU A 1 47  ? 0.684   -8.626  -8.889  1.00 49.54  ? 47  GLU A N   1 
ATOM   264  C CA  . GLU A 1 47  ? 0.659   -7.988  -10.202 1.00 52.78  ? 47  GLU A CA  1 
ATOM   265  C C   . GLU A 1 47  ? 0.443   -9.057  -11.279 1.00 53.63  ? 47  GLU A C   1 
ATOM   266  O O   . GLU A 1 47  ? -0.373  -8.882  -12.190 1.00 53.77  ? 47  GLU A O   1 
ATOM   267  C CB  . GLU A 1 47  ? 1.969   -7.250  -10.412 1.00 52.25  ? 47  GLU A CB  1 
ATOM   268  C CG  . GLU A 1 47  ? 2.014   -6.281  -11.576 1.00 55.11  ? 47  GLU A CG  1 
ATOM   269  C CD  . GLU A 1 47  ? 3.286   -5.424  -11.540 1.00 56.02  ? 47  GLU A CD  1 
ATOM   270  O OE1 . GLU A 1 47  ? 4.215   -5.746  -10.746 1.00 60.59  ? 47  GLU A OE1 1 
ATOM   271  O OE2 . GLU A 1 47  ? 3.361   -4.422  -12.289 1.00 60.01  ? 47  GLU A OE2 1 
ATOM   272  N N   . SER A 1 48  ? 1.150   -10.180 -11.152 1.00 55.35  ? 48  SER A N   1 
ATOM   273  C CA  . SER A 1 48  ? 0.900   -11.334 -12.020 1.00 57.05  ? 48  SER A CA  1 
ATOM   274  C C   . SER A 1 48  ? 0.984   -12.665 -11.269 1.00 57.86  ? 48  SER A C   1 
ATOM   275  O O   . SER A 1 48  ? 1.917   -12.912 -10.494 1.00 57.76  ? 48  SER A O   1 
ATOM   276  C CB  . SER A 1 48  ? 1.808   -11.319 -13.264 1.00 57.00  ? 48  SER A CB  1 
ATOM   277  O OG  . SER A 1 48  ? 3.168   -11.403 -12.897 1.00 57.80  ? 48  SER A OG  1 
ATOM   278  N N   . ALA A 1 49  ? -0.002  -13.517 -11.526 1.00 59.22  ? 49  ALA A N   1 
ATOM   279  C CA  . ALA A 1 49  ? -0.185  -14.765 -10.786 1.00 60.64  ? 49  ALA A CA  1 
ATOM   280  C C   . ALA A 1 49  ? 1.003   -15.731 -10.851 1.00 61.70  ? 49  ALA A C   1 
ATOM   281  O O   . ALA A 1 49  ? 1.128   -16.610 -9.988  1.00 62.60  ? 49  ALA A O   1 
ATOM   282  C CB  . ALA A 1 49  ? -1.478  -15.461 -11.231 1.00 60.62  ? 49  ALA A CB  1 
ATOM   283  N N   . ASP A 1 50  ? 1.878   -15.558 -11.846 1.00 62.17  ? 50  ASP A N   1 
ATOM   284  C CA  . ASP A 1 50  ? 3.031   -16.449 -12.027 1.00 62.75  ? 50  ASP A CA  1 
ATOM   285  C C   . ASP A 1 50  ? 4.340   -16.026 -11.312 1.00 62.24  ? 50  ASP A C   1 
ATOM   286  O O   . ASP A 1 50  ? 5.335   -16.753 -11.381 1.00 62.37  ? 50  ASP A O   1 
ATOM   287  C CB  . ASP A 1 50  ? 3.280   -16.719 -13.531 1.00 63.55  ? 50  ASP A CB  1 
ATOM   288  C CG  . ASP A 1 50  ? 3.988   -15.559 -14.242 1.00 65.56  ? 50  ASP A CG  1 
ATOM   289  O OD1 . ASP A 1 50  ? 4.901   -14.937 -13.652 1.00 68.38  ? 50  ASP A OD1 1 
ATOM   290  O OD2 . ASP A 1 50  ? 3.642   -15.275 -15.412 1.00 68.05  ? 50  ASP A OD2 1 
ATOM   291  N N   . ASP A 1 51  ? 4.344   -14.866 -10.643 1.00 61.61  ? 51  ASP A N   1 
ATOM   292  C CA  . ASP A 1 51  ? 5.537   -14.382 -9.912  1.00 60.36  ? 51  ASP A CA  1 
ATOM   293  C C   . ASP A 1 51  ? 5.792   -15.193 -8.652  1.00 59.53  ? 51  ASP A C   1 
ATOM   294  O O   . ASP A 1 51  ? 5.074   -15.061 -7.657  1.00 59.44  ? 51  ASP A O   1 
ATOM   295  C CB  . ASP A 1 51  ? 5.447   -12.891 -9.564  1.00 60.22  ? 51  ASP A CB  1 
ATOM   296  C CG  . ASP A 1 51  ? 6.686   -12.386 -8.799  1.00 60.73  ? 51  ASP A CG  1 
ATOM   297  O OD1 . ASP A 1 51  ? 7.645   -13.173 -8.610  1.00 58.52  ? 51  ASP A OD1 1 
ATOM   298  O OD2 . ASP A 1 51  ? 6.702   -11.196 -8.391  1.00 60.96  ? 51  ASP A OD2 1 
ATOM   299  N N   . ILE A 1 52  ? 6.838   -16.015 -8.697  1.00 58.64  ? 52  ILE A N   1 
ATOM   300  C CA  . ILE A 1 52  ? 7.100   -16.984 -7.630  1.00 57.43  ? 52  ILE A CA  1 
ATOM   301  C C   . ILE A 1 52  ? 7.919   -16.384 -6.488  1.00 56.15  ? 52  ILE A C   1 
ATOM   302  O O   . ILE A 1 52  ? 8.124   -17.027 -5.459  1.00 56.33  ? 52  ILE A O   1 
ATOM   303  C CB  . ILE A 1 52  ? 7.752   -18.294 -8.168  1.00 57.58  ? 52  ILE A CB  1 
ATOM   304  C CG1 . ILE A 1 52  ? 9.044   -17.990 -8.935  1.00 57.51  ? 52  ILE A CG1 1 
ATOM   305  C CG2 . ILE A 1 52  ? 6.738   -19.097 -9.019  1.00 57.68  ? 52  ILE A CG2 1 
ATOM   306  C CD1 . ILE A 1 52  ? 9.974   -19.195 -9.091  1.00 58.37  ? 52  ILE A CD1 1 
ATOM   307  N N   . THR A 1 53  ? 8.388   -15.154 -6.676  1.00 54.31  ? 53  THR A N   1 
ATOM   308  C CA  . THR A 1 53  ? 9.046   -14.422 -5.604  1.00 52.42  ? 53  THR A CA  1 
ATOM   309  C C   . THR A 1 53  ? 8.032   -13.618 -4.766  1.00 50.77  ? 53  THR A C   1 
ATOM   310  O O   . THR A 1 53  ? 8.376   -13.125 -3.678  1.00 50.58  ? 53  THR A O   1 
ATOM   311  C CB  . THR A 1 53  ? 10.135  -13.488 -6.146  1.00 52.57  ? 53  THR A CB  1 
ATOM   312  O OG1 . THR A 1 53  ? 9.544   -12.525 -7.016  1.00 53.53  ? 53  THR A OG1 1 
ATOM   313  C CG2 . THR A 1 53  ? 11.197  -14.271 -6.921  1.00 52.45  ? 53  THR A CG2 1 
ATOM   314  N N   . LEU A 1 54  ? 6.794   -13.523 -5.277  1.00 48.69  ? 54  LEU A N   1 
ATOM   315  C CA  . LEU A 1 54  ? 5.674   -12.753 -4.676  1.00 46.87  ? 54  LEU A CA  1 
ATOM   316  C C   . LEU A 1 54  ? 6.069   -11.334 -4.234  1.00 45.48  ? 54  LEU A C   1 
ATOM   317  O O   . LEU A 1 54  ? 5.718   -10.884 -3.153  1.00 44.41  ? 54  LEU A O   1 
ATOM   318  C CB  . LEU A 1 54  ? 5.033   -13.509 -3.507  1.00 47.10  ? 54  LEU A CB  1 
ATOM   319  C CG  . LEU A 1 54  ? 4.660   -14.989 -3.643  1.00 48.30  ? 54  LEU A CG  1 
ATOM   320  C CD1 . LEU A 1 54  ? 5.500   -15.838 -2.684  1.00 49.05  ? 54  LEU A CD1 1 
ATOM   321  C CD2 . LEU A 1 54  ? 3.191   -15.157 -3.327  1.00 48.69  ? 54  LEU A CD2 1 
ATOM   322  N N   . SER A 1 55  ? 6.803   -10.641 -5.091  1.00 43.98  ? 55  SER A N   1 
ATOM   323  C CA  . SER A 1 55  ? 7.415   -9.387  -4.724  1.00 43.19  ? 55  SER A CA  1 
ATOM   324  C C   . SER A 1 55  ? 6.602   -8.151  -5.118  1.00 42.09  ? 55  SER A C   1 
ATOM   325  O O   . SER A 1 55  ? 6.642   -7.151  -4.417  1.00 41.59  ? 55  SER A O   1 
ATOM   326  C CB  . SER A 1 55  ? 8.826   -9.289  -5.318  1.00 42.74  ? 55  SER A CB  1 
ATOM   327  O OG  . SER A 1 55  ? 9.653   -10.317 -4.822  1.00 42.64  ? 55  SER A OG  1 
ATOM   328  N N   . ASN A 1 56  ? 5.909   -8.229  -6.244  1.00 41.50  ? 56  ASN A N   1 
ATOM   329  C CA  . ASN A 1 56  ? 5.195   -7.094  -6.839  1.00 41.63  ? 56  ASN A CA  1 
ATOM   330  C C   . ASN A 1 56  ? 3.671   -7.187  -6.673  1.00 39.95  ? 56  ASN A C   1 
ATOM   331  O O   . ASN A 1 56  ? 3.044   -8.168  -7.101  1.00 39.36  ? 56  ASN A O   1 
ATOM   332  C CB  . ASN A 1 56  ? 5.536   -6.970  -8.329  1.00 42.19  ? 56  ASN A CB  1 
ATOM   333  C CG  . ASN A 1 56  ? 6.568   -5.866  -8.606  1.00 47.67  ? 56  ASN A CG  1 
ATOM   334  O OD1 . ASN A 1 56  ? 7.802   -6.105  -8.582  1.00 50.96  ? 56  ASN A OD1 1 
ATOM   335  N ND2 . ASN A 1 56  ? 6.067   -4.640  -8.875  1.00 49.73  ? 56  ASN A ND2 1 
ATOM   336  N N   . TRP A 1 57  ? 3.082   -6.160  -6.076  1.00 38.24  ? 57  TRP A N   1 
ATOM   337  C CA  . TRP A 1 57  ? 1.660   -6.209  -5.745  1.00 37.55  ? 57  TRP A CA  1 
ATOM   338  C C   . TRP A 1 57  ? 0.900   -5.090  -6.380  1.00 37.18  ? 57  TRP A C   1 
ATOM   339  O O   . TRP A 1 57  ? 1.298   -3.931  -6.269  1.00 37.29  ? 57  TRP A O   1 
ATOM   340  C CB  . TRP A 1 57  ? 1.435   -6.197  -4.219  1.00 37.12  ? 57  TRP A CB  1 
ATOM   341  C CG  . TRP A 1 57  ? 2.071   -7.387  -3.518  1.00 37.18  ? 57  TRP A CG  1 
ATOM   342  C CD1 . TRP A 1 57  ? 3.413   -7.632  -3.368  1.00 35.37  ? 57  TRP A CD1 1 
ATOM   343  C CD2 . TRP A 1 57  ? 1.398   -8.473  -2.878  1.00 35.65  ? 57  TRP A CD2 1 
ATOM   344  N NE1 . TRP A 1 57  ? 3.610   -8.802  -2.682  1.00 32.31  ? 57  TRP A NE1 1 
ATOM   345  C CE2 . TRP A 1 57  ? 2.396   -9.339  -2.364  1.00 35.71  ? 57  TRP A CE2 1 
ATOM   346  C CE3 . TRP A 1 57  ? 0.054   -8.796  -2.678  1.00 35.70  ? 57  TRP A CE3 1 
ATOM   347  C CZ2 . TRP A 1 57  ? 2.084   -10.528 -1.683  1.00 35.89  ? 57  TRP A CZ2 1 
ATOM   348  C CZ3 . TRP A 1 57  ? -0.255  -9.962  -2.000  1.00 35.52  ? 57  TRP A CZ3 1 
ATOM   349  C CH2 . TRP A 1 57  ? 0.761   -10.813 -1.500  1.00 36.33  ? 57  TRP A CH2 1 
ATOM   350  N N   . SER A 1 58  ? -0.198  -5.453  -7.036  1.00 37.23  ? 58  SER A N   1 
ATOM   351  C CA  . SER A 1 58  ? -1.203  -4.506  -7.492  1.00 38.14  ? 58  SER A CA  1 
ATOM   352  C C   . SER A 1 58  ? -2.247  -4.231  -6.400  1.00 37.59  ? 58  SER A C   1 
ATOM   353  O O   . SER A 1 58  ? -2.885  -5.155  -5.898  1.00 37.63  ? 58  SER A O   1 
ATOM   354  C CB  . SER A 1 58  ? -1.898  -5.028  -8.742  1.00 37.90  ? 58  SER A CB  1 
ATOM   355  O OG  . SER A 1 58  ? -1.022  -4.914  -9.837  1.00 41.77  ? 58  SER A OG  1 
ATOM   356  N N   . CYS A 1 59  ? -2.416  -2.948  -6.080  1.00 37.32  ? 59  CYS A N   1 
ATOM   357  C CA  . CYS A 1 59  ? -3.244  -2.480  -4.970  1.00 37.18  ? 59  CYS A CA  1 
ATOM   358  C C   . CYS A 1 59  ? -4.240  -1.392  -5.374  1.00 37.20  ? 59  CYS A C   1 
ATOM   359  O O   . CYS A 1 59  ? -4.003  -0.629  -6.310  1.00 37.54  ? 59  CYS A O   1 
ATOM   360  C CB  . CYS A 1 59  ? -2.351  -1.968  -3.848  1.00 36.41  ? 59  CYS A CB  1 
ATOM   361  S SG  . CYS A 1 59  ? -1.083  -3.151  -3.328  1.00 37.83  ? 59  CYS A SG  1 
ATOM   362  N N   . THR A 1 60  ? -5.349  -1.329  -4.652  1.00 37.50  ? 60  THR A N   1 
ATOM   363  C CA  . THR A 1 60  ? -6.359  -0.295  -4.834  1.00 38.11  ? 60  THR A CA  1 
ATOM   364  C C   . THR A 1 60  ? -6.721  0.350   -3.487  1.00 38.48  ? 60  THR A C   1 
ATOM   365  O O   . THR A 1 60  ? -6.928  -0.355  -2.477  1.00 38.30  ? 60  THR A O   1 
ATOM   366  C CB  . THR A 1 60  ? -7.628  -0.875  -5.477  1.00 38.32  ? 60  THR A CB  1 
ATOM   367  O OG1 . THR A 1 60  ? -7.300  -1.466  -6.740  1.00 39.93  ? 60  THR A OG1 1 
ATOM   368  C CG2 . THR A 1 60  ? -8.644  0.194   -5.724  1.00 38.25  ? 60  THR A CG2 1 
ATOM   369  N N   . ILE A 1 61  ? -6.789  1.683   -3.501  1.00 38.17  ? 61  ILE A N   1 
ATOM   370  C CA  . ILE A 1 61  ? -7.302  2.497   -2.410  1.00 38.89  ? 61  ILE A CA  1 
ATOM   371  C C   . ILE A 1 61  ? -8.558  3.272   -2.895  1.00 38.30  ? 61  ILE A C   1 
ATOM   372  O O   . ILE A 1 61  ? -8.493  4.048   -3.864  1.00 37.29  ? 61  ILE A O   1 
ATOM   373  C CB  . ILE A 1 61  ? -6.236  3.530   -1.935  1.00 38.98  ? 61  ILE A CB  1 
ATOM   374  C CG1 . ILE A 1 61  ? -5.114  2.854   -1.152  1.00 41.44  ? 61  ILE A CG1 1 
ATOM   375  C CG2 . ILE A 1 61  ? -6.841  4.597   -1.041  1.00 40.47  ? 61  ILE A CG2 1 
ATOM   376  C CD1 . ILE A 1 61  ? -3.950  3.823   -0.869  1.00 39.33  ? 61  ILE A CD1 1 
ATOM   377  N N   . PHE A 1 62  ? -9.682  3.066   -2.213  1.00 37.57  ? 62  PHE A N   1 
ATOM   378  C CA  . PHE A 1 62  ? -10.817 3.984   -2.313  1.00 36.83  ? 62  PHE A CA  1 
ATOM   379  C C   . PHE A 1 62  ? -10.555 5.307   -1.572  1.00 35.64  ? 62  PHE A C   1 
ATOM   380  O O   . PHE A 1 62  ? -10.109 5.318   -0.419  1.00 34.28  ? 62  PHE A O   1 
ATOM   381  C CB  . PHE A 1 62  ? -12.072 3.311   -1.792  1.00 38.13  ? 62  PHE A CB  1 
ATOM   382  C CG  . PHE A 1 62  ? -13.317 4.158   -1.885  1.00 41.01  ? 62  PHE A CG  1 
ATOM   383  C CD1 . PHE A 1 62  ? -14.151 4.310   -0.773  1.00 43.63  ? 62  PHE A CD1 1 
ATOM   384  C CD2 . PHE A 1 62  ? -13.679 4.791   -3.084  1.00 41.85  ? 62  PHE A CD2 1 
ATOM   385  C CE1 . PHE A 1 62  ? -15.340 5.106   -0.851  1.00 44.03  ? 62  PHE A CE1 1 
ATOM   386  C CE2 . PHE A 1 62  ? -14.844 5.569   -3.170  1.00 42.32  ? 62  PHE A CE2 1 
ATOM   387  C CZ  . PHE A 1 62  ? -15.679 5.728   -2.051  1.00 41.88  ? 62  PHE A CZ  1 
ATOM   388  N N   . GLY A 1 63  ? -10.800 6.417   -2.258  1.00 34.51  ? 63  GLY A N   1 
ATOM   389  C CA  . GLY A 1 63  ? -10.725 7.742   -1.655  1.00 33.94  ? 63  GLY A CA  1 
ATOM   390  C C   . GLY A 1 63  ? -11.598 7.891   -0.428  1.00 34.33  ? 63  GLY A C   1 
ATOM   391  O O   . GLY A 1 63  ? -12.598 7.206   -0.250  1.00 33.73  ? 63  GLY A O   1 
ATOM   392  N N   . GLN A 1 64  ? -11.209 8.799   0.440   1.00 35.06  ? 64  GLN A N   1 
ATOM   393  C CA  . GLN A 1 64  ? -11.876 8.953   1.720   1.00 35.95  ? 64  GLN A CA  1 
ATOM   394  C C   . GLN A 1 64  ? -13.148 9.865   1.583   1.00 35.76  ? 64  GLN A C   1 
ATOM   395  O O   . GLN A 1 64  ? -13.061 10.991  1.053   1.00 36.12  ? 64  GLN A O   1 
ATOM   396  C CB  . GLN A 1 64  ? -10.813 9.478   2.712   1.00 36.35  ? 64  GLN A CB  1 
ATOM   397  C CG  . GLN A 1 64  ? -11.009 9.231   4.186   1.00 37.36  ? 64  GLN A CG  1 
ATOM   398  C CD  . GLN A 1 64  ? -11.211 7.800   4.636   1.00 38.95  ? 64  GLN A CD  1 
ATOM   399  O OE1 . GLN A 1 64  ? -10.256 7.080   4.940   1.00 42.20  ? 64  GLN A OE1 1 
ATOM   400  N NE2 . GLN A 1 64  ? -12.461 7.427   4.823   1.00 36.99  ? 64  GLN A NE2 1 
ATOM   401  N N   . PRO A 1 65  ? -14.338 9.363   1.989   1.00 35.57  ? 65  PRO A N   1 
ATOM   402  C CA  . PRO A 1 65  ? -15.525 10.251  1.951   1.00 36.11  ? 65  PRO A CA  1 
ATOM   403  C C   . PRO A 1 65  ? -15.328 11.565  2.725   1.00 37.57  ? 65  PRO A C   1 
ATOM   404  O O   . PRO A 1 65  ? -14.812 11.571  3.877   1.00 37.72  ? 65  PRO A O   1 
ATOM   405  C CB  . PRO A 1 65  ? -16.639 9.417   2.584   1.00 35.72  ? 65  PRO A CB  1 
ATOM   406  C CG  . PRO A 1 65  ? -16.157 7.967   2.521   1.00 35.41  ? 65  PRO A CG  1 
ATOM   407  C CD  . PRO A 1 65  ? -14.654 7.995   2.448   1.00 34.70  ? 65  PRO A CD  1 
ATOM   408  N N   . GLY A 1 66  ? -15.704 12.666  2.071   1.00 38.15  ? 66  GLY A N   1 
ATOM   409  C CA  . GLY A 1 66  ? -15.688 13.992  2.670   1.00 38.17  ? 66  GLY A CA  1 
ATOM   410  C C   . GLY A 1 66  ? -14.407 14.752  2.405   1.00 38.71  ? 66  GLY A C   1 
ATOM   411  O O   . GLY A 1 66  ? -14.073 15.686  3.142   1.00 39.21  ? 66  GLY A O   1 
ATOM   412  N N   . THR A 1 67  ? -13.681 14.371  1.358   1.00 38.37  ? 67  THR A N   1 
ATOM   413  C CA  . THR A 1 67  ? -12.358 14.934  1.114   1.00 38.14  ? 67  THR A CA  1 
ATOM   414  C C   . THR A 1 67  ? -12.256 15.166  -0.377  1.00 38.77  ? 67  THR A C   1 
ATOM   415  O O   . THR A 1 67  ? -13.131 14.728  -1.129  1.00 39.23  ? 67  THR A O   1 
ATOM   416  C CB  . THR A 1 67  ? -11.229 13.955  1.602   1.00 37.92  ? 67  THR A CB  1 
ATOM   417  O OG1 . THR A 1 67  ? -11.322 12.708  0.896   1.00 37.09  ? 67  THR A OG1 1 
ATOM   418  C CG2 . THR A 1 67  ? -11.377 13.664  3.078   1.00 36.56  ? 67  THR A CG2 1 
ATOM   419  N N   . VAL A 1 68  ? -11.196 15.823  -0.820  1.00 38.85  ? 68  VAL A N   1 
ATOM   420  C CA  . VAL A 1 68  ? -10.955 15.982  -2.254  1.00 39.32  ? 68  VAL A CA  1 
ATOM   421  C C   . VAL A 1 68  ? -10.734 14.641  -2.986  1.00 39.54  ? 68  VAL A C   1 
ATOM   422  O O   . VAL A 1 68  ? -10.590 14.615  -4.223  1.00 40.26  ? 68  VAL A O   1 
ATOM   423  C CB  . VAL A 1 68  ? -9.711  16.865  -2.491  1.00 39.75  ? 68  VAL A CB  1 
ATOM   424  C CG1 . VAL A 1 68  ? -10.015 18.345  -2.141  1.00 40.53  ? 68  VAL A CG1 1 
ATOM   425  C CG2 . VAL A 1 68  ? -8.533  16.351  -1.675  1.00 37.90  ? 68  VAL A CG2 1 
ATOM   426  N N   . PHE A 1 69  ? -10.671 13.547  -2.220  1.00 38.75  ? 69  PHE A N   1 
ATOM   427  C CA  . PHE A 1 69  ? -10.346 12.197  -2.724  1.00 38.10  ? 69  PHE A CA  1 
ATOM   428  C C   . PHE A 1 69  ? -11.626 11.381  -2.876  1.00 38.45  ? 69  PHE A C   1 
ATOM   429  O O   . PHE A 1 69  ? -11.630 10.316  -3.476  1.00 38.25  ? 69  PHE A O   1 
ATOM   430  C CB  . PHE A 1 69  ? -9.397  11.466  -1.756  1.00 37.11  ? 69  PHE A CB  1 
ATOM   431  C CG  . PHE A 1 69  ? -8.141  12.230  -1.441  1.00 35.60  ? 69  PHE A CG  1 
ATOM   432  C CD1 . PHE A 1 69  ? -8.028  12.943  -0.242  1.00 33.32  ? 69  PHE A CD1 1 
ATOM   433  C CD2 . PHE A 1 69  ? -7.089  12.258  -2.340  1.00 34.13  ? 69  PHE A CD2 1 
ATOM   434  C CE1 . PHE A 1 69  ? -6.896  13.652  0.065   1.00 30.98  ? 69  PHE A CE1 1 
ATOM   435  C CE2 . PHE A 1 69  ? -5.937  12.984  -2.050  1.00 35.80  ? 69  PHE A CE2 1 
ATOM   436  C CZ  . PHE A 1 69  ? -5.847  13.694  -0.839  1.00 35.10  ? 69  PHE A CZ  1 
ATOM   437  N N   . GLU A 1 70  ? -12.693 11.896  -2.279  1.00 39.59  ? 70  GLU A N   1 
ATOM   438  C CA  . GLU A 1 70  ? -14.039 11.344  -2.314  1.00 41.48  ? 70  GLU A CA  1 
ATOM   439  C C   . GLU A 1 70  ? -14.379 10.693  -3.645  1.00 41.42  ? 70  GLU A C   1 
ATOM   440  O O   . GLU A 1 70  ? -14.272 11.344  -4.705  1.00 41.48  ? 70  GLU A O   1 
ATOM   441  C CB  . GLU A 1 70  ? -14.982 12.515  -2.132  1.00 42.09  ? 70  GLU A CB  1 
ATOM   442  C CG  . GLU A 1 70  ? -16.281 12.211  -1.455  1.00 46.66  ? 70  GLU A CG  1 
ATOM   443  C CD  . GLU A 1 70  ? -17.053 13.488  -1.182  1.00 51.24  ? 70  GLU A CD  1 
ATOM   444  O OE1 . GLU A 1 70  ? -16.858 14.473  -1.929  1.00 52.07  ? 70  GLU A OE1 1 
ATOM   445  O OE2 . GLU A 1 70  ? -17.845 13.509  -0.216  1.00 55.20  ? 70  GLU A OE2 1 
ATOM   446  N N   . ASN A 1 71  ? -14.789 9.427   -3.591  1.00 41.16  ? 71  ASN A N   1 
ATOM   447  C CA  . ASN A 1 71  ? -15.290 8.688   -4.779  1.00 41.81  ? 71  ASN A CA  1 
ATOM   448  C C   . ASN A 1 71  ? -14.288 8.387   -5.888  1.00 41.29  ? 71  ASN A C   1 
ATOM   449  O O   . ASN A 1 71  ? -14.679 8.015   -7.000  1.00 41.44  ? 71  ASN A O   1 
ATOM   450  C CB  . ASN A 1 71  ? -16.534 9.366   -5.386  1.00 42.02  ? 71  ASN A CB  1 
ATOM   451  C CG  . ASN A 1 71  ? -17.722 9.324   -4.450  1.00 43.90  ? 71  ASN A CG  1 
ATOM   452  O OD1 . ASN A 1 71  ? -18.058 8.268   -3.886  1.00 44.82  ? 71  ASN A OD1 1 
ATOM   453  N ND2 . ASN A 1 71  ? -18.356 10.481  -4.253  1.00 47.04  ? 71  ASN A ND2 1 
ATOM   454  N N   . ARG A 1 72  ? -13.007 8.536   -5.580  1.00 40.17  ? 72  ARG A N   1 
ATOM   455  C CA  . ARG A 1 72  ? -11.973 8.203   -6.530  1.00 38.75  ? 72  ARG A CA  1 
ATOM   456  C C   . ARG A 1 72  ? -11.289 6.886   -6.157  1.00 37.81  ? 72  ARG A C   1 
ATOM   457  O O   . ARG A 1 72  ? -11.205 6.525   -4.973  1.00 37.47  ? 72  ARG A O   1 
ATOM   458  C CB  . ARG A 1 72  ? -10.960 9.339   -6.606  1.00 39.12  ? 72  ARG A CB  1 
ATOM   459  C CG  . ARG A 1 72  ? -11.562 10.686  -6.945  1.00 39.61  ? 72  ARG A CG  1 
ATOM   460  C CD  . ARG A 1 72  ? -10.449 11.625  -7.299  1.00 42.99  ? 72  ARG A CD  1 
ATOM   461  N NE  . ARG A 1 72  ? -10.920 12.925  -7.756  1.00 44.59  ? 72  ARG A NE  1 
ATOM   462  C CZ  . ARG A 1 72  ? -10.175 13.775  -8.450  1.00 44.85  ? 72  ARG A CZ  1 
ATOM   463  N NH1 . ARG A 1 72  ? -10.693 14.928  -8.830  1.00 45.86  ? 72  ARG A NH1 1 
ATOM   464  N NH2 . ARG A 1 72  ? -8.920  13.470  -8.767  1.00 43.98  ? 72  ARG A NH2 1 
ATOM   465  N N   . ILE A 1 73  ? -10.824 6.186   -7.186  1.00 36.40  ? 73  ILE A N   1 
ATOM   466  C CA  . ILE A 1 73  ? -10.101 4.947   -7.058  1.00 35.78  ? 73  ILE A CA  1 
ATOM   467  C C   . ILE A 1 73  ? -8.656  5.230   -7.401  1.00 35.07  ? 73  ILE A C   1 
ATOM   468  O O   . ILE A 1 73  ? -8.373  5.797   -8.450  1.00 35.05  ? 73  ILE A O   1 
ATOM   469  C CB  . ILE A 1 73  ? -10.624 3.860   -8.034  1.00 36.39  ? 73  ILE A CB  1 
ATOM   470  C CG1 . ILE A 1 73  ? -12.139 3.709   -7.932  1.00 36.82  ? 73  ILE A CG1 1 
ATOM   471  C CG2 . ILE A 1 73  ? -9.916  2.495   -7.790  1.00 35.10  ? 73  ILE A CG2 1 
ATOM   472  C CD1 . ILE A 1 73  ? -12.607 3.431   -6.510  1.00 40.50  ? 73  ILE A CD1 1 
ATOM   473  N N   . TYR A 1 74  ? -7.743  4.835   -6.516  1.00 34.33  ? 74  TYR A N   1 
ATOM   474  C CA  . TYR A 1 74  ? -6.319  5.014   -6.773  1.00 33.29  ? 74  TYR A CA  1 
ATOM   475  C C   . TYR A 1 74  ? -5.685  3.674   -6.918  1.00 33.40  ? 74  TYR A C   1 
ATOM   476  O O   . TYR A 1 74  ? -5.895  2.805   -6.077  1.00 33.59  ? 74  TYR A O   1 
ATOM   477  C CB  . TYR A 1 74  ? -5.652  5.827   -5.664  1.00 32.91  ? 74  TYR A CB  1 
ATOM   478  C CG  . TYR A 1 74  ? -6.184  7.236   -5.612  1.00 31.28  ? 74  TYR A CG  1 
ATOM   479  C CD1 . TYR A 1 74  ? -7.292  7.538   -4.836  1.00 29.64  ? 74  TYR A CD1 1 
ATOM   480  C CD2 . TYR A 1 74  ? -5.595  8.252   -6.356  1.00 30.48  ? 74  TYR A CD2 1 
ATOM   481  C CE1 . TYR A 1 74  ? -7.807  8.798   -4.790  1.00 29.45  ? 74  TYR A CE1 1 
ATOM   482  C CE2 . TYR A 1 74  ? -6.118  9.542   -6.328  1.00 30.86  ? 74  TYR A CE2 1 
ATOM   483  C CZ  . TYR A 1 74  ? -7.230  9.798   -5.536  1.00 30.98  ? 74  TYR A CZ  1 
ATOM   484  O OH  . TYR A 1 74  ? -7.784  11.066  -5.471  1.00 32.20  ? 74  TYR A OH  1 
ATOM   485  N N   . SER A 1 75  ? -4.941  3.504   -8.013  1.00 33.75  ? 75  SER A N   1 
ATOM   486  C CA  . SER A 1 75  ? -4.153  2.301   -8.280  1.00 34.00  ? 75  SER A CA  1 
ATOM   487  C C   . SER A 1 75  ? -2.699  2.491   -7.833  1.00 33.97  ? 75  SER A C   1 
ATOM   488  O O   . SER A 1 75  ? -2.102  3.560   -8.043  1.00 33.01  ? 75  SER A O   1 
ATOM   489  C CB  . SER A 1 75  ? -4.155  1.955   -9.774  1.00 34.68  ? 75  SER A CB  1 
ATOM   490  O OG  . SER A 1 75  ? -5.364  1.321   -10.155 1.00 37.21  ? 75  SER A OG  1 
ATOM   491  N N   . LEU A 1 76  ? -2.133  1.452   -7.219  1.00 33.23  ? 76  LEU A N   1 
ATOM   492  C CA  . LEU A 1 76  ? -0.777  1.535   -6.795  1.00 33.42  ? 76  LEU A CA  1 
ATOM   493  C C   . LEU A 1 76  ? -0.050  0.211   -6.825  1.00 34.28  ? 76  LEU A C   1 
ATOM   494  O O   . LEU A 1 76  ? -0.657  -0.827  -7.022  1.00 34.55  ? 76  LEU A O   1 
ATOM   495  C CB  . LEU A 1 76  ? -0.628  2.292   -5.468  1.00 33.36  ? 76  LEU A CB  1 
ATOM   496  C CG  . LEU A 1 76  ? -1.376  2.173   -4.153  1.00 33.10  ? 76  LEU A CG  1 
ATOM   497  C CD1 . LEU A 1 76  ? -0.737  3.205   -3.253  1.00 30.69  ? 76  LEU A CD1 1 
ATOM   498  C CD2 . LEU A 1 76  ? -2.887  2.403   -4.237  1.00 31.32  ? 76  LEU A CD2 1 
ATOM   499  N N   . THR A 1 77  ? 1.270   0.289   -6.719  1.00 35.32  ? 77  THR A N   1 
ATOM   500  C CA  . THR A 1 77  ? 2.144   -0.853  -6.877  1.00 36.59  ? 77  THR A CA  1 
ATOM   501  C C   . THR A 1 77  ? 3.032   -0.904  -5.644  1.00 36.10  ? 77  THR A C   1 
ATOM   502  O O   . THR A 1 77  ? 3.657   0.082   -5.290  1.00 36.43  ? 77  THR A O   1 
ATOM   503  C CB  . THR A 1 77  ? 2.978   -0.724  -8.208  1.00 36.92  ? 77  THR A CB  1 
ATOM   504  O OG1 . THR A 1 77  ? 2.079   -0.749  -9.320  1.00 39.29  ? 77  THR A OG1 1 
ATOM   505  C CG2 . THR A 1 77  ? 3.971   -1.851  -8.379  1.00 37.66  ? 77  THR A CG2 1 
ATOM   506  N N   . ILE A 1 78  ? 3.041   -2.048  -4.970  1.00 36.26  ? 78  ILE A N   1 
ATOM   507  C CA  . ILE A 1 78  ? 3.927   -2.269  -3.810  1.00 35.91  ? 78  ILE A CA  1 
ATOM   508  C C   . ILE A 1 78  ? 4.983   -3.328  -4.169  1.00 36.24  ? 78  ILE A C   1 
ATOM   509  O O   . ILE A 1 78  ? 4.675   -4.383  -4.681  1.00 35.41  ? 78  ILE A O   1 
ATOM   510  C CB  . ILE A 1 78  ? 3.106   -2.602  -2.507  1.00 35.07  ? 78  ILE A CB  1 
ATOM   511  C CG1 . ILE A 1 78  ? 2.282   -1.371  -2.116  1.00 36.24  ? 78  ILE A CG1 1 
ATOM   512  C CG2 . ILE A 1 78  ? 4.018   -2.997  -1.359  1.00 34.14  ? 78  ILE A CG2 1 
ATOM   513  C CD1 . ILE A 1 78  ? 1.537   -1.448  -0.784  1.00 35.67  ? 78  ILE A CD1 1 
ATOM   514  N N   . PHE A 1 79  ? 6.242   -3.025  -3.940  1.00 38.23  ? 79  PHE A N   1 
ATOM   515  C CA  . PHE A 1 79  ? 7.271   -3.977  -4.269  1.00 40.12  ? 79  PHE A CA  1 
ATOM   516  C C   . PHE A 1 79  ? 7.987   -4.415  -3.022  1.00 40.59  ? 79  PHE A C   1 
ATOM   517  O O   . PHE A 1 79  ? 8.616   -3.587  -2.368  1.00 40.98  ? 79  PHE A O   1 
ATOM   518  C CB  . PHE A 1 79  ? 8.298   -3.376  -5.240  1.00 41.78  ? 79  PHE A CB  1 
ATOM   519  C CG  . PHE A 1 79  ? 9.472   -4.296  -5.496  1.00 43.36  ? 79  PHE A CG  1 
ATOM   520  C CD1 . PHE A 1 79  ? 9.346   -5.358  -6.387  1.00 43.91  ? 79  PHE A CD1 1 
ATOM   521  C CD2 . PHE A 1 79  ? 10.669  -4.135  -4.798  1.00 45.17  ? 79  PHE A CD2 1 
ATOM   522  C CE1 . PHE A 1 79  ? 10.393  -6.231  -6.598  1.00 46.01  ? 79  PHE A CE1 1 
ATOM   523  C CE2 . PHE A 1 79  ? 11.737  -5.017  -5.004  1.00 47.60  ? 79  PHE A CE2 1 
ATOM   524  C CZ  . PHE A 1 79  ? 11.597  -6.064  -5.903  1.00 45.40  ? 79  PHE A CZ  1 
ATOM   525  N N   . CYS A 1 80  ? 7.918   -5.703  -2.705  1.00 41.46  ? 80  CYS A N   1 
ATOM   526  C CA  . CYS A 1 80  ? 8.618   -6.255  -1.531  1.00 43.17  ? 80  CYS A CA  1 
ATOM   527  C C   . CYS A 1 80  ? 9.952   -6.903  -1.930  1.00 44.43  ? 80  CYS A C   1 
ATOM   528  O O   . CYS A 1 80  ? 9.947   -7.982  -2.523  1.00 45.04  ? 80  CYS A O   1 
ATOM   529  C CB  . CYS A 1 80  ? 7.746   -7.310  -0.827  1.00 43.39  ? 80  CYS A CB  1 
ATOM   530  S SG  . CYS A 1 80  ? 6.055   -6.780  -0.353  1.00 42.43  ? 80  CYS A SG  1 
ATOM   531  N N   . ASP A 1 81  ? 11.082  -6.274  -1.605  1.00 45.73  ? 81  ASP A N   1 
ATOM   532  C CA  . ASP A 1 81  ? 12.394  -6.884  -1.904  1.00 47.46  ? 81  ASP A CA  1 
ATOM   533  C C   . ASP A 1 81  ? 12.683  -8.158  -1.071  1.00 48.24  ? 81  ASP A C   1 
ATOM   534  O O   . ASP A 1 81  ? 11.818  -8.629  -0.306  1.00 47.91  ? 81  ASP A O   1 
ATOM   535  C CB  . ASP A 1 81  ? 13.543  -5.858  -1.820  1.00 47.32  ? 81  ASP A CB  1 
ATOM   536  C CG  . ASP A 1 81  ? 13.870  -5.451  -0.408  1.00 48.78  ? 81  ASP A CG  1 
ATOM   537  O OD1 . ASP A 1 81  ? 13.536  -6.226  0.510   1.00 51.80  ? 81  ASP A OD1 1 
ATOM   538  O OD2 . ASP A 1 81  ? 14.485  -4.361  -0.210  1.00 49.70  ? 81  ASP A OD2 1 
ATOM   539  N N   . ASP A 1 82  ? 13.883  -8.727  -1.226  1.00 48.78  ? 82  ASP A N   1 
ATOM   540  C CA  . ASP A 1 82  ? 14.156  -9.996  -0.560  1.00 49.40  ? 82  ASP A CA  1 
ATOM   541  C C   . ASP A 1 82  ? 14.417  -9.889  0.961   1.00 48.39  ? 82  ASP A C   1 
ATOM   542  O O   . ASP A 1 82  ? 14.418  -10.905 1.649   1.00 47.87  ? 82  ASP A O   1 
ATOM   543  C CB  . ASP A 1 82  ? 15.167  -10.868 -1.334  1.00 50.56  ? 82  ASP A CB  1 
ATOM   544  C CG  . ASP A 1 82  ? 14.458  -11.919 -2.262  1.00 55.54  ? 82  ASP A CG  1 
ATOM   545  O OD1 . ASP A 1 82  ? 14.288  -13.099 -1.829  1.00 58.15  ? 82  ASP A OD1 1 
ATOM   546  O OD2 . ASP A 1 82  ? 14.026  -11.561 -3.401  1.00 58.54  ? 82  ASP A OD2 1 
ATOM   547  N N   . ASN A 1 83  ? 14.569  -8.661  1.476   1.00 47.44  ? 83  ASN A N   1 
ATOM   548  C CA  . ASN A 1 83  ? 14.665  -8.406  2.920   1.00 47.06  ? 83  ASN A CA  1 
ATOM   549  C C   . ASN A 1 83  ? 13.291  -8.224  3.615   1.00 46.08  ? 83  ASN A C   1 
ATOM   550  O O   . ASN A 1 83  ? 13.217  -8.068  4.849   1.00 45.55  ? 83  ASN A O   1 
ATOM   551  C CB  . ASN A 1 83  ? 15.547  -7.180  3.226   1.00 47.76  ? 83  ASN A CB  1 
ATOM   552  C CG  . ASN A 1 83  ? 16.952  -7.259  2.597   1.00 51.11  ? 83  ASN A CG  1 
ATOM   553  O OD1 . ASN A 1 83  ? 17.543  -8.342  2.454   1.00 52.37  ? 83  ASN A OD1 1 
ATOM   554  N ND2 . ASN A 1 83  ? 17.490  -6.088  2.218   1.00 53.54  ? 83  ASN A ND2 1 
ATOM   555  N N   . TYR A 1 84  ? 12.222  -8.202  2.815   1.00 44.94  ? 84  TYR A N   1 
ATOM   556  C CA  . TYR A 1 84  ? 10.855  -8.110  3.319   1.00 44.01  ? 84  TYR A CA  1 
ATOM   557  C C   . TYR A 1 84  ? 10.470  -9.360  4.121   1.00 43.53  ? 84  TYR A C   1 
ATOM   558  O O   . TYR A 1 84  ? 10.688  -10.459 3.648   1.00 44.18  ? 84  TYR A O   1 
ATOM   559  C CB  . TYR A 1 84  ? 9.877   -7.952  2.155   1.00 42.78  ? 84  TYR A CB  1 
ATOM   560  C CG  . TYR A 1 84  ? 8.464   -7.753  2.638   1.00 42.13  ? 84  TYR A CG  1 
ATOM   561  C CD1 . TYR A 1 84  ? 8.017   -6.477  3.015   1.00 40.45  ? 84  TYR A CD1 1 
ATOM   562  C CD2 . TYR A 1 84  ? 7.590   -8.831  2.781   1.00 40.03  ? 84  TYR A CD2 1 
ATOM   563  C CE1 . TYR A 1 84  ? 6.743   -6.280  3.476   1.00 40.42  ? 84  TYR A CE1 1 
ATOM   564  C CE2 . TYR A 1 84  ? 6.288   -8.634  3.252   1.00 40.65  ? 84  TYR A CE2 1 
ATOM   565  C CZ  . TYR A 1 84  ? 5.878   -7.348  3.587   1.00 39.96  ? 84  TYR A CZ  1 
ATOM   566  O OH  . TYR A 1 84  ? 4.614   -7.115  4.047   1.00 40.27  ? 84  TYR A OH  1 
ATOM   567  N N   . PRO A 1 85  ? 9.820   -9.210  5.294   1.00 43.33  ? 85  PRO A N   1 
ATOM   568  C CA  . PRO A 1 85  ? 9.218   -8.055  5.979   1.00 42.81  ? 85  PRO A CA  1 
ATOM   569  C C   . PRO A 1 85  ? 10.098  -7.191  6.862   1.00 43.03  ? 85  PRO A C   1 
ATOM   570  O O   . PRO A 1 85  ? 9.589   -6.241  7.451   1.00 42.32  ? 85  PRO A O   1 
ATOM   571  C CB  . PRO A 1 85  ? 8.158   -8.708  6.862   1.00 42.46  ? 85  PRO A CB  1 
ATOM   572  C CG  . PRO A 1 85  ? 8.752   -9.977  7.249   1.00 42.59  ? 85  PRO A CG  1 
ATOM   573  C CD  . PRO A 1 85  ? 9.572   -10.455 6.047   1.00 43.13  ? 85  PRO A CD  1 
ATOM   574  N N   . ASP A 1 86  ? 11.390  -7.495  6.971   1.00 43.38  ? 86  ASP A N   1 
ATOM   575  C CA  . ASP A 1 86  ? 12.246  -6.715  7.863   1.00 43.73  ? 86  ASP A CA  1 
ATOM   576  C C   . ASP A 1 86  ? 12.525  -5.296  7.354   1.00 43.47  ? 86  ASP A C   1 
ATOM   577  O O   . ASP A 1 86  ? 12.761  -4.376  8.148   1.00 43.70  ? 86  ASP A O   1 
ATOM   578  C CB  . ASP A 1 86  ? 13.527  -7.485  8.208   1.00 44.02  ? 86  ASP A CB  1 
ATOM   579  C CG  . ASP A 1 86  ? 13.240  -8.706  9.060   1.00 46.12  ? 86  ASP A CG  1 
ATOM   580  O OD1 . ASP A 1 86  ? 12.830  -8.543  10.246  1.00 49.04  ? 86  ASP A OD1 1 
ATOM   581  O OD2 . ASP A 1 86  ? 13.383  -9.826  8.535   1.00 47.60  ? 86  ASP A OD2 1 
ATOM   582  N N   . SER A 1 87  ? 12.473  -5.128  6.036   1.00 43.11  ? 87  SER A N   1 
ATOM   583  C CA  . SER A 1 87  ? 12.618  -3.828  5.404   1.00 43.61  ? 87  SER A CA  1 
ATOM   584  C C   . SER A 1 87  ? 11.286  -3.399  4.781   1.00 43.03  ? 87  SER A C   1 
ATOM   585  O O   . SER A 1 87  ? 10.521  -4.256  4.349   1.00 42.21  ? 87  SER A O   1 
ATOM   586  C CB  . SER A 1 87  ? 13.697  -3.897  4.320   1.00 43.93  ? 87  SER A CB  1 
ATOM   587  O OG  . SER A 1 87  ? 14.984  -4.048  4.913   1.00 47.02  ? 87  SER A OG  1 
ATOM   588  N N   . PRO A 1 88  ? 11.013  -2.070  4.725   1.00 43.00  ? 88  PRO A N   1 
ATOM   589  C CA  . PRO A 1 88  ? 9.748   -1.630  4.140   1.00 42.82  ? 88  PRO A CA  1 
ATOM   590  C C   . PRO A 1 88  ? 9.687   -1.895  2.636   1.00 42.81  ? 88  PRO A C   1 
ATOM   591  O O   . PRO A 1 88  ? 10.717  -1.863  1.960   1.00 43.90  ? 88  PRO A O   1 
ATOM   592  C CB  . PRO A 1 88  ? 9.724   -0.127  4.443   1.00 41.90  ? 88  PRO A CB  1 
ATOM   593  C CG  . PRO A 1 88  ? 11.138  0.250   4.535   1.00 43.10  ? 88  PRO A CG  1 
ATOM   594  C CD  . PRO A 1 88  ? 11.814  -0.918  5.195   1.00 42.88  ? 88  PRO A CD  1 
ATOM   595  N N   . PRO A 1 89  ? 8.484   -2.139  2.099   1.00 42.42  ? 89  PRO A N   1 
ATOM   596  C CA  . PRO A 1 89  ? 8.399   -2.226  0.648   1.00 41.54  ? 89  PRO A CA  1 
ATOM   597  C C   . PRO A 1 89  ? 8.519   -0.824  0.058   1.00 41.32  ? 89  PRO A C   1 
ATOM   598  O O   . PRO A 1 89  ? 8.480   0.161   0.806   1.00 40.93  ? 89  PRO A O   1 
ATOM   599  C CB  . PRO A 1 89  ? 6.989   -2.773  0.405   1.00 41.83  ? 89  PRO A CB  1 
ATOM   600  C CG  . PRO A 1 89  ? 6.405   -3.074  1.732   1.00 41.09  ? 89  PRO A CG  1 
ATOM   601  C CD  . PRO A 1 89  ? 7.177   -2.325  2.748   1.00 41.91  ? 89  PRO A CD  1 
ATOM   602  N N   . THR A 1 90  ? 8.687   -0.734  -1.262  1.00 41.18  ? 90  THR A N   1 
ATOM   603  C CA  . THR A 1 90  ? 8.573   0.549   -1.956  1.00 40.71  ? 90  THR A CA  1 
ATOM   604  C C   . THR A 1 90  ? 7.134   0.678   -2.409  1.00 39.50  ? 90  THR A C   1 
ATOM   605  O O   . THR A 1 90  ? 6.505   -0.311  -2.838  1.00 38.86  ? 90  THR A O   1 
ATOM   606  C CB  . THR A 1 90  ? 9.528   0.704   -3.210  1.00 41.20  ? 90  THR A CB  1 
ATOM   607  O OG1 . THR A 1 90  ? 9.158   -0.220  -4.243  1.00 43.16  ? 90  THR A OG1 1 
ATOM   608  C CG2 . THR A 1 90  ? 10.974  0.495   -2.842  1.00 42.45  ? 90  THR A CG2 1 
ATOM   609  N N   . VAL A 1 91  ? 6.620   1.902   -2.311  1.00 38.74  ? 91  VAL A N   1 
ATOM   610  C CA  . VAL A 1 91  ? 5.235   2.188   -2.612  1.00 37.85  ? 91  VAL A CA  1 
ATOM   611  C C   . VAL A 1 91  ? 5.180   3.297   -3.652  1.00 38.26  ? 91  VAL A C   1 
ATOM   612  O O   . VAL A 1 91  ? 5.795   4.353   -3.480  1.00 37.57  ? 91  VAL A O   1 
ATOM   613  C CB  . VAL A 1 91  ? 4.432   2.606   -1.319  1.00 37.73  ? 91  VAL A CB  1 
ATOM   614  C CG1 . VAL A 1 91  ? 2.933   2.755   -1.617  1.00 35.59  ? 91  VAL A CG1 1 
ATOM   615  C CG2 . VAL A 1 91  ? 4.669   1.627   -0.175  1.00 36.75  ? 91  VAL A CG2 1 
ATOM   616  N N   . LYS A 1 92  ? 4.444   3.051   -4.733  1.00 38.85  ? 92  LYS A N   1 
ATOM   617  C CA  . LYS A 1 92  ? 4.140   4.108   -5.689  1.00 39.71  ? 92  LYS A CA  1 
ATOM   618  C C   . LYS A 1 92  ? 2.727   4.073   -6.271  1.00 39.63  ? 92  LYS A C   1 
ATOM   619  O O   . LYS A 1 92  ? 2.143   3.005   -6.540  1.00 39.62  ? 92  LYS A O   1 
ATOM   620  C CB  . LYS A 1 92  ? 5.203   4.235   -6.799  1.00 40.44  ? 92  LYS A CB  1 
ATOM   621  C CG  . LYS A 1 92  ? 5.487   3.014   -7.614  1.00 43.10  ? 92  LYS A CG  1 
ATOM   622  C CD  . LYS A 1 92  ? 6.898   3.118   -8.234  1.00 45.10  ? 92  LYS A CD  1 
ATOM   623  C CE  . LYS A 1 92  ? 8.024   2.950   -7.164  1.00 47.73  ? 92  LYS A CE  1 
ATOM   624  N NZ  . LYS A 1 92  ? 9.467   3.047   -7.674  1.00 47.20  ? 92  LYS A NZ  1 
ATOM   625  N N   . PHE A 1 93  ? 2.184   5.271   -6.424  1.00 38.87  ? 93  PHE A N   1 
ATOM   626  C CA  . PHE A 1 93  ? 0.909   5.451   -7.057  1.00 38.79  ? 93  PHE A CA  1 
ATOM   627  C C   . PHE A 1 93  ? 1.127   5.402   -8.567  1.00 39.76  ? 93  PHE A C   1 
ATOM   628  O O   . PHE A 1 93  ? 2.065   6.014   -9.106  1.00 39.71  ? 93  PHE A O   1 
ATOM   629  C CB  . PHE A 1 93  ? 0.310   6.799   -6.668  1.00 37.97  ? 93  PHE A CB  1 
ATOM   630  C CG  . PHE A 1 93  ? -0.403  6.798   -5.358  1.00 36.60  ? 93  PHE A CG  1 
ATOM   631  C CD1 . PHE A 1 93  ? 0.289   7.005   -4.179  1.00 34.40  ? 93  PHE A CD1 1 
ATOM   632  C CD2 . PHE A 1 93  ? -1.788  6.591   -5.306  1.00 35.43  ? 93  PHE A CD2 1 
ATOM   633  C CE1 . PHE A 1 93  ? -0.370  7.006   -2.970  1.00 35.18  ? 93  PHE A CE1 1 
ATOM   634  C CE2 . PHE A 1 93  ? -2.464  6.597   -4.092  1.00 35.47  ? 93  PHE A CE2 1 
ATOM   635  C CZ  . PHE A 1 93  ? -1.760  6.808   -2.923  1.00 36.22  ? 93  PHE A CZ  1 
ATOM   636  N N   . ASP A 1 94  ? 0.264   4.637   -9.223  1.00 40.14  ? 94  ASP A N   1 
ATOM   637  C CA  . ASP A 1 94  ? 0.116   4.658   -10.654 1.00 40.61  ? 94  ASP A CA  1 
ATOM   638  C C   . ASP A 1 94  ? -0.910  5.772   -10.991 1.00 40.63  ? 94  ASP A C   1 
ATOM   639  O O   . ASP A 1 94  ? -0.702  6.534   -11.923 1.00 40.99  ? 94  ASP A O   1 
ATOM   640  C CB  . ASP A 1 94  ? -0.343  3.276   -11.145 1.00 40.70  ? 94  ASP A CB  1 
ATOM   641  C CG  . ASP A 1 94  ? 0.612   2.135   -10.705 1.00 43.96  ? 94  ASP A CG  1 
ATOM   642  O OD1 . ASP A 1 94  ? 1.858   2.252   -10.856 1.00 47.02  ? 94  ASP A OD1 1 
ATOM   643  O OD2 . ASP A 1 94  ? 0.119   1.093   -10.210 1.00 46.84  ? 94  ASP A OD2 1 
ATOM   644  N N   . THR A 1 95  ? -1.987  5.878   -10.200 1.00 40.06  ? 95  THR A N   1 
ATOM   645  C CA  . THR A 1 95  ? -2.959  6.962   -10.305 1.00 39.33  ? 95  THR A CA  1 
ATOM   646  C C   . THR A 1 95  ? -2.399  8.213   -9.647  1.00 40.22  ? 95  THR A C   1 
ATOM   647  O O   . THR A 1 95  ? -1.795  8.151   -8.548  1.00 39.78  ? 95  THR A O   1 
ATOM   648  C CB  . THR A 1 95  ? -4.310  6.609   -9.649  1.00 38.79  ? 95  THR A CB  1 
ATOM   649  O OG1 . THR A 1 95  ? -4.742  5.323   -10.090 1.00 38.69  ? 95  THR A OG1 1 
ATOM   650  C CG2 . THR A 1 95  ? -5.377  7.606   -10.027 1.00 37.69  ? 95  THR A CG2 1 
ATOM   651  N N   . LYS A 1 96  ? -2.596  9.342   -10.336 1.00 40.59  ? 96  LYS A N   1 
ATOM   652  C CA  . LYS A 1 96  ? -2.088  10.627  -9.907  1.00 41.15  ? 96  LYS A CA  1 
ATOM   653  C C   . LYS A 1 96  ? -2.779  11.085  -8.647  1.00 41.05  ? 96  LYS A C   1 
ATOM   654  O O   . LYS A 1 96  ? -3.998  11.017  -8.537  1.00 41.67  ? 96  LYS A O   1 
ATOM   655  C CB  . LYS A 1 96  ? -2.256  11.675  -10.999 1.00 41.46  ? 96  LYS A CB  1 
ATOM   656  C CG  . LYS A 1 96  ? -1.196  11.591  -12.087 1.00 46.08  ? 96  LYS A CG  1 
ATOM   657  C CD  . LYS A 1 96  ? -0.826  12.970  -12.637 1.00 51.01  ? 96  LYS A CD  1 
ATOM   658  C CE  . LYS A 1 96  ? -0.155  12.840  -14.005 1.00 54.26  ? 96  LYS A CE  1 
ATOM   659  N NZ  . LYS A 1 96  ? 0.962   13.841  -14.221 1.00 58.31  ? 96  LYS A NZ  1 
ATOM   660  N N   . ILE A 1 97  ? -1.985  11.584  -7.708  1.00 40.37  ? 97  ILE A N   1 
ATOM   661  C CA  . ILE A 1 97  ? -2.503  12.057  -6.452  1.00 39.89  ? 97  ILE A CA  1 
ATOM   662  C C   . ILE A 1 97  ? -1.638  13.217  -5.950  1.00 40.47  ? 97  ILE A C   1 
ATOM   663  O O   . ILE A 1 97  ? -0.450  13.326  -6.284  1.00 40.55  ? 97  ILE A O   1 
ATOM   664  C CB  . ILE A 1 97  ? -2.604  10.869  -5.428  1.00 40.01  ? 97  ILE A CB  1 
ATOM   665  C CG1 . ILE A 1 97  ? -3.551  11.202  -4.266  1.00 39.22  ? 97  ILE A CG1 1 
ATOM   666  C CG2 . ILE A 1 97  ? -1.218  10.370  -4.991  1.00 37.63  ? 97  ILE A CG2 1 
ATOM   667  C CD1 . ILE A 1 97  ? -3.742  10.057  -3.296  1.00 39.19  ? 97  ILE A CD1 1 
ATOM   668  N N   . GLU A 1 98  ? -2.244  14.107  -5.185  1.00 41.13  ? 98  GLU A N   1 
ATOM   669  C CA  . GLU A 1 98  ? -1.473  15.113  -4.442  1.00 42.19  ? 98  GLU A CA  1 
ATOM   670  C C   . GLU A 1 98  ? -1.664  14.842  -2.974  1.00 41.15  ? 98  GLU A C   1 
ATOM   671  O O   . GLU A 1 98  ? -2.777  14.975  -2.444  1.00 40.74  ? 98  GLU A O   1 
ATOM   672  C CB  . GLU A 1 98  ? -1.890  16.545  -4.805  1.00 42.62  ? 98  GLU A CB  1 
ATOM   673  C CG  . GLU A 1 98  ? -1.534  16.905  -6.237  1.00 47.33  ? 98  GLU A CG  1 
ATOM   674  C CD  . GLU A 1 98  ? -0.091  17.353  -6.403  1.00 53.65  ? 98  GLU A CD  1 
ATOM   675  O OE1 . GLU A 1 98  ? 0.377   18.174  -5.574  1.00 57.08  ? 98  GLU A OE1 1 
ATOM   676  O OE2 . GLU A 1 98  ? 0.571   16.895  -7.363  1.00 56.17  ? 98  GLU A OE2 1 
ATOM   677  N N   . MET A 1 99  ? -0.581  14.399  -2.340  1.00 41.10  ? 99  MET A N   1 
ATOM   678  C CA  . MET A 1 99  ? -0.548  14.170  -0.890  1.00 41.27  ? 99  MET A CA  1 
ATOM   679  C C   . MET A 1 99  ? 0.819   14.557  -0.373  1.00 39.87  ? 99  MET A C   1 
ATOM   680  O O   . MET A 1 99  ? 1.827   14.332  -1.050  1.00 40.69  ? 99  MET A O   1 
ATOM   681  C CB  . MET A 1 99  ? -0.799  12.702  -0.553  1.00 40.95  ? 99  MET A CB  1 
ATOM   682  C CG  . MET A 1 99  ? -2.233  12.277  -0.579  1.00 42.56  ? 99  MET A CG  1 
ATOM   683  S SD  . MET A 1 99  ? -2.605  10.865  0.496   1.00 44.39  ? 99  MET A SD  1 
ATOM   684  C CE  . MET A 1 99  ? -1.482  9.656   -0.129  1.00 40.82  ? 99  MET A CE  1 
ATOM   685  N N   . SER A 1 100 ? 0.882   15.100  0.837   1.00 38.83  ? 100 SER A N   1 
ATOM   686  C CA  . SER A 1 100 ? 2.183   15.488  1.403   1.00 37.91  ? 100 SER A CA  1 
ATOM   687  C C   . SER A 1 100 ? 3.241   14.360  1.499   1.00 36.99  ? 100 SER A C   1 
ATOM   688  O O   . SER A 1 100 ? 4.432   14.648  1.569   1.00 37.68  ? 100 SER A O   1 
ATOM   689  C CB  . SER A 1 100 ? 2.007   16.219  2.736   1.00 37.83  ? 100 SER A CB  1 
ATOM   690  O OG  . SER A 1 100 ? 1.619   15.307  3.762   1.00 40.33  ? 100 SER A OG  1 
ATOM   691  N N   . CYS A 1 101 ? 2.828   13.097  1.487   1.00 36.02  ? 101 CYS A N   1 
ATOM   692  C CA  . CYS A 1 101 ? 3.783   11.963  1.521   1.00 35.99  ? 101 CYS A CA  1 
ATOM   693  C C   . CYS A 1 101 ? 3.961   11.273  0.156   1.00 35.93  ? 101 CYS A C   1 
ATOM   694  O O   . CYS A 1 101 ? 4.524   10.187  0.080   1.00 35.47  ? 101 CYS A O   1 
ATOM   695  C CB  . CYS A 1 101 ? 3.338   10.927  2.552   1.00 35.36  ? 101 CYS A CB  1 
ATOM   696  S SG  . CYS A 1 101 ? 1.753   10.190  2.122   1.00 38.25  ? 101 CYS A SG  1 
ATOM   697  N N   . VAL A 1 102 ? 3.461   11.898  -0.912  1.00 35.92  ? 102 VAL A N   1 
ATOM   698  C CA  . VAL A 1 102 ? 3.678   11.410  -2.280  1.00 36.00  ? 102 VAL A CA  1 
ATOM   699  C C   . VAL A 1 102 ? 4.562   12.400  -3.067  1.00 36.36  ? 102 VAL A C   1 
ATOM   700  O O   . VAL A 1 102 ? 4.284   13.592  -3.101  1.00 36.88  ? 102 VAL A O   1 
ATOM   701  C CB  . VAL A 1 102 ? 2.310   11.140  -3.007  1.00 35.74  ? 102 VAL A CB  1 
ATOM   702  C CG1 . VAL A 1 102 ? 2.503   10.781  -4.456  1.00 34.04  ? 102 VAL A CG1 1 
ATOM   703  C CG2 . VAL A 1 102 ? 1.534   10.058  -2.291  1.00 33.59  ? 102 VAL A CG2 1 
ATOM   704  N N   . ASP A 1 103 ? 5.621   11.911  -3.705  1.00 36.99  ? 103 ASP A N   1 
ATOM   705  C CA  . ASP A 1 103 ? 6.483   12.800  -4.506  1.00 37.56  ? 103 ASP A CA  1 
ATOM   706  C C   . ASP A 1 103 ? 5.899   13.143  -5.899  1.00 38.30  ? 103 ASP A C   1 
ATOM   707  O O   . ASP A 1 103 ? 4.772   12.724  -6.246  1.00 38.41  ? 103 ASP A O   1 
ATOM   708  C CB  . ASP A 1 103 ? 7.944   12.297  -4.566  1.00 36.63  ? 103 ASP A CB  1 
ATOM   709  C CG  . ASP A 1 103 ? 8.144   11.088  -5.475  1.00 36.90  ? 103 ASP A CG  1 
ATOM   710  O OD1 . ASP A 1 103 ? 7.307   10.822  -6.360  1.00 38.59  ? 103 ASP A OD1 1 
ATOM   711  O OD2 . ASP A 1 103 ? 9.175   10.399  -5.309  1.00 33.76  ? 103 ASP A OD2 1 
ATOM   712  N N   . ASN A 1 104 ? 6.656   13.914  -6.678  1.00 39.07  ? 104 ASN A N   1 
ATOM   713  C CA  . ASN A 1 104 ? 6.211   14.333  -8.024  1.00 40.50  ? 104 ASN A CA  1 
ATOM   714  C C   . ASN A 1 104 ? 5.966   13.206  -9.023  1.00 40.95  ? 104 ASN A C   1 
ATOM   715  O O   . ASN A 1 104 ? 5.236   13.406  -9.978  1.00 41.90  ? 104 ASN A O   1 
ATOM   716  C CB  . ASN A 1 104 ? 7.148   15.375  -8.626  1.00 40.05  ? 104 ASN A CB  1 
ATOM   717  C CG  . ASN A 1 104 ? 7.054   16.696  -7.906  1.00 41.33  ? 104 ASN A CG  1 
ATOM   718  O OD1 . ASN A 1 104 ? 6.105   16.926  -7.153  1.00 41.38  ? 104 ASN A OD1 1 
ATOM   719  N ND2 . ASN A 1 104 ? 8.029   17.576  -8.130  1.00 41.69  ? 104 ASN A ND2 1 
ATOM   720  N N   . CYS A 1 105 ? 6.568   12.042  -8.794  1.00 41.18  ? 105 CYS A N   1 
ATOM   721  C CA  . CYS A 1 105 ? 6.352   10.859  -9.639  1.00 42.23  ? 105 CYS A CA  1 
ATOM   722  C C   . CYS A 1 105 ? 5.394   9.830   -9.040  1.00 41.73  ? 105 CYS A C   1 
ATOM   723  O O   . CYS A 1 105 ? 5.198   8.748   -9.605  1.00 41.86  ? 105 CYS A O   1 
ATOM   724  C CB  . CYS A 1 105 ? 7.680   10.177  -9.971  1.00 41.84  ? 105 CYS A CB  1 
ATOM   725  S SG  . CYS A 1 105 ? 8.745   11.226  -10.950 1.00 47.72  ? 105 CYS A SG  1 
ATOM   726  N N   . GLY A 1 106 ? 4.804   10.158  -7.899  1.00 41.68  ? 106 GLY A N   1 
ATOM   727  C CA  . GLY A 1 106 ? 3.810   9.283   -7.289  1.00 41.43  ? 106 GLY A CA  1 
ATOM   728  C C   . GLY A 1 106 ? 4.416   8.294   -6.323  1.00 41.55  ? 106 GLY A C   1 
ATOM   729  O O   . GLY A 1 106 ? 3.742   7.362   -5.879  1.00 41.57  ? 106 GLY A O   1 
ATOM   730  N N   . ARG A 1 107 ? 5.693   8.454   -5.991  1.00 41.21  ? 107 ARG A N   1 
ATOM   731  C CA  . ARG A 1 107 ? 6.207   7.502   -5.042  1.00 42.03  ? 107 ARG A CA  1 
ATOM   732  C C   . ARG A 1 107 ? 6.162   8.004   -3.617  1.00 40.13  ? 107 ARG A C   1 
ATOM   733  O O   . ARG A 1 107 ? 6.244   9.215   -3.372  1.00 40.02  ? 107 ARG A O   1 
ATOM   734  C CB  . ARG A 1 107 ? 7.433   6.684   -5.517  1.00 42.00  ? 107 ARG A CB  1 
ATOM   735  C CG  . ARG A 1 107 ? 8.840   7.091   -5.233  1.00 44.89  ? 107 ARG A CG  1 
ATOM   736  C CD  . ARG A 1 107 ? 9.721   5.808   -5.444  1.00 46.66  ? 107 ARG A CD  1 
ATOM   737  N NE  . ARG A 1 107 ? 10.998  5.989   -6.181  1.00 56.93  ? 107 ARG A NE  1 
ATOM   738  C CZ  . ARG A 1 107 ? 11.149  6.065   -7.521  1.00 59.15  ? 107 ARG A CZ  1 
ATOM   739  N NH1 . ARG A 1 107 ? 12.368  6.216   -8.038  1.00 58.81  ? 107 ARG A NH1 1 
ATOM   740  N NH2 . ARG A 1 107 ? 10.103  6.016   -8.355  1.00 60.11  ? 107 ARG A NH2 1 
ATOM   741  N N   . VAL A 1 108 ? 5.884   7.083   -2.699  1.00 38.16  ? 108 VAL A N   1 
ATOM   742  C CA  . VAL A 1 108 ? 5.694   7.466   -1.316  1.00 37.08  ? 108 VAL A CA  1 
ATOM   743  C C   . VAL A 1 108 ? 7.029   7.875   -0.699  1.00 36.48  ? 108 VAL A C   1 
ATOM   744  O O   . VAL A 1 108 ? 8.048   7.188   -0.853  1.00 36.13  ? 108 VAL A O   1 
ATOM   745  C CB  . VAL A 1 108 ? 4.905   6.381   -0.499  1.00 37.47  ? 108 VAL A CB  1 
ATOM   746  C CG1 . VAL A 1 108 ? 4.804   6.752   0.986   1.00 35.14  ? 108 VAL A CG1 1 
ATOM   747  C CG2 . VAL A 1 108 ? 3.492   6.200   -1.112  1.00 35.80  ? 108 VAL A CG2 1 
ATOM   748  N N   . ILE A 1 109 ? 7.019   9.052   -0.084  1.00 35.72  ? 109 ILE A N   1 
ATOM   749  C CA  . ILE A 1 109 ? 8.172   9.588   0.601   1.00 35.23  ? 109 ILE A CA  1 
ATOM   750  C C   . ILE A 1 109 ? 8.186   8.956   1.992   1.00 36.24  ? 109 ILE A C   1 
ATOM   751  O O   . ILE A 1 109 ? 7.393   9.309   2.857   1.00 35.97  ? 109 ILE A O   1 
ATOM   752  C CB  . ILE A 1 109 ? 8.123   11.137  0.671   1.00 34.78  ? 109 ILE A CB  1 
ATOM   753  C CG1 . ILE A 1 109 ? 7.849   11.733  -0.711  1.00 32.74  ? 109 ILE A CG1 1 
ATOM   754  C CG2 . ILE A 1 109 ? 9.412   11.678  1.228   1.00 33.53  ? 109 ILE A CG2 1 
ATOM   755  C CD1 . ILE A 1 109 ? 7.322   13.182  -0.669  1.00 34.64  ? 109 ILE A CD1 1 
ATOM   756  N N   . LYS A 1 110 ? 9.088   7.995   2.160   1.00 37.54  ? 110 LYS A N   1 
ATOM   757  C CA  . LYS A 1 110 ? 9.221   7.178   3.355   1.00 38.94  ? 110 LYS A CA  1 
ATOM   758  C C   . LYS A 1 110 ? 9.205   8.002   4.651   1.00 38.25  ? 110 LYS A C   1 
ATOM   759  O O   . LYS A 1 110 ? 8.516   7.648   5.597   1.00 38.31  ? 110 LYS A O   1 
ATOM   760  C CB  . LYS A 1 110 ? 10.486  6.317   3.220   1.00 38.87  ? 110 LYS A CB  1 
ATOM   761  C CG  . LYS A 1 110 ? 11.034  5.712   4.511   1.00 42.00  ? 110 LYS A CG  1 
ATOM   762  C CD  . LYS A 1 110 ? 12.485  5.215   4.365   1.00 42.69  ? 110 LYS A CD  1 
ATOM   763  C CE  . LYS A 1 110 ? 12.538  3.921   3.521   1.00 50.33  ? 110 LYS A CE  1 
ATOM   764  N NZ  . LYS A 1 110 ? 13.888  3.235   3.555   1.00 50.48  ? 110 LYS A NZ  1 
ATOM   765  N N   . ASN A 1 111 ? 9.915   9.125   4.666   1.00 37.82  ? 111 ASN A N   1 
ATOM   766  C CA  . ASN A 1 111 ? 10.052  9.931   5.874   1.00 37.21  ? 111 ASN A CA  1 
ATOM   767  C C   . ASN A 1 111 ? 8.841   10.791  6.220   1.00 36.73  ? 111 ASN A C   1 
ATOM   768  O O   . ASN A 1 111 ? 8.759   11.355  7.324   1.00 36.19  ? 111 ASN A O   1 
ATOM   769  C CB  . ASN A 1 111 ? 11.327  10.778  5.816   1.00 37.30  ? 111 ASN A CB  1 
ATOM   770  C CG  . ASN A 1 111 ? 12.590  9.941   5.960   1.00 38.72  ? 111 ASN A CG  1 
ATOM   771  O OD1 . ASN A 1 111 ? 12.629  8.979   6.741   1.00 40.30  ? 111 ASN A OD1 1 
ATOM   772  N ND2 . ASN A 1 111 ? 13.637  10.301  5.207   1.00 39.68  ? 111 ASN A ND2 1 
ATOM   773  N N   . ASN A 1 112 ? 7.897   10.869  5.285   1.00 36.19  ? 112 ASN A N   1 
ATOM   774  C CA  . ASN A 1 112 ? 6.623   11.551  5.509   1.00 36.07  ? 112 ASN A CA  1 
ATOM   775  C C   . ASN A 1 112 ? 5.429   10.647  5.865   1.00 35.75  ? 112 ASN A C   1 
ATOM   776  O O   . ASN A 1 112 ? 4.300   11.109  5.897   1.00 35.86  ? 112 ASN A O   1 
ATOM   777  C CB  . ASN A 1 112 ? 6.274   12.396  4.287   1.00 36.16  ? 112 ASN A CB  1 
ATOM   778  C CG  . ASN A 1 112 ? 7.279   13.462  4.019   1.00 35.68  ? 112 ASN A CG  1 
ATOM   779  O OD1 . ASN A 1 112 ? 8.371   13.468  4.593   1.00 37.29  ? 112 ASN A OD1 1 
ATOM   780  N ND2 . ASN A 1 112 ? 6.930   14.379  3.150   1.00 33.36  ? 112 ASN A ND2 1 
ATOM   781  N N   . LEU A 1 113 ? 5.682   9.366   6.106   1.00 35.81  ? 113 LEU A N   1 
ATOM   782  C CA  . LEU A 1 113 ? 4.652   8.414   6.501   1.00 36.00  ? 113 LEU A CA  1 
ATOM   783  C C   . LEU A 1 113 ? 5.250   7.593   7.660   1.00 36.80  ? 113 LEU A C   1 
ATOM   784  O O   . LEU A 1 113 ? 6.302   6.955   7.483   1.00 37.41  ? 113 LEU A O   1 
ATOM   785  C CB  . LEU A 1 113 ? 4.239   7.534   5.304   1.00 35.28  ? 113 LEU A CB  1 
ATOM   786  C CG  . LEU A 1 113 ? 2.915   6.751   5.377   1.00 35.85  ? 113 LEU A CG  1 
ATOM   787  C CD1 . LEU A 1 113 ? 1.688   7.679   5.356   1.00 34.27  ? 113 LEU A CD1 1 
ATOM   788  C CD2 . LEU A 1 113 ? 2.779   5.678   4.304   1.00 33.78  ? 113 LEU A CD2 1 
ATOM   789  N N   . HIS A 1 114 ? 4.605   7.635   8.834   1.00 37.38  ? 114 HIS A N   1 
ATOM   790  C CA  . HIS A 1 114 ? 5.109   6.975   10.052  1.00 37.80  ? 114 HIS A CA  1 
ATOM   791  C C   . HIS A 1 114 ? 5.475   5.539   9.827   1.00 37.25  ? 114 HIS A C   1 
ATOM   792  O O   . HIS A 1 114 ? 6.590   5.150   10.110  1.00 37.71  ? 114 HIS A O   1 
ATOM   793  C CB  . HIS A 1 114 ? 4.127   7.033   11.246  1.00 39.09  ? 114 HIS A CB  1 
ATOM   794  C CG  . HIS A 1 114 ? 4.545   6.147   12.405  1.00 42.95  ? 114 HIS A CG  1 
ATOM   795  N ND1 . HIS A 1 114 ? 5.329   6.597   13.453  1.00 45.07  ? 114 HIS A ND1 1 
ATOM   796  C CD2 . HIS A 1 114 ? 4.338   4.822   12.639  1.00 43.76  ? 114 HIS A CD2 1 
ATOM   797  C CE1 . HIS A 1 114 ? 5.561   5.598   14.290  1.00 46.63  ? 114 HIS A CE1 1 
ATOM   798  N NE2 . HIS A 1 114 ? 4.974   4.510   13.820  1.00 45.32  ? 114 HIS A NE2 1 
ATOM   799  N N   . ILE A 1 115 ? 4.547   4.733   9.324   1.00 37.27  ? 115 ILE A N   1 
ATOM   800  C CA  . ILE A 1 115 ? 4.801   3.302   9.263   1.00 36.77  ? 115 ILE A CA  1 
ATOM   801  C C   . ILE A 1 115 ? 5.960   2.936   8.350   1.00 36.84  ? 115 ILE A C   1 
ATOM   802  O O   . ILE A 1 115 ? 6.528   1.870   8.518   1.00 36.73  ? 115 ILE A O   1 
ATOM   803  C CB  . ILE A 1 115 ? 3.532   2.433   8.950   1.00 37.06  ? 115 ILE A CB  1 
ATOM   804  C CG1 . ILE A 1 115 ? 2.888   2.837   7.630   1.00 36.59  ? 115 ILE A CG1 1 
ATOM   805  C CG2 . ILE A 1 115 ? 2.517   2.441   10.104  1.00 36.86  ? 115 ILE A CG2 1 
ATOM   806  C CD1 . ILE A 1 115 ? 3.150   1.813   6.594   1.00 36.42  ? 115 ILE A CD1 1 
ATOM   807  N N   . LEU A 1 116 ? 6.301   3.789   7.379   1.00 37.22  ? 116 LEU A N   1 
ATOM   808  C CA  . LEU A 1 116 ? 7.445   3.501   6.487   1.00 37.00  ? 116 LEU A CA  1 
ATOM   809  C C   . LEU A 1 116 ? 8.726   4.006   7.097   1.00 37.53  ? 116 LEU A C   1 
ATOM   810  O O   . LEU A 1 116 ? 9.728   3.300   7.082   1.00 37.75  ? 116 LEU A O   1 
ATOM   811  C CB  . LEU A 1 116 ? 7.268   4.084   5.081   1.00 36.17  ? 116 LEU A CB  1 
ATOM   812  C CG  . LEU A 1 116 ? 6.177   3.459   4.191   1.00 36.03  ? 116 LEU A CG  1 
ATOM   813  C CD1 . LEU A 1 116 ? 6.057   4.269   2.918   1.00 32.04  ? 116 LEU A CD1 1 
ATOM   814  C CD2 . LEU A 1 116 ? 6.421   1.971   3.882   1.00 32.75  ? 116 LEU A CD2 1 
ATOM   815  N N   . LYS A 1 117 ? 8.676   5.232   7.616   1.00 38.37  ? 117 LYS A N   1 
ATOM   816  C CA  . LYS A 1 117 ? 9.777   5.865   8.328   1.00 39.83  ? 117 LYS A CA  1 
ATOM   817  C C   . LYS A 1 117 ? 10.255  4.993   9.484   1.00 41.09  ? 117 LYS A C   1 
ATOM   818  O O   . LYS A 1 117 ? 11.433  4.613   9.559   1.00 41.38  ? 117 LYS A O   1 
ATOM   819  C CB  . LYS A 1 117 ? 9.305   7.195   8.900   1.00 40.01  ? 117 LYS A CB  1 
ATOM   820  C CG  . LYS A 1 117 ? 10.420  8.078   9.359   1.00 40.36  ? 117 LYS A CG  1 
ATOM   821  C CD  . LYS A 1 117 ? 9.901   9.201   10.203  1.00 41.21  ? 117 LYS A CD  1 
ATOM   822  C CE  . LYS A 1 117 ? 11.078  9.734   11.023  1.00 47.51  ? 117 LYS A CE  1 
ATOM   823  N NZ  . LYS A 1 117 ? 10.808  10.926  11.910  1.00 49.23  ? 117 LYS A NZ  1 
ATOM   824  N N   . ASN A 1 118 ? 9.331   4.675   10.384  1.00 41.65  ? 118 ASN A N   1 
ATOM   825  C CA  . ASN A 1 118 ? 9.632   3.837   11.530  1.00 41.97  ? 118 ASN A CA  1 
ATOM   826  C C   . ASN A 1 118 ? 9.078   2.477   11.283  1.00 42.13  ? 118 ASN A C   1 
ATOM   827  O O   . ASN A 1 118 ? 8.297   1.999   12.091  1.00 42.72  ? 118 ASN A O   1 
ATOM   828  C CB  . ASN A 1 118 ? 8.985   4.394   12.786  1.00 41.59  ? 118 ASN A CB  1 
ATOM   829  C CG  . ASN A 1 118 ? 9.255   5.841   12.969  1.00 42.53  ? 118 ASN A CG  1 
ATOM   830  O OD1 . ASN A 1 118 ? 8.337   6.664   12.935  1.00 43.00  ? 118 ASN A OD1 1 
ATOM   831  N ND2 . ASN A 1 118 ? 10.536  6.186   13.129  1.00 45.29  ? 118 ASN A ND2 1 
ATOM   832  N N   . TRP A 1 119 ? 9.462   1.861   10.171  1.00 42.00  ? 119 TRP A N   1 
ATOM   833  C CA  . TRP A 1 119 ? 8.923   0.558   9.809   1.00 43.32  ? 119 TRP A CA  1 
ATOM   834  C C   . TRP A 1 119 ? 9.190   -0.411  10.940  1.00 44.74  ? 119 TRP A C   1 
ATOM   835  O O   . TRP A 1 119 ? 10.114  -0.186  11.737  1.00 45.99  ? 119 TRP A O   1 
ATOM   836  C CB  . TRP A 1 119 ? 9.472   0.068   8.458   1.00 41.85  ? 119 TRP A CB  1 
ATOM   837  C CG  . TRP A 1 119 ? 9.030   -1.295  7.996   1.00 41.27  ? 119 TRP A CG  1 
ATOM   838  C CD1 . TRP A 1 119 ? 9.731   -2.465  8.120   1.00 42.18  ? 119 TRP A CD1 1 
ATOM   839  C CD2 . TRP A 1 119 ? 7.814   -1.639  7.297   1.00 40.91  ? 119 TRP A CD2 1 
ATOM   840  N NE1 . TRP A 1 119 ? 9.026   -3.514  7.555   1.00 39.96  ? 119 TRP A NE1 1 
ATOM   841  C CE2 . TRP A 1 119 ? 7.851   -3.036  7.047   1.00 39.23  ? 119 TRP A CE2 1 
ATOM   842  C CE3 . TRP A 1 119 ? 6.694   -0.909  6.868   1.00 39.00  ? 119 TRP A CE3 1 
ATOM   843  C CZ2 . TRP A 1 119 ? 6.813   -3.712  6.402   1.00 40.61  ? 119 TRP A CZ2 1 
ATOM   844  C CZ3 . TRP A 1 119 ? 5.677   -1.583  6.210   1.00 40.26  ? 119 TRP A CZ3 1 
ATOM   845  C CH2 . TRP A 1 119 ? 5.736   -2.968  5.994   1.00 40.27  ? 119 TRP A CH2 1 
ATOM   846  N N   . ASN A 1 120 ? 8.353   -1.456  11.012  1.00 45.47  ? 120 ASN A N   1 
ATOM   847  C CA  . ASN A 1 120 ? 8.386   -2.521  12.014  1.00 45.34  ? 120 ASN A CA  1 
ATOM   848  C C   . ASN A 1 120 ? 7.961   -3.734  11.184  1.00 45.18  ? 120 ASN A C   1 
ATOM   849  O O   . ASN A 1 120 ? 7.089   -3.604  10.294  1.00 45.62  ? 120 ASN A O   1 
ATOM   850  C CB  . ASN A 1 120 ? 7.383   -2.136  13.120  1.00 46.20  ? 120 ASN A CB  1 
ATOM   851  C CG  . ASN A 1 120 ? 7.257   -3.168  14.243  1.00 47.45  ? 120 ASN A CG  1 
ATOM   852  O OD1 . ASN A 1 120 ? 6.820   -4.300  14.011  1.00 48.52  ? 120 ASN A OD1 1 
ATOM   853  N ND2 . ASN A 1 120 ? 7.587   -2.753  15.485  1.00 45.08  ? 120 ASN A ND2 1 
ATOM   854  N N   . ARG A 1 121 ? 8.587   -4.898  11.383  1.00 43.79  ? 121 ARG A N   1 
ATOM   855  C CA  . ARG A 1 121 ? 8.241   -6.071  10.542  1.00 41.81  ? 121 ARG A CA  1 
ATOM   856  C C   . ARG A 1 121 ? 6.808   -6.605  10.778  1.00 39.36  ? 121 ARG A C   1 
ATOM   857  O O   . ARG A 1 121 ? 6.337   -7.502  10.092  1.00 39.12  ? 121 ARG A O   1 
ATOM   858  C CB  . ARG A 1 121 ? 9.300   -7.192  10.694  1.00 42.42  ? 121 ARG A CB  1 
ATOM   859  C CG  . ARG A 1 121 ? 9.202   -8.059  11.996  1.00 43.70  ? 121 ARG A CG  1 
ATOM   860  C CD  . ARG A 1 121 ? 10.435  -9.013  12.251  1.00 43.99  ? 121 ARG A CD  1 
ATOM   861  N NE  . ARG A 1 121 ? 10.743  -9.971  11.164  1.00 45.15  ? 121 ARG A NE  1 
ATOM   862  C CZ  . ARG A 1 121 ? 9.866   -10.821 10.624  1.00 46.61  ? 121 ARG A CZ  1 
ATOM   863  N NH1 . ARG A 1 121 ? 10.249  -11.654 9.652   1.00 45.53  ? 121 ARG A NH1 1 
ATOM   864  N NH2 . ARG A 1 121 ? 8.597   -10.829 11.040  1.00 45.96  ? 121 ARG A NH2 1 
ATOM   865  N N   . ASN A 1 122 ? 6.138   -6.067  11.783  1.00 37.11  ? 122 ASN A N   1 
ATOM   866  C CA  . ASN A 1 122 ? 4.759   -6.424  12.082  1.00 35.72  ? 122 ASN A CA  1 
ATOM   867  C C   . ASN A 1 122 ? 3.698   -5.620  11.298  1.00 35.01  ? 122 ASN A C   1 
ATOM   868  O O   . ASN A 1 122 ? 2.505   -5.902  11.422  1.00 34.93  ? 122 ASN A O   1 
ATOM   869  C CB  . ASN A 1 122 ? 4.483   -6.281  13.576  1.00 35.24  ? 122 ASN A CB  1 
ATOM   870  C CG  . ASN A 1 122 ? 5.382   -7.150  14.429  1.00 35.13  ? 122 ASN A CG  1 
ATOM   871  O OD1 . ASN A 1 122 ? 5.376   -8.389  14.326  1.00 36.35  ? 122 ASN A OD1 1 
ATOM   872  N ND2 . ASN A 1 122 ? 6.164   -6.505  15.277  1.00 31.09  ? 122 ASN A ND2 1 
ATOM   873  N N   . TYR A 1 123 ? 4.134   -4.619  10.529  1.00 33.77  ? 123 TYR A N   1 
ATOM   874  C CA  . TYR A 1 123 ? 3.292   -3.957  9.536   1.00 32.99  ? 123 TYR A CA  1 
ATOM   875  C C   . TYR A 1 123 ? 3.227   -4.818  8.269   1.00 32.94  ? 123 TYR A C   1 
ATOM   876  O O   . TYR A 1 123 ? 4.092   -5.681  8.033   1.00 32.15  ? 123 TYR A O   1 
ATOM   877  C CB  . TYR A 1 123 ? 3.822   -2.550  9.209   1.00 33.25  ? 123 TYR A CB  1 
ATOM   878  C CG  . TYR A 1 123 ? 3.964   -1.603  10.406  1.00 32.46  ? 123 TYR A CG  1 
ATOM   879  C CD1 . TYR A 1 123 ? 3.107   -1.682  11.506  1.00 30.69  ? 123 TYR A CD1 1 
ATOM   880  C CD2 . TYR A 1 123 ? 4.943   -0.625  10.420  1.00 32.17  ? 123 TYR A CD2 1 
ATOM   881  C CE1 . TYR A 1 123 ? 3.238   -0.822  12.581  1.00 29.02  ? 123 TYR A CE1 1 
ATOM   882  C CE2 . TYR A 1 123 ? 5.069   0.254   11.496  1.00 31.46  ? 123 TYR A CE2 1 
ATOM   883  C CZ  . TYR A 1 123 ? 4.219   0.147   12.558  1.00 31.73  ? 123 TYR A CZ  1 
ATOM   884  O OH  . TYR A 1 123 ? 4.355   1.028   13.614  1.00 35.16  ? 123 TYR A OH  1 
ATOM   885  N N   . THR A 1 124 ? 2.176   -4.597  7.470   1.00 32.66  ? 124 THR A N   1 
ATOM   886  C CA  . THR A 1 124 ? 1.890   -5.394  6.272   1.00 31.71  ? 124 THR A CA  1 
ATOM   887  C C   . THR A 1 124 ? 1.635   -4.477  5.093   1.00 31.56  ? 124 THR A C   1 
ATOM   888  O O   . THR A 1 124 ? 1.552   -3.269  5.243   1.00 31.49  ? 124 THR A O   1 
ATOM   889  C CB  . THR A 1 124 ? 0.640   -6.324  6.467   1.00 31.53  ? 124 THR A CB  1 
ATOM   890  O OG1 . THR A 1 124 ? -0.495  -5.548  6.860   1.00 31.82  ? 124 THR A OG1 1 
ATOM   891  C CG2 . THR A 1 124 ? 0.887   -7.380  7.553   1.00 31.08  ? 124 THR A CG2 1 
ATOM   892  N N   . ILE A 1 125 ? 1.524   -5.067  3.914   1.00 31.80  ? 125 ILE A N   1 
ATOM   893  C CA  . ILE A 1 125 ? 0.963   -4.390  2.756   1.00 32.08  ? 125 ILE A CA  1 
ATOM   894  C C   . ILE A 1 125 ? -0.355  -3.686  3.141   1.00 32.28  ? 125 ILE A C   1 
ATOM   895  O O   . ILE A 1 125 ? -0.545  -2.507  2.826   1.00 33.34  ? 125 ILE A O   1 
ATOM   896  C CB  . ILE A 1 125 ? 0.790   -5.388  1.582   1.00 32.15  ? 125 ILE A CB  1 
ATOM   897  C CG1 . ILE A 1 125 ? 2.179   -5.786  1.048   1.00 33.89  ? 125 ILE A CG1 1 
ATOM   898  C CG2 . ILE A 1 125 ? -0.046  -4.764  0.461   1.00 29.90  ? 125 ILE A CG2 1 
ATOM   899  C CD1 . ILE A 1 125 ? 2.290   -7.196  0.585   1.00 34.87  ? 125 ILE A CD1 1 
ATOM   900  N N   . GLU A 1 126 ? -1.231  -4.387  3.854   1.00 32.27  ? 126 GLU A N   1 
ATOM   901  C CA  . GLU A 1 126 ? -2.480  -3.815  4.328   1.00 33.62  ? 126 GLU A CA  1 
ATOM   902  C C   . GLU A 1 126 ? -2.293  -2.574  5.223   1.00 31.77  ? 126 GLU A C   1 
ATOM   903  O O   . GLU A 1 126 ? -2.938  -1.544  4.980   1.00 31.45  ? 126 GLU A O   1 
ATOM   904  C CB  . GLU A 1 126 ? -3.338  -4.889  4.982   1.00 33.29  ? 126 GLU A CB  1 
ATOM   905  C CG  . GLU A 1 126 ? -4.595  -4.409  5.673   1.00 36.36  ? 126 GLU A CG  1 
ATOM   906  C CD  . GLU A 1 126 ? -5.461  -5.574  6.210   1.00 38.95  ? 126 GLU A CD  1 
ATOM   907  O OE1 . GLU A 1 126 ? -5.127  -6.774  5.947   1.00 45.17  ? 126 GLU A OE1 1 
ATOM   908  O OE2 . GLU A 1 126 ? -6.480  -5.283  6.902   1.00 44.35  ? 126 GLU A OE2 1 
ATOM   909  N N   . THR A 1 127 ? -1.390  -2.649  6.202   1.00 30.44  ? 127 THR A N   1 
ATOM   910  C CA  . THR A 1 127 ? -1.040  -1.470  7.042   1.00 30.12  ? 127 THR A CA  1 
ATOM   911  C C   . THR A 1 127 ? -0.718  -0.220  6.222   1.00 29.84  ? 127 THR A C   1 
ATOM   912  O O   . THR A 1 127 ? -1.091  0.899   6.600   1.00 29.95  ? 127 THR A O   1 
ATOM   913  C CB  . THR A 1 127 ? 0.187   -1.736  7.980   1.00 29.63  ? 127 THR A CB  1 
ATOM   914  O OG1 . THR A 1 127 ? 0.075   -3.034  8.559   1.00 28.86  ? 127 THR A OG1 1 
ATOM   915  C CG2 . THR A 1 127 ? 0.237   -0.741  9.100   1.00 28.04  ? 127 THR A CG2 1 
ATOM   916  N N   . ILE A 1 128 ? 0.014   -0.421  5.131   1.00 29.37  ? 128 ILE A N   1 
ATOM   917  C CA  . ILE A 1 128 ? 0.424   0.670   4.255   1.00 29.91  ? 128 ILE A CA  1 
ATOM   918  C C   . ILE A 1 128 ? -0.817  1.253   3.568   1.00 28.72  ? 128 ILE A C   1 
ATOM   919  O O   . ILE A 1 128 ? -1.052  2.438   3.610   1.00 28.77  ? 128 ILE A O   1 
ATOM   920  C CB  . ILE A 1 128 ? 1.445   0.176   3.200   1.00 30.12  ? 128 ILE A CB  1 
ATOM   921  C CG1 . ILE A 1 128 ? 2.748   -0.315  3.878   1.00 30.55  ? 128 ILE A CG1 1 
ATOM   922  C CG2 . ILE A 1 128 ? 1.663   1.269   2.108   1.00 29.14  ? 128 ILE A CG2 1 
ATOM   923  C CD1 . ILE A 1 128 ? 3.692   -1.106  2.912   1.00 30.68  ? 128 ILE A CD1 1 
ATOM   924  N N   . LEU A 1 129 ? -1.632  0.384   2.996   1.00 28.71  ? 129 LEU A N   1 
ATOM   925  C CA  . LEU A 1 129 ? -2.849  0.795   2.318   1.00 28.29  ? 129 LEU A CA  1 
ATOM   926  C C   . LEU A 1 129 ? -3.772  1.554   3.254   1.00 28.70  ? 129 LEU A C   1 
ATOM   927  O O   . LEU A 1 129 ? -4.140  2.671   2.938   1.00 29.78  ? 129 LEU A O   1 
ATOM   928  C CB  . LEU A 1 129 ? -3.511  -0.400  1.618   1.00 27.86  ? 129 LEU A CB  1 
ATOM   929  C CG  . LEU A 1 129 ? -2.586  -1.009  0.548   1.00 26.83  ? 129 LEU A CG  1 
ATOM   930  C CD1 . LEU A 1 129 ? -3.155  -2.271  -0.092  1.00 22.64  ? 129 LEU A CD1 1 
ATOM   931  C CD2 . LEU A 1 129 ? -2.070  0.032   -0.509  1.00 24.41  ? 129 LEU A CD2 1 
ATOM   932  N N   . ILE A 1 130 ? -4.064  0.982   4.426   1.00 29.36  ? 130 ILE A N   1 
ATOM   933  C CA  . ILE A 1 130 ? -4.753  1.659   5.529   1.00 29.54  ? 130 ILE A CA  1 
ATOM   934  C C   . ILE A 1 130 ? -4.162  3.001   5.937   1.00 29.22  ? 130 ILE A C   1 
ATOM   935  O O   . ILE A 1 130 ? -4.861  3.983   6.094   1.00 29.33  ? 130 ILE A O   1 
ATOM   936  C CB  . ILE A 1 130 ? -4.806  0.759   6.772   1.00 30.19  ? 130 ILE A CB  1 
ATOM   937  C CG1 . ILE A 1 130 ? -5.645  -0.478  6.487   1.00 28.97  ? 130 ILE A CG1 1 
ATOM   938  C CG2 . ILE A 1 130 ? -5.393  1.532   8.014   1.00 28.80  ? 130 ILE A CG2 1 
ATOM   939  C CD1 . ILE A 1 130 ? -5.665  -1.496  7.732   1.00 31.18  ? 130 ILE A CD1 1 
ATOM   940  N N   . SER A 1 131 ? -2.855  3.045   6.091   1.00 29.99  ? 131 SER A N   1 
ATOM   941  C CA  . SER A 1 131 ? -2.160  4.296   6.410   1.00 30.27  ? 131 SER A CA  1 
ATOM   942  C C   . SER A 1 131 ? -2.315  5.378   5.379   1.00 30.07  ? 131 SER A C   1 
ATOM   943  O O   . SER A 1 131 ? -2.402  6.549   5.736   1.00 30.74  ? 131 SER A O   1 
ATOM   944  C CB  . SER A 1 131 ? -0.684  4.032   6.646   1.00 29.29  ? 131 SER A CB  1 
ATOM   945  O OG  . SER A 1 131 ? -0.561  3.472   7.922   1.00 31.62  ? 131 SER A OG  1 
ATOM   946  N N   . LEU A 1 132 ? -2.303  4.985   4.110   1.00 30.47  ? 132 LEU A N   1 
ATOM   947  C CA  . LEU A 1 132 ? -2.497  5.917   3.007   1.00 30.91  ? 132 LEU A CA  1 
ATOM   948  C C   . LEU A 1 132 ? -3.925  6.451   2.954   1.00 31.00  ? 132 LEU A C   1 
ATOM   949  O O   . LEU A 1 132 ? -4.137  7.644   2.738   1.00 30.19  ? 132 LEU A O   1 
ATOM   950  C CB  . LEU A 1 132 ? -2.073  5.278   1.680   1.00 31.29  ? 132 LEU A CB  1 
ATOM   951  C CG  . LEU A 1 132 ? -0.543  5.110   1.501   1.00 31.95  ? 132 LEU A CG  1 
ATOM   952  C CD1 . LEU A 1 132 ? -0.243  4.258   0.231   1.00 33.55  ? 132 LEU A CD1 1 
ATOM   953  C CD2 . LEU A 1 132 ? 0.149   6.452   1.440   1.00 28.64  ? 132 LEU A CD2 1 
ATOM   954  N N   . ARG A 1 133 ? -4.901  5.590   3.221   1.00 31.40  ? 133 ARG A N   1 
ATOM   955  C CA  . ARG A 1 133 ? -6.260  6.066   3.281   1.00 32.71  ? 133 ARG A CA  1 
ATOM   956  C C   . ARG A 1 133 ? -6.495  7.016   4.465   1.00 33.35  ? 133 ARG A C   1 
ATOM   957  O O   . ARG A 1 133 ? -7.304  7.917   4.365   1.00 33.42  ? 133 ARG A O   1 
ATOM   958  C CB  . ARG A 1 133 ? -7.232  4.902   3.326   1.00 33.49  ? 133 ARG A CB  1 
ATOM   959  C CG  . ARG A 1 133 ? -8.378  5.118   2.439   1.00 35.29  ? 133 ARG A CG  1 
ATOM   960  C CD  . ARG A 1 133 ? -8.973  3.818   1.932   1.00 38.24  ? 133 ARG A CD  1 
ATOM   961  N NE  . ARG A 1 133 ? -10.067 3.458   2.805   1.00 42.09  ? 133 ARG A NE  1 
ATOM   962  C CZ  . ARG A 1 133 ? -11.232 4.093   2.893   1.00 39.13  ? 133 ARG A CZ  1 
ATOM   963  N NH1 . ARG A 1 133 ? -12.117 3.661   3.768   1.00 41.53  ? 133 ARG A NH1 1 
ATOM   964  N NH2 . ARG A 1 133 ? -11.526 5.120   2.127   1.00 35.81  ? 133 ARG A NH2 1 
ATOM   965  N N   . GLN A 1 134 ? -5.768  6.833   5.568   1.00 33.78  ? 134 GLN A N   1 
ATOM   966  C CA  . GLN A 1 134 ? -5.903  7.719   6.727   1.00 34.11  ? 134 GLN A CA  1 
ATOM   967  C C   . GLN A 1 134 ? -5.243  9.055   6.533   1.00 34.21  ? 134 GLN A C   1 
ATOM   968  O O   . GLN A 1 134 ? -5.743  10.068  7.004   1.00 33.92  ? 134 GLN A O   1 
ATOM   969  C CB  . GLN A 1 134 ? -5.409  7.031   7.990   1.00 33.82  ? 134 GLN A CB  1 
ATOM   970  C CG  . GLN A 1 134 ? -6.381  5.887   8.379   1.00 37.28  ? 134 GLN A CG  1 
ATOM   971  C CD  . GLN A 1 134 ? -7.552  6.374   9.230   1.00 37.99  ? 134 GLN A CD  1 
ATOM   972  O OE1 . GLN A 1 134 ? -7.420  7.316   10.027  1.00 41.67  ? 134 GLN A OE1 1 
ATOM   973  N NE2 . GLN A 1 134 ? -8.674  5.727   9.090   1.00 38.28  ? 134 GLN A NE2 1 
ATOM   974  N N   . GLU A 1 135 ? -4.127  9.053   5.815   1.00 34.67  ? 135 GLU A N   1 
ATOM   975  C CA  . GLU A 1 135 ? -3.470  10.275  5.405   1.00 35.40  ? 135 GLU A CA  1 
ATOM   976  C C   . GLU A 1 135 ? -4.364  11.227  4.618   1.00 35.07  ? 135 GLU A C   1 
ATOM   977  O O   . GLU A 1 135 ? -4.117  12.425  4.637   1.00 35.33  ? 135 GLU A O   1 
ATOM   978  C CB  . GLU A 1 135 ? -2.242  9.956   4.554   1.00 35.81  ? 135 GLU A CB  1 
ATOM   979  C CG  . GLU A 1 135 ? -1.043  9.560   5.376   1.00 38.95  ? 135 GLU A CG  1 
ATOM   980  C CD  . GLU A 1 135 ? -0.683  10.576  6.435   1.00 42.93  ? 135 GLU A CD  1 
ATOM   981  O OE1 . GLU A 1 135 ? -0.198  11.682  6.065   1.00 45.55  ? 135 GLU A OE1 1 
ATOM   982  O OE2 . GLU A 1 135 ? -0.876  10.258  7.638   1.00 42.67  ? 135 GLU A OE2 1 
ATOM   983  N N   . MET A 1 136 ? -5.354  10.686  3.905   1.00 34.70  ? 136 MET A N   1 
ATOM   984  C CA  . MET A 1 136 ? -6.282  11.476  3.109   1.00 35.19  ? 136 MET A CA  1 
ATOM   985  C C   . MET A 1 136 ? -7.168  12.331  3.996   1.00 37.01  ? 136 MET A C   1 
ATOM   986  O O   . MET A 1 136 ? -7.617  13.387  3.564   1.00 36.97  ? 136 MET A O   1 
ATOM   987  C CB  . MET A 1 136 ? -7.170  10.581  2.256   1.00 34.31  ? 136 MET A CB  1 
ATOM   988  C CG  . MET A 1 136 ? -6.503  9.969   1.070   1.00 30.60  ? 136 MET A CG  1 
ATOM   989  S SD  . MET A 1 136 ? -7.592  8.692   0.506   1.00 33.68  ? 136 MET A SD  1 
ATOM   990  C CE  . MET A 1 136 ? -6.722  8.327   -1.039  1.00 30.32  ? 136 MET A CE  1 
ATOM   991  N N   . LEU A 1 137 ? -7.402  11.859  5.228   1.00 38.68  ? 137 LEU A N   1 
ATOM   992  C CA  . LEU A 1 137 ? -8.193  12.580  6.236   1.00 40.36  ? 137 LEU A CA  1 
ATOM   993  C C   . LEU A 1 137 ? -7.451  13.718  6.900   1.00 41.65  ? 137 LEU A C   1 
ATOM   994  O O   . LEU A 1 137 ? -8.066  14.517  7.601   1.00 43.29  ? 137 LEU A O   1 
ATOM   995  C CB  . LEU A 1 137 ? -8.714  11.646  7.332   1.00 39.85  ? 137 LEU A CB  1 
ATOM   996  C CG  . LEU A 1 137 ? -9.748  10.607  6.933   1.00 39.79  ? 137 LEU A CG  1 
ATOM   997  C CD1 . LEU A 1 137 ? -10.043 9.742   8.120   1.00 40.64  ? 137 LEU A CD1 1 
ATOM   998  C CD2 . LEU A 1 137 ? -11.016 11.248  6.373   1.00 38.11  ? 137 LEU A CD2 1 
ATOM   999  N N   . SER A 1 138 ? -6.147  13.826  6.706   1.00 42.87  ? 138 SER A N   1 
ATOM   1000 C CA  . SER A 1 138 ? -5.421  14.854  7.456   1.00 44.08  ? 138 SER A CA  1 
ATOM   1001 C C   . SER A 1 138 ? -5.664  16.220  6.843   1.00 45.48  ? 138 SER A C   1 
ATOM   1002 O O   . SER A 1 138 ? -6.104  16.298  5.695   1.00 46.30  ? 138 SER A O   1 
ATOM   1003 C CB  . SER A 1 138 ? -3.928  14.553  7.540   1.00 43.26  ? 138 SER A CB  1 
ATOM   1004 O OG  . SER A 1 138 ? -3.307  14.884  6.327   1.00 43.18  ? 138 SER A OG  1 
ATOM   1005 N N   . SER A 1 139 ? -5.342  17.283  7.590   1.00 46.37  ? 139 SER A N   1 
ATOM   1006 C CA  . SER A 1 139 ? -5.645  18.654  7.187   1.00 47.14  ? 139 SER A CA  1 
ATOM   1007 C C   . SER A 1 139 ? -4.644  19.211  6.175   1.00 47.39  ? 139 SER A C   1 
ATOM   1008 O O   . SER A 1 139 ? -4.949  20.164  5.428   1.00 47.31  ? 139 SER A O   1 
ATOM   1009 C CB  . SER A 1 139 ? -5.757  19.567  8.420   1.00 47.87  ? 139 SER A CB  1 
ATOM   1010 O OG  . SER A 1 139 ? -6.942  19.243  9.159   1.00 49.61  ? 139 SER A OG  1 
ATOM   1011 N N   . ALA A 1 140 ? -3.450  18.623  6.147   1.00 46.82  ? 140 ALA A N   1 
ATOM   1012 C CA  . ALA A 1 140 ? -2.480  18.943  5.106   1.00 45.86  ? 140 ALA A CA  1 
ATOM   1013 C C   . ALA A 1 140 ? -2.872  18.339  3.734   1.00 45.55  ? 140 ALA A C   1 
ATOM   1014 O O   . ALA A 1 140 ? -2.316  18.743  2.704   1.00 45.90  ? 140 ALA A O   1 
ATOM   1015 C CB  . ALA A 1 140 ? -1.107  18.486  5.519   1.00 45.66  ? 140 ALA A CB  1 
ATOM   1016 N N   . ASN A 1 141 ? -3.829  17.399  3.719   1.00 44.94  ? 141 ASN A N   1 
ATOM   1017 C CA  . ASN A 1 141 ? -4.207  16.685  2.482   1.00 44.30  ? 141 ASN A CA  1 
ATOM   1018 C C   . ASN A 1 141 ? -5.659  16.840  2.035   1.00 44.52  ? 141 ASN A C   1 
ATOM   1019 O O   . ASN A 1 141 ? -5.917  16.929  0.843   1.00 43.93  ? 141 ASN A O   1 
ATOM   1020 C CB  . ASN A 1 141 ? -3.894  15.173  2.556   1.00 43.31  ? 141 ASN A CB  1 
ATOM   1021 C CG  . ASN A 1 141 ? -2.424  14.858  2.721   1.00 42.50  ? 141 ASN A CG  1 
ATOM   1022 O OD1 . ASN A 1 141 ? -1.545  15.457  2.105   1.00 43.43  ? 141 ASN A OD1 1 
ATOM   1023 N ND2 . ASN A 1 141 ? -2.153  13.864  3.531   1.00 42.97  ? 141 ASN A ND2 1 
ATOM   1024 N N   . LYS A 1 142 ? -6.604  16.827  2.974   1.00 45.74  ? 142 LYS A N   1 
ATOM   1025 C CA  . LYS A 1 142 ? -8.035  16.681  2.635   1.00 47.34  ? 142 LYS A CA  1 
ATOM   1026 C C   . LYS A 1 142 ? -8.699  17.804  1.816   1.00 48.37  ? 142 LYS A C   1 
ATOM   1027 O O   . LYS A 1 142 ? -9.783  17.596  1.274   1.00 48.49  ? 142 LYS A O   1 
ATOM   1028 C CB  . LYS A 1 142 ? -8.859  16.450  3.891   1.00 47.75  ? 142 LYS A CB  1 
ATOM   1029 C CG  . LYS A 1 142 ? -9.103  17.709  4.705   1.00 48.71  ? 142 LYS A CG  1 
ATOM   1030 C CD  . LYS A 1 142 ? -9.415  17.299  6.093   1.00 51.16  ? 142 LYS A CD  1 
ATOM   1031 C CE  . LYS A 1 142 ? -10.443 18.162  6.703   1.00 54.04  ? 142 LYS A CE  1 
ATOM   1032 N NZ  . LYS A 1 142 ? -10.375 17.887  8.164   1.00 58.25  ? 142 LYS A NZ  1 
ATOM   1033 N N   . ARG A 1 143 ? -8.058  18.973  1.756   1.00 49.69  ? 143 ARG A N   1 
ATOM   1034 C CA  . ARG A 1 143 ? -8.528  20.114  0.974   1.00 51.59  ? 143 ARG A CA  1 
ATOM   1035 C C   . ARG A 1 143 ? -7.553  20.440  -0.145  1.00 51.46  ? 143 ARG A C   1 
ATOM   1036 O O   . ARG A 1 143 ? -7.675  21.474  -0.789  1.00 52.22  ? 143 ARG A O   1 
ATOM   1037 C CB  . ARG A 1 143 ? -8.706  21.354  1.865   1.00 51.35  ? 143 ARG A CB  1 
ATOM   1038 C CG  . ARG A 1 143 ? -9.991  21.347  2.690   1.00 53.47  ? 143 ARG A CG  1 
ATOM   1039 C CD  . ARG A 1 143 ? -10.086 22.568  3.618   1.00 54.63  ? 143 ARG A CD  1 
ATOM   1040 N NE  . ARG A 1 143 ? -8.986  22.591  4.594   1.00 62.04  ? 143 ARG A NE  1 
ATOM   1041 C CZ  . ARG A 1 143 ? -9.079  22.175  5.862   1.00 63.80  ? 143 ARG A CZ  1 
ATOM   1042 N NH1 . ARG A 1 143 ? -8.001  22.235  6.645   1.00 65.09  ? 143 ARG A NH1 1 
ATOM   1043 N NH2 . ARG A 1 143 ? -10.234 21.705  6.351   1.00 62.00  ? 143 ARG A NH2 1 
ATOM   1044 N N   . LEU A 1 144 ? -6.592  19.557  -0.382  1.00 51.63  ? 144 LEU A N   1 
ATOM   1045 C CA  . LEU A 1 144 ? -5.573  19.777  -1.402  1.00 52.35  ? 144 LEU A CA  1 
ATOM   1046 C C   . LEU A 1 144 ? -6.168  19.621  -2.819  1.00 52.57  ? 144 LEU A C   1 
ATOM   1047 O O   . LEU A 1 144 ? -6.856  18.630  -3.095  1.00 53.29  ? 144 LEU A O   1 
ATOM   1048 C CB  . LEU A 1 144 ? -4.428  18.792  -1.190  1.00 52.15  ? 144 LEU A CB  1 
ATOM   1049 C CG  . LEU A 1 144 ? -3.003  19.295  -0.983  1.00 53.59  ? 144 LEU A CG  1 
ATOM   1050 C CD1 . LEU A 1 144 ? -2.145  18.089  -0.580  1.00 54.98  ? 144 LEU A CD1 1 
ATOM   1051 C CD2 . LEU A 1 144 ? -2.425  19.981  -2.218  1.00 54.69  ? 144 LEU A CD2 1 
ATOM   1052 N N   . PRO A 1 145 ? -5.945  20.612  -3.706  1.00 52.66  ? 145 PRO A N   1 
ATOM   1053 C CA  . PRO A 1 145 ? -6.402  20.480  -5.112  1.00 52.45  ? 145 PRO A CA  1 
ATOM   1054 C C   . PRO A 1 145 ? -5.763  19.296  -5.875  1.00 51.95  ? 145 PRO A C   1 
ATOM   1055 O O   . PRO A 1 145 ? -4.537  19.171  -5.924  1.00 51.56  ? 145 PRO A O   1 
ATOM   1056 C CB  . PRO A 1 145 ? -6.004  21.831  -5.745  1.00 52.49  ? 145 PRO A CB  1 
ATOM   1057 C CG  . PRO A 1 145 ? -5.868  22.786  -4.556  1.00 52.68  ? 145 PRO A CG  1 
ATOM   1058 C CD  . PRO A 1 145 ? -5.315  21.929  -3.451  1.00 52.65  ? 145 PRO A CD  1 
ATOM   1059 N N   . GLN A 1 146 ? -6.613  18.468  -6.482  1.00 51.56  ? 146 GLN A N   1 
ATOM   1060 C CA  . GLN A 1 146 ? -6.216  17.192  -7.077  1.00 51.31  ? 146 GLN A CA  1 
ATOM   1061 C C   . GLN A 1 146 ? -6.080  17.211  -8.605  1.00 52.34  ? 146 GLN A C   1 
ATOM   1062 O O   . GLN A 1 146 ? -6.771  17.982  -9.278  1.00 52.12  ? 146 GLN A O   1 
ATOM   1063 C CB  . GLN A 1 146 ? -7.238  16.117  -6.699  1.00 50.64  ? 146 GLN A CB  1 
ATOM   1064 C CG  . GLN A 1 146 ? -7.326  15.812  -5.206  1.00 49.05  ? 146 GLN A CG  1 
ATOM   1065 C CD  . GLN A 1 146 ? -6.009  15.336  -4.645  1.00 47.38  ? 146 GLN A CD  1 
ATOM   1066 O OE1 . GLN A 1 146 ? -5.384  14.423  -5.195  1.00 45.73  ? 146 GLN A OE1 1 
ATOM   1067 N NE2 . GLN A 1 146 ? -5.557  15.977  -3.571  1.00 46.90  ? 146 GLN A NE2 1 
ATOM   1068 N N   . PRO A 1 147 ? -5.216  16.326  -9.165  1.00 53.08  ? 147 PRO A N   1 
ATOM   1069 C CA  . PRO A 1 147 ? -5.226  16.104  -10.622 1.00 53.56  ? 147 PRO A CA  1 
ATOM   1070 C C   . PRO A 1 147 ? -6.619  15.652  -11.103 1.00 54.46  ? 147 PRO A C   1 
ATOM   1071 O O   . PRO A 1 147 ? -7.480  15.330  -10.272 1.00 54.30  ? 147 PRO A O   1 
ATOM   1072 C CB  . PRO A 1 147 ? -4.205  14.974  -10.812 1.00 53.31  ? 147 PRO A CB  1 
ATOM   1073 C CG  . PRO A 1 147 ? -3.353  15.006  -9.587  1.00 53.34  ? 147 PRO A CG  1 
ATOM   1074 C CD  . PRO A 1 147 ? -4.206  15.495  -8.481  1.00 52.58  ? 147 PRO A CD  1 
ATOM   1075 N N   . ASN A 1 148 ? -6.855  15.639  -12.417 1.00 55.51  ? 148 ASN A N   1 
ATOM   1076 C CA  . ASN A 1 148 ? -8.122  15.102  -12.936 1.00 56.87  ? 148 ASN A CA  1 
ATOM   1077 C C   . ASN A 1 148 ? -8.252  13.619  -12.609 1.00 56.97  ? 148 ASN A C   1 
ATOM   1078 O O   . ASN A 1 148 ? -7.248  12.900  -12.566 1.00 56.67  ? 148 ASN A O   1 
ATOM   1079 C CB  . ASN A 1 148 ? -8.268  15.331  -14.447 1.00 57.41  ? 148 ASN A CB  1 
ATOM   1080 C CG  . ASN A 1 148 ? -8.431  16.807  -14.810 1.00 59.71  ? 148 ASN A CG  1 
ATOM   1081 O OD1 . ASN A 1 148 ? -9.191  17.550  -14.173 1.00 61.48  ? 148 ASN A OD1 1 
ATOM   1082 N ND2 . ASN A 1 148 ? -7.710  17.236  -15.842 1.00 62.27  ? 148 ASN A ND2 1 
ATOM   1083 N N   . GLU A 1 149 ? -9.487  13.178  -12.382 1.00 57.20  ? 149 GLU A N   1 
ATOM   1084 C CA  . GLU A 1 149 ? -9.758  11.795  -11.990 1.00 57.95  ? 149 GLU A CA  1 
ATOM   1085 C C   . GLU A 1 149 ? -9.330  10.787  -13.055 1.00 57.94  ? 149 GLU A C   1 
ATOM   1086 O O   . GLU A 1 149 ? -9.573  10.982  -14.241 1.00 58.12  ? 149 GLU A O   1 
ATOM   1087 C CB  . GLU A 1 149 ? -11.239 11.596  -11.603 1.00 57.57  ? 149 GLU A CB  1 
ATOM   1088 C CG  . GLU A 1 149 ? -11.678 10.130  -11.544 1.00 57.85  ? 149 GLU A CG  1 
ATOM   1089 C CD  . GLU A 1 149 ? -12.953 9.907   -10.744 1.00 59.43  ? 149 GLU A CD  1 
ATOM   1090 O OE1 . GLU A 1 149 ? -13.745 10.864  -10.600 1.00 61.32  ? 149 GLU A OE1 1 
ATOM   1091 O OE2 . GLU A 1 149 ? -13.166 8.765   -10.255 1.00 61.28  ? 149 GLU A OE2 1 
ATOM   1092 N N   . GLY A 1 150 ? -8.675  9.715   -12.611 1.00 58.17  ? 150 GLY A N   1 
ATOM   1093 C CA  . GLY A 1 150 ? -8.238  8.635   -13.493 1.00 58.03  ? 150 GLY A CA  1 
ATOM   1094 C C   . GLY A 1 150 ? -6.941  8.886   -14.244 1.00 57.69  ? 150 GLY A C   1 
ATOM   1095 O O   . GLY A 1 150 ? -6.386  7.953   -14.842 1.00 58.10  ? 150 GLY A O   1 
ATOM   1096 N N   . GLU A 1 151 ? -6.477  10.135  -14.228 1.00 56.96  ? 151 GLU A N   1 
ATOM   1097 C CA  . GLU A 1 151 ? -5.148  10.508  -14.720 1.00 56.64  ? 151 GLU A CA  1 
ATOM   1098 C C   . GLU A 1 151 ? -4.022  9.691   -14.075 1.00 56.07  ? 151 GLU A C   1 
ATOM   1099 O O   . GLU A 1 151 ? -4.010  9.496   -12.865 1.00 55.86  ? 151 GLU A O   1 
ATOM   1100 C CB  . GLU A 1 151 ? -4.921  11.989  -14.445 1.00 57.02  ? 151 GLU A CB  1 
ATOM   1101 C CG  . GLU A 1 151 ? -3.713  12.593  -15.113 1.00 57.81  ? 151 GLU A CG  1 
ATOM   1102 C CD  . GLU A 1 151 ? -4.024  13.965  -15.656 1.00 59.79  ? 151 GLU A CD  1 
ATOM   1103 O OE1 . GLU A 1 151 ? -4.536  14.014  -16.793 1.00 59.87  ? 151 GLU A OE1 1 
ATOM   1104 O OE2 . GLU A 1 151 ? -3.789  14.982  -14.945 1.00 59.64  ? 151 GLU A OE2 1 
ATOM   1105 N N   . VAL A 1 152 ? -3.090  9.209   -14.896 1.00 55.89  ? 152 VAL A N   1 
ATOM   1106 C CA  . VAL A 1 152 ? -1.954  8.410   -14.430 1.00 55.40  ? 152 VAL A CA  1 
ATOM   1107 C C   . VAL A 1 152 ? -0.624  9.131   -14.660 1.00 55.38  ? 152 VAL A C   1 
ATOM   1108 O O   . VAL A 1 152 ? -0.581  10.154  -15.357 1.00 55.19  ? 152 VAL A O   1 
ATOM   1109 C CB  . VAL A 1 152 ? -1.901  6.993   -15.091 1.00 55.71  ? 152 VAL A CB  1 
ATOM   1110 C CG1 . VAL A 1 152 ? -3.239  6.241   -14.952 1.00 56.01  ? 152 VAL A CG1 1 
ATOM   1111 C CG2 . VAL A 1 152 ? -1.424  7.057   -16.561 1.00 56.01  ? 152 VAL A CG2 1 
ATOM   1112 N N   . TYR A 1 153 ? 0.446   8.606   -14.055 1.00 55.13  ? 153 TYR A N   1 
ATOM   1113 C CA  . TYR A 1 153 ? 1.818   9.056   -14.320 1.00 55.09  ? 153 TYR A CA  1 
ATOM   1114 C C   . TYR A 1 153 ? 2.349   8.345   -15.572 1.00 55.75  ? 153 TYR A C   1 
ATOM   1115 O O   . TYR A 1 153 ? 3.292   8.813   -16.220 1.00 56.63  ? 153 TYR A O   1 
ATOM   1116 C CB  . TYR A 1 153 ? 2.746   8.761   -13.126 1.00 54.15  ? 153 TYR A CB  1 
ATOM   1117 C CG  . TYR A 1 153 ? 2.360   9.456   -11.834 1.00 52.91  ? 153 TYR A CG  1 
ATOM   1118 C CD1 . TYR A 1 153 ? 1.595   8.798   -10.870 1.00 51.16  ? 153 TYR A CD1 1 
ATOM   1119 C CD2 . TYR A 1 153 ? 2.764   10.772  -11.573 1.00 51.46  ? 153 TYR A CD2 1 
ATOM   1120 C CE1 . TYR A 1 153 ? 1.228   9.432   -9.686  1.00 50.63  ? 153 TYR A CE1 1 
ATOM   1121 C CE2 . TYR A 1 153 ? 2.404   11.415  -10.392 1.00 51.12  ? 153 TYR A CE2 1 
ATOM   1122 C CZ  . TYR A 1 153 ? 1.638   10.736  -9.452  1.00 51.40  ? 153 TYR A CZ  1 
ATOM   1123 O OH  . TYR A 1 153 ? 1.283   11.356  -8.282  1.00 51.58  ? 153 TYR A OH  1 
HETATM 1124 P P   . PO4 B 2 .   ? 8.860   10.226  14.575  1.00 120.84 ? 157 PO4 A P   1 
HETATM 1125 O O1  . PO4 B 2 .   ? 8.735   11.714  14.337  1.00 120.51 ? 157 PO4 A O1  1 
HETATM 1126 O O2  . PO4 B 2 .   ? 7.860   9.492   13.702  1.00 120.57 ? 157 PO4 A O2  1 
HETATM 1127 O O3  . PO4 B 2 .   ? 10.257  9.750   14.246  1.00 120.56 ? 157 PO4 A O3  1 
HETATM 1128 O O4  . PO4 B 2 .   ? 8.604   9.950   16.037  1.00 120.67 ? 157 PO4 A O4  1 
HETATM 1129 O O   . HOH C 3 .   ? -1.338  -7.572  3.696   1.00 34.81  ? 158 HOH A O   1 
HETATM 1130 O O   . HOH C 3 .   ? 4.700   -24.549 21.253  1.00 53.08  ? 159 HOH A O   1 
HETATM 1131 O O   . HOH C 3 .   ? -7.827  -7.651  -1.587  1.00 33.87  ? 160 HOH A O   1 
HETATM 1132 O O   . HOH C 3 .   ? -15.246 8.197   -1.170  1.00 47.95  ? 161 HOH A O   1 
HETATM 1133 O O   . HOH C 3 .   ? 3.681   -10.071 -9.143  1.00 45.31  ? 162 HOH A O   1 
HETATM 1134 O O   . HOH C 3 .   ? 11.658  10.261  -4.823  1.00 34.02  ? 163 HOH A O   1 
HETATM 1135 O O   . HOH C 3 .   ? -6.850  12.752  -6.742  1.00 43.38  ? 164 HOH A O   1 
HETATM 1136 O O   . HOH C 3 .   ? 11.231  -3.056  -1.528  1.00 52.00  ? 165 HOH A O   1 
HETATM 1137 O O   . HOH C 3 .   ? 2.056   14.837  -4.097  1.00 42.72  ? 166 HOH A O   1 
HETATM 1138 O O   . HOH C 3 .   ? 12.466  -14.116 -3.805  1.00 47.30  ? 167 HOH A O   1 
HETATM 1139 O O   . HOH C 3 .   ? 2.137   13.612  -6.797  1.00 40.84  ? 168 HOH A O   1 
HETATM 1140 O O   . HOH C 3 .   ? 7.112   -10.363 13.726  1.00 50.16  ? 169 HOH A O   1 
HETATM 1141 O O   . HOH C 3 .   ? -8.062  21.734  9.356   1.00 56.83  ? 170 HOH A O   1 
HETATM 1142 O O   . HOH C 3 .   ? -8.059  3.586   6.356   1.00 50.51  ? 171 HOH A O   1 
HETATM 1143 O O   . HOH C 3 .   ? -12.995 13.485  -5.642  1.00 54.69  ? 172 HOH A O   1 
HETATM 1144 O O   . HOH C 3 .   ? 4.382   -18.340 13.315  1.00 36.20  ? 173 HOH A O   1 
HETATM 1145 O O   . HOH C 3 .   ? 6.878   0.023   -5.810  1.00 45.01  ? 174 HOH A O   1 
HETATM 1146 O O   . HOH C 3 .   ? 3.239   -22.610 12.986  1.00 49.91  ? 175 HOH A O   1 
HETATM 1147 O O   . HOH C 3 .   ? 10.370  -19.546 15.530  1.00 52.99  ? 176 HOH A O   1 
HETATM 1148 O O   . HOH C 3 .   ? -3.646  -12.056 -6.351  1.00 41.27  ? 177 HOH A O   1 
HETATM 1149 O O   . HOH C 3 .   ? 1.884   6.236   8.880   1.00 43.55  ? 178 HOH A O   1 
HETATM 1150 O O   . HOH C 3 .   ? -8.593  9.134   -9.542  1.00 46.13  ? 179 HOH A O   1 
HETATM 1151 O O   . HOH C 3 .   ? 3.514   -28.280 5.865   1.00 55.24  ? 180 HOH A O   1 
HETATM 1152 O O   . HOH C 3 .   ? 11.647  -17.524 2.140   1.00 52.06  ? 181 HOH A O   1 
HETATM 1153 O O   . HOH C 3 .   ? 4.303   9.304   13.750  1.00 65.23  ? 182 HOH A O   1 
HETATM 1154 O O   . HOH C 3 .   ? -3.720  -1.753  -9.098  1.00 36.32  ? 183 HOH A O   1 
HETATM 1155 O O   . HOH C 3 .   ? 16.414  -7.539  -2.666  1.00 48.49  ? 184 HOH A O   1 
HETATM 1156 O O   . HOH C 3 .   ? -7.155  -6.608  -5.526  1.00 57.58  ? 185 HOH A O   1 
HETATM 1157 O O   . HOH C 3 .   ? 2.166   9.822   12.319  1.00 54.87  ? 186 HOH A O   1 
HETATM 1158 O O   . HOH C 3 .   ? -9.346  18.535  -6.292  1.00 41.68  ? 187 HOH A O   1 
HETATM 1159 O O   . HOH C 3 .   ? -3.981  -15.045 5.815   1.00 37.24  ? 188 HOH A O   1 
HETATM 1160 O O   . HOH C 3 .   ? -1.742  -28.721 9.181   1.00 43.61  ? 189 HOH A O   1 
HETATM 1161 O O   . HOH C 3 .   ? -12.902 -7.123  2.494   1.00 50.92  ? 190 HOH A O   1 
HETATM 1162 O O   . HOH C 3 .   ? -15.274 -7.755  0.198   1.00 42.19  ? 191 HOH A O   1 
HETATM 1163 O O   . HOH C 3 .   ? 10.882  -4.544  1.113   1.00 57.17  ? 192 HOH A O   1 
HETATM 1164 O O   . HOH C 3 .   ? -11.638 2.929   7.468   1.00 47.61  ? 193 HOH A O   1 
HETATM 1165 O O   . HOH C 3 .   ? -10.925 -8.161  5.613   1.00 30.92  ? 194 HOH A O   1 
HETATM 1166 O O   . HOH C 3 .   ? 3.906   -21.417 10.308  1.00 51.53  ? 195 HOH A O   1 
HETATM 1167 O O   . HOH C 3 .   ? -10.757 7.210   -10.558 1.00 47.96  ? 196 HOH A O   1 
HETATM 1168 O O   . HOH C 3 .   ? -6.313  -4.619  -6.426  1.00 54.05  ? 197 HOH A O   1 
HETATM 1169 O O   . HOH C 3 .   ? 9.467   2.608   1.384   1.00 37.49  ? 198 HOH A O   1 
HETATM 1170 O O   . HOH C 3 .   ? 0.344   12.934  3.936   1.00 42.61  ? 199 HOH A O   1 
HETATM 1171 O O   . HOH C 3 .   ? -5.563  4.856   -12.584 1.00 47.69  ? 200 HOH A O   1 
HETATM 1172 O O   . HOH C 3 .   ? 8.069   4.010   -0.841  1.00 43.12  ? 201 HOH A O   1 
HETATM 1173 O O   . HOH C 3 .   ? 13.473  -10.927 5.788   1.00 46.31  ? 202 HOH A O   1 
HETATM 1174 O O   . HOH C 3 .   ? 3.022   -17.009 -7.766  1.00 56.10  ? 203 HOH A O   1 
HETATM 1175 O O   . HOH C 3 .   ? -6.785  -14.464 5.370   1.00 50.02  ? 204 HOH A O   1 
HETATM 1176 O O   . HOH C 3 .   ? 9.216   0.019   15.616  1.00 49.82  ? 205 HOH A O   1 
HETATM 1177 O O   . HOH C 3 .   ? -1.135  -1.017  -10.030 1.00 54.54  ? 206 HOH A O   1 
HETATM 1178 O O   . HOH C 3 .   ? 7.925   16.721  2.057   1.00 46.42  ? 207 HOH A O   1 
HETATM 1179 O O   . HOH C 3 .   ? -11.037 17.452  -12.490 1.00 55.85  ? 208 HOH A O   1 
HETATM 1180 O O   . HOH C 3 .   ? 9.625   -13.006 -10.634 1.00 52.15  ? 209 HOH A O   1 
HETATM 1181 O O   . HOH C 3 .   ? -6.969  10.957  -10.010 1.00 50.55  ? 210 HOH A O   1 
HETATM 1182 O O   . HOH C 3 .   ? 4.298   16.646  -5.451  1.00 53.70  ? 211 HOH A O   1 
HETATM 1183 O O   . HOH C 3 .   ? 11.284  7.017   -0.118  1.00 36.93  ? 212 HOH A O   1 
HETATM 1184 O O   . HOH C 3 .   ? 11.964  9.638   -0.537  0.50 18.42  ? 213 HOH A O   1 
# 
loop_
_pdbx_poly_seq_scheme.asym_id 
_pdbx_poly_seq_scheme.entity_id 
_pdbx_poly_seq_scheme.seq_id 
_pdbx_poly_seq_scheme.mon_id 
_pdbx_poly_seq_scheme.ndb_seq_num 
_pdbx_poly_seq_scheme.pdb_seq_num 
_pdbx_poly_seq_scheme.auth_seq_num 
_pdbx_poly_seq_scheme.pdb_mon_id 
_pdbx_poly_seq_scheme.auth_mon_id 
_pdbx_poly_seq_scheme.pdb_strand_id 
_pdbx_poly_seq_scheme.pdb_ins_code 
_pdbx_poly_seq_scheme.hetero 
A 1 1   MET 1   1   ?   ?   ?   A . n 
A 1 2   HIS 2   2   ?   ?   ?   A . n 
A 1 3   HIS 3   3   ?   ?   ?   A . n 
A 1 4   HIS 4   4   ?   ?   ?   A . n 
A 1 5   HIS 5   5   ?   ?   ?   A . n 
A 1 6   HIS 6   6   ?   ?   ?   A . n 
A 1 7   HIS 7   7   ?   ?   ?   A . n 
A 1 8   SER 8   8   ?   ?   ?   A . n 
A 1 9   SER 9   9   ?   ?   ?   A . n 
A 1 10  GLY 10  10  ?   ?   ?   A . n 
A 1 11  ARG 11  11  ?   ?   ?   A . n 
A 1 12  GLU 12  12  ?   ?   ?   A . n 
A 1 13  ASN 13  13  13  ASN ASN A . n 
A 1 14  LEU 14  14  14  LEU LEU A . n 
A 1 15  TYR 15  15  15  TYR TYR A . n 
A 1 16  PHE 16  16  16  PHE PHE A . n 
A 1 17  GLN 17  17  17  GLN GLN A . n 
A 1 18  GLY 18  18  18  GLY GLY A . n 
A 1 19  ILE 19  19  19  ILE ILE A . n 
A 1 20  VAL 20  20  20  VAL VAL A . n 
A 1 21  PRO 21  21  21  PRO PRO A . n 
A 1 22  ARG 22  22  22  ARG ARG A . n 
A 1 23  SER 23  23  23  SER SER A . n 
A 1 24  PHE 24  24  24  PHE PHE A . n 
A 1 25  ARG 25  25  25  ARG ARG A . n 
A 1 26  LEU 26  26  26  LEU LEU A . n 
A 1 27  LEU 27  27  27  LEU LEU A . n 
A 1 28  ASP 28  28  28  ASP ASP A . n 
A 1 29  GLU 29  29  29  GLU GLU A . n 
A 1 30  LEU 30  30  30  LEU LEU A . n 
A 1 31  GLU 31  31  31  GLU GLU A . n 
A 1 32  ARG 32  32  32  ARG ARG A . n 
A 1 33  GLY 33  33  33  GLY GLY A . n 
A 1 34  GLN 34  34  34  GLN GLN A . n 
A 1 35  LYS 35  35  35  LYS LYS A . n 
A 1 36  GLY 36  36  36  GLY GLY A . n 
A 1 37  ASN 37  37  ?   ?   ?   A . n 
A 1 38  VAL 38  38  38  VAL VAL A . n 
A 1 39  SER 39  39  39  SER SER A . n 
A 1 40  GLU 40  40  40  GLU GLU A . n 
A 1 41  GLY 41  41  41  GLY GLY A . n 
A 1 42  VAL 42  42  42  VAL VAL A . n 
A 1 43  SER 43  43  43  SER SER A . n 
A 1 44  PHE 44  44  44  PHE PHE A . n 
A 1 45  GLY 45  45  45  GLY GLY A . n 
A 1 46  LEU 46  46  46  LEU LEU A . n 
A 1 47  GLU 47  47  47  GLU GLU A . n 
A 1 48  SER 48  48  48  SER SER A . n 
A 1 49  ALA 49  49  49  ALA ALA A . n 
A 1 50  ASP 50  50  50  ASP ASP A . n 
A 1 51  ASP 51  51  51  ASP ASP A . n 
A 1 52  ILE 52  52  52  ILE ILE A . n 
A 1 53  THR 53  53  53  THR THR A . n 
A 1 54  LEU 54  54  54  LEU LEU A . n 
A 1 55  SER 55  55  55  SER SER A . n 
A 1 56  ASN 56  56  56  ASN ASN A . n 
A 1 57  TRP 57  57  57  TRP TRP A . n 
A 1 58  SER 58  58  58  SER SER A . n 
A 1 59  CYS 59  59  59  CYS CYS A . n 
A 1 60  THR 60  60  60  THR THR A . n 
A 1 61  ILE 61  61  61  ILE ILE A . n 
A 1 62  PHE 62  62  62  PHE PHE A . n 
A 1 63  GLY 63  63  63  GLY GLY A . n 
A 1 64  GLN 64  64  64  GLN GLN A . n 
A 1 65  PRO 65  65  65  PRO PRO A . n 
A 1 66  GLY 66  66  66  GLY GLY A . n 
A 1 67  THR 67  67  67  THR THR A . n 
A 1 68  VAL 68  68  68  VAL VAL A . n 
A 1 69  PHE 69  69  69  PHE PHE A . n 
A 1 70  GLU 70  70  70  GLU GLU A . n 
A 1 71  ASN 71  71  71  ASN ASN A . n 
A 1 72  ARG 72  72  72  ARG ARG A . n 
A 1 73  ILE 73  73  73  ILE ILE A . n 
A 1 74  TYR 74  74  74  TYR TYR A . n 
A 1 75  SER 75  75  75  SER SER A . n 
A 1 76  LEU 76  76  76  LEU LEU A . n 
A 1 77  THR 77  77  77  THR THR A . n 
A 1 78  ILE 78  78  78  ILE ILE A . n 
A 1 79  PHE 79  79  79  PHE PHE A . n 
A 1 80  CYS 80  80  80  CYS CYS A . n 
A 1 81  ASP 81  81  81  ASP ASP A . n 
A 1 82  ASP 82  82  82  ASP ASP A . n 
A 1 83  ASN 83  83  83  ASN ASN A . n 
A 1 84  TYR 84  84  84  TYR TYR A . n 
A 1 85  PRO 85  85  85  PRO PRO A . n 
A 1 86  ASP 86  86  86  ASP ASP A . n 
A 1 87  SER 87  87  87  SER SER A . n 
A 1 88  PRO 88  88  88  PRO PRO A . n 
A 1 89  PRO 89  89  89  PRO PRO A . n 
A 1 90  THR 90  90  90  THR THR A . n 
A 1 91  VAL 91  91  91  VAL VAL A . n 
A 1 92  LYS 92  92  92  LYS LYS A . n 
A 1 93  PHE 93  93  93  PHE PHE A . n 
A 1 94  ASP 94  94  94  ASP ASP A . n 
A 1 95  THR 95  95  95  THR THR A . n 
A 1 96  LYS 96  96  96  LYS LYS A . n 
A 1 97  ILE 97  97  97  ILE ILE A . n 
A 1 98  GLU 98  98  98  GLU GLU A . n 
A 1 99  MET 99  99  99  MET MET A . n 
A 1 100 SER 100 100 100 SER SER A . n 
A 1 101 CYS 101 101 101 CYS CYS A . n 
A 1 102 VAL 102 102 102 VAL VAL A . n 
A 1 103 ASP 103 103 103 ASP ASP A . n 
A 1 104 ASN 104 104 104 ASN ASN A . n 
A 1 105 CYS 105 105 105 CYS CYS A . n 
A 1 106 GLY 106 106 106 GLY GLY A . n 
A 1 107 ARG 107 107 107 ARG ARG A . n 
A 1 108 VAL 108 108 108 VAL VAL A . n 
A 1 109 ILE 109 109 109 ILE ILE A . n 
A 1 110 LYS 110 110 110 LYS LYS A . n 
A 1 111 ASN 111 111 111 ASN ASN A . n 
A 1 112 ASN 112 112 112 ASN ASN A . n 
A 1 113 LEU 113 113 113 LEU LEU A . n 
A 1 114 HIS 114 114 114 HIS HIS A . n 
A 1 115 ILE 115 115 115 ILE ILE A . n 
A 1 116 LEU 116 116 116 LEU LEU A . n 
A 1 117 LYS 117 117 117 LYS LYS A . n 
A 1 118 ASN 118 118 118 ASN ASN A . n 
A 1 119 TRP 119 119 119 TRP TRP A . n 
A 1 120 ASN 120 120 120 ASN ASN A . n 
A 1 121 ARG 121 121 121 ARG ARG A . n 
A 1 122 ASN 122 122 122 ASN ASN A . n 
A 1 123 TYR 123 123 123 TYR TYR A . n 
A 1 124 THR 124 124 124 THR THR A . n 
A 1 125 ILE 125 125 125 ILE ILE A . n 
A 1 126 GLU 126 126 126 GLU GLU A . n 
A 1 127 THR 127 127 127 THR THR A . n 
A 1 128 ILE 128 128 128 ILE ILE A . n 
A 1 129 LEU 129 129 129 LEU LEU A . n 
A 1 130 ILE 130 130 130 ILE ILE A . n 
A 1 131 SER 131 131 131 SER SER A . n 
A 1 132 LEU 132 132 132 LEU LEU A . n 
A 1 133 ARG 133 133 133 ARG ARG A . n 
A 1 134 GLN 134 134 134 GLN GLN A . n 
A 1 135 GLU 135 135 135 GLU GLU A . n 
A 1 136 MET 136 136 136 MET MET A . n 
A 1 137 LEU 137 137 137 LEU LEU A . n 
A 1 138 SER 138 138 138 SER SER A . n 
A 1 139 SER 139 139 139 SER SER A . n 
A 1 140 ALA 140 140 140 ALA ALA A . n 
A 1 141 ASN 141 141 141 ASN ASN A . n 
A 1 142 LYS 142 142 142 LYS LYS A . n 
A 1 143 ARG 143 143 143 ARG ARG A . n 
A 1 144 LEU 144 144 144 LEU LEU A . n 
A 1 145 PRO 145 145 145 PRO PRO A . n 
A 1 146 GLN 146 146 146 GLN GLN A . n 
A 1 147 PRO 147 147 147 PRO PRO A . n 
A 1 148 ASN 148 148 148 ASN ASN A . n 
A 1 149 GLU 149 149 149 GLU GLU A . n 
A 1 150 GLY 150 150 150 GLY GLY A . n 
A 1 151 GLU 151 151 151 GLU GLU A . n 
A 1 152 VAL 152 152 152 VAL VAL A . n 
A 1 153 TYR 153 153 153 TYR TYR A . n 
A 1 154 SER 154 154 ?   ?   ?   A . n 
A 1 155 ASN 155 155 ?   ?   ?   A . n 
A 1 156 ASN 156 156 ?   ?   ?   A . n 
# 
_pdbx_SG_project.id                    1 
_pdbx_SG_project.project_name          ? 
_pdbx_SG_project.full_name_of_center   'Structural Genomics Consortium' 
_pdbx_SG_project.initial_of_center     SGC 
# 
loop_
_pdbx_nonpoly_scheme.asym_id 
_pdbx_nonpoly_scheme.entity_id 
_pdbx_nonpoly_scheme.mon_id 
_pdbx_nonpoly_scheme.ndb_seq_num 
_pdbx_nonpoly_scheme.pdb_seq_num 
_pdbx_nonpoly_scheme.auth_seq_num 
_pdbx_nonpoly_scheme.pdb_mon_id 
_pdbx_nonpoly_scheme.auth_mon_id 
_pdbx_nonpoly_scheme.pdb_strand_id 
_pdbx_nonpoly_scheme.pdb_ins_code 
B 2 PO4 1  157 1  PO4 PO4 A . 
C 3 HOH 1  158 2  HOH HOH A . 
C 3 HOH 2  159 3  HOH HOH A . 
C 3 HOH 3  160 4  HOH HOH A . 
C 3 HOH 4  161 5  HOH HOH A . 
C 3 HOH 5  162 6  HOH HOH A . 
C 3 HOH 6  163 7  HOH HOH A . 
C 3 HOH 7  164 8  HOH HOH A . 
C 3 HOH 8  165 9  HOH HOH A . 
C 3 HOH 9  166 10 HOH HOH A . 
C 3 HOH 10 167 11 HOH HOH A . 
C 3 HOH 11 168 12 HOH HOH A . 
C 3 HOH 12 169 13 HOH HOH A . 
C 3 HOH 13 170 14 HOH HOH A . 
C 3 HOH 14 171 15 HOH HOH A . 
C 3 HOH 15 172 16 HOH HOH A . 
C 3 HOH 16 173 17 HOH HOH A . 
C 3 HOH 17 174 18 HOH HOH A . 
C 3 HOH 18 175 19 HOH HOH A . 
C 3 HOH 19 176 20 HOH HOH A . 
C 3 HOH 20 177 21 HOH HOH A . 
C 3 HOH 21 178 22 HOH HOH A . 
C 3 HOH 22 179 23 HOH HOH A . 
C 3 HOH 23 180 25 HOH HOH A . 
C 3 HOH 24 181 26 HOH HOH A . 
C 3 HOH 25 182 27 HOH HOH A . 
C 3 HOH 26 183 28 HOH HOH A . 
C 3 HOH 27 184 30 HOH HOH A . 
C 3 HOH 28 185 31 HOH HOH A . 
C 3 HOH 29 186 32 HOH HOH A . 
C 3 HOH 30 187 33 HOH HOH A . 
C 3 HOH 31 188 35 HOH HOH A . 
C 3 HOH 32 189 36 HOH HOH A . 
C 3 HOH 33 190 38 HOH HOH A . 
C 3 HOH 34 191 39 HOH HOH A . 
C 3 HOH 35 192 40 HOH HOH A . 
C 3 HOH 36 193 41 HOH HOH A . 
C 3 HOH 37 194 42 HOH HOH A . 
C 3 HOH 38 195 43 HOH HOH A . 
C 3 HOH 39 196 44 HOH HOH A . 
C 3 HOH 40 197 45 HOH HOH A . 
C 3 HOH 41 198 46 HOH HOH A . 
C 3 HOH 42 199 47 HOH HOH A . 
C 3 HOH 43 200 48 HOH HOH A . 
C 3 HOH 44 201 49 HOH HOH A . 
C 3 HOH 45 202 50 HOH HOH A . 
C 3 HOH 46 203 51 HOH HOH A . 
C 3 HOH 47 204 52 HOH HOH A . 
C 3 HOH 48 205 53 HOH HOH A . 
C 3 HOH 49 206 54 HOH HOH A . 
C 3 HOH 50 207 55 HOH HOH A . 
C 3 HOH 51 208 56 HOH HOH A . 
C 3 HOH 52 209 57 HOH HOH A . 
C 3 HOH 53 210 58 HOH HOH A . 
C 3 HOH 54 211 59 HOH HOH A . 
C 3 HOH 55 212 60 HOH HOH A . 
C 3 HOH 56 213 61 HOH HOH A . 
# 
_pdbx_struct_assembly.id                   1 
_pdbx_struct_assembly.details              author_defined_assembly 
_pdbx_struct_assembly.method_details       ? 
_pdbx_struct_assembly.oligomeric_details   monomeric 
_pdbx_struct_assembly.oligomeric_count     1 
# 
_pdbx_struct_assembly_gen.assembly_id       1 
_pdbx_struct_assembly_gen.oper_expression   1 
_pdbx_struct_assembly_gen.asym_id_list      A,B,C 
# 
_pdbx_struct_oper_list.id                   1 
_pdbx_struct_oper_list.type                 'identity operation' 
_pdbx_struct_oper_list.name                 1_555 
_pdbx_struct_oper_list.symmetry_operation   x,y,z 
_pdbx_struct_oper_list.matrix[1][1]         1.0000000000 
_pdbx_struct_oper_list.matrix[1][2]         0.0000000000 
_pdbx_struct_oper_list.matrix[1][3]         0.0000000000 
_pdbx_struct_oper_list.vector[1]            0.0000000000 
_pdbx_struct_oper_list.matrix[2][1]         0.0000000000 
_pdbx_struct_oper_list.matrix[2][2]         1.0000000000 
_pdbx_struct_oper_list.matrix[2][3]         0.0000000000 
_pdbx_struct_oper_list.vector[2]            0.0000000000 
_pdbx_struct_oper_list.matrix[3][1]         0.0000000000 
_pdbx_struct_oper_list.matrix[3][2]         0.0000000000 
_pdbx_struct_oper_list.matrix[3][3]         1.0000000000 
_pdbx_struct_oper_list.vector[3]            0.0000000000 
# 
loop_
_pdbx_audit_revision_history.ordinal 
_pdbx_audit_revision_history.data_content_type 
_pdbx_audit_revision_history.major_revision 
_pdbx_audit_revision_history.minor_revision 
_pdbx_audit_revision_history.revision_date 
1 'Structure model' 1 0 2007-06-26 
2 'Structure model' 1 1 2008-05-01 
3 'Structure model' 1 2 2011-07-13 
4 'Structure model' 1 3 2017-10-18 
5 'Structure model' 1 4 2023-08-30 
# 
_pdbx_audit_revision_details.ordinal             1 
_pdbx_audit_revision_details.revision_ordinal    1 
_pdbx_audit_revision_details.data_content_type   'Structure model' 
_pdbx_audit_revision_details.provider            repository 
_pdbx_audit_revision_details.type                'Initial release' 
_pdbx_audit_revision_details.description         ? 
_pdbx_audit_revision_details.details             ? 
# 
loop_
_pdbx_audit_revision_group.ordinal 
_pdbx_audit_revision_group.revision_ordinal 
_pdbx_audit_revision_group.data_content_type 
_pdbx_audit_revision_group.group 
1 2 'Structure model' 'Version format compliance' 
2 3 'Structure model' 'Source and taxonomy'       
3 3 'Structure model' 'Version format compliance' 
4 4 'Structure model' 'Refinement description'    
5 5 'Structure model' 'Data collection'           
6 5 'Structure model' 'Database references'       
7 5 'Structure model' 'Derived calculations'      
8 5 'Structure model' 'Refinement description'    
# 
loop_
_pdbx_audit_revision_category.ordinal 
_pdbx_audit_revision_category.revision_ordinal 
_pdbx_audit_revision_category.data_content_type 
_pdbx_audit_revision_category.category 
1 4 'Structure model' software                      
2 5 'Structure model' chem_comp_atom                
3 5 'Structure model' chem_comp_bond                
4 5 'Structure model' database_2                    
5 5 'Structure model' pdbx_initial_refinement_model 
6 5 'Structure model' struct_ref_seq_dif            
7 5 'Structure model' struct_site                   
# 
loop_
_pdbx_audit_revision_item.ordinal 
_pdbx_audit_revision_item.revision_ordinal 
_pdbx_audit_revision_item.data_content_type 
_pdbx_audit_revision_item.item 
1  4 'Structure model' '_software.classification'            
2  4 'Structure model' '_software.contact_author'            
3  4 'Structure model' '_software.contact_author_email'      
4  4 'Structure model' '_software.date'                      
5  4 'Structure model' '_software.language'                  
6  4 'Structure model' '_software.location'                  
7  4 'Structure model' '_software.name'                      
8  4 'Structure model' '_software.type'                      
9  4 'Structure model' '_software.version'                   
10 5 'Structure model' '_database_2.pdbx_DOI'                
11 5 'Structure model' '_database_2.pdbx_database_accession' 
12 5 'Structure model' '_struct_ref_seq_dif.details'         
13 5 'Structure model' '_struct_site.pdbx_auth_asym_id'      
14 5 'Structure model' '_struct_site.pdbx_auth_comp_id'      
15 5 'Structure model' '_struct_site.pdbx_auth_seq_id'       
# 
_pdbx_phasing_MR.entry_id                     2Q0V 
_pdbx_phasing_MR.method_rotation              ? 
_pdbx_phasing_MR.method_translation           ? 
_pdbx_phasing_MR.model_details                ? 
_pdbx_phasing_MR.R_factor                     ? 
_pdbx_phasing_MR.R_rigid_body                 ? 
_pdbx_phasing_MR.correlation_coeff_Fo_to_Fc   ? 
_pdbx_phasing_MR.correlation_coeff_Io_to_Ic   ? 
_pdbx_phasing_MR.d_res_high_rotation          2.500 
_pdbx_phasing_MR.d_res_low_rotation           26.640 
_pdbx_phasing_MR.d_res_high_translation       2.500 
_pdbx_phasing_MR.d_res_low_translation        26.640 
_pdbx_phasing_MR.packing                      ? 
_pdbx_phasing_MR.reflns_percent_rotation      ? 
_pdbx_phasing_MR.reflns_percent_translation   ? 
_pdbx_phasing_MR.sigma_F_rotation             ? 
_pdbx_phasing_MR.sigma_F_translation          ? 
_pdbx_phasing_MR.sigma_I_rotation             ? 
_pdbx_phasing_MR.sigma_I_translation          ? 
# 
loop_
_software.name 
_software.version 
_software.date 
_software.type 
_software.contact_author 
_software.contact_author_email 
_software.classification 
_software.location 
_software.language 
_software.citation_id 
_software.pdbx_ordinal 
DENZO       .     ?                package 'Zbyszek Otwinowski' zbyszek@mix.swmed.edu       'data reduction'  
http://www.lnls.br/infra/linhasluz/denzo-hkl.htm ?          ? 1 
SCALEPACK   .     ?                package 'Zbyszek Otwinowski' zbyszek@mix.swmed.edu       'data scaling'    
http://www.lnls.br/infra/linhasluz/denzo-hkl.htm ?          ? 2 
PHASER      .     ?                other   'R. J. Read'         cimr-phaser@lists.cam.ac.uk phasing           
http://www-structmed.cimr.cam.ac.uk/phaser/      ?          ? 3 
REFMAC      .     ?                program 'Murshudov, G.N.'    ccp4@dl.ac.uk               refinement        
http://www.ccp4.ac.uk/main.html                  Fortran_77 ? 4 
PDB_EXTRACT 2.000 'April. 3, 2006' package PDB                  sw-help@rcsb.rutgers.edu    'data extraction' 
http://pdb.rutgers.edu/software/                 C++        ? 5 
HKL-2000    .     ?                ?       ?                    ?                           'data collection' ? ?          ? 6 
HKL-2000    .     ?                ?       ?                    ?                           'data reduction'  ? ?          ? 7 
# 
_pdbx_validate_symm_contact.id                1 
_pdbx_validate_symm_contact.PDB_model_num     1 
_pdbx_validate_symm_contact.auth_atom_id_1    O 
_pdbx_validate_symm_contact.auth_asym_id_1    A 
_pdbx_validate_symm_contact.auth_comp_id_1    HOH 
_pdbx_validate_symm_contact.auth_seq_id_1     194 
_pdbx_validate_symm_contact.PDB_ins_code_1    ? 
_pdbx_validate_symm_contact.label_alt_id_1    ? 
_pdbx_validate_symm_contact.site_symmetry_1   1_555 
_pdbx_validate_symm_contact.auth_atom_id_2    O 
_pdbx_validate_symm_contact.auth_asym_id_2    A 
_pdbx_validate_symm_contact.auth_comp_id_2    HOH 
_pdbx_validate_symm_contact.auth_seq_id_2     194 
_pdbx_validate_symm_contact.PDB_ins_code_2    ? 
_pdbx_validate_symm_contact.label_alt_id_2    ? 
_pdbx_validate_symm_contact.site_symmetry_2   10_555 
_pdbx_validate_symm_contact.dist              1.72 
# 
loop_
_pdbx_validate_rmsd_angle.id 
_pdbx_validate_rmsd_angle.PDB_model_num 
_pdbx_validate_rmsd_angle.auth_atom_id_1 
_pdbx_validate_rmsd_angle.auth_asym_id_1 
_pdbx_validate_rmsd_angle.auth_comp_id_1 
_pdbx_validate_rmsd_angle.auth_seq_id_1 
_pdbx_validate_rmsd_angle.PDB_ins_code_1 
_pdbx_validate_rmsd_angle.label_alt_id_1 
_pdbx_validate_rmsd_angle.auth_atom_id_2 
_pdbx_validate_rmsd_angle.auth_asym_id_2 
_pdbx_validate_rmsd_angle.auth_comp_id_2 
_pdbx_validate_rmsd_angle.auth_seq_id_2 
_pdbx_validate_rmsd_angle.PDB_ins_code_2 
_pdbx_validate_rmsd_angle.label_alt_id_2 
_pdbx_validate_rmsd_angle.auth_atom_id_3 
_pdbx_validate_rmsd_angle.auth_asym_id_3 
_pdbx_validate_rmsd_angle.auth_comp_id_3 
_pdbx_validate_rmsd_angle.auth_seq_id_3 
_pdbx_validate_rmsd_angle.PDB_ins_code_3 
_pdbx_validate_rmsd_angle.label_alt_id_3 
_pdbx_validate_rmsd_angle.angle_value 
_pdbx_validate_rmsd_angle.angle_target_value 
_pdbx_validate_rmsd_angle.angle_deviation 
_pdbx_validate_rmsd_angle.angle_standard_deviation 
_pdbx_validate_rmsd_angle.linker_flag 
1 1 N  A GLY 41 ? ? CA A GLY 41 ? ? C  A GLY 41 ? ? 95.96  113.10 -17.14 2.50 N 
2 1 CA A LEU 76 ? ? CB A LEU 76 ? ? CG A LEU 76 ? ? 131.53 115.30 16.23  2.30 N 
# 
loop_
_pdbx_validate_torsion.id 
_pdbx_validate_torsion.PDB_model_num 
_pdbx_validate_torsion.auth_comp_id 
_pdbx_validate_torsion.auth_asym_id 
_pdbx_validate_torsion.auth_seq_id 
_pdbx_validate_torsion.PDB_ins_code 
_pdbx_validate_torsion.label_alt_id 
_pdbx_validate_torsion.phi 
_pdbx_validate_torsion.psi 
1 1 GLU A 70  ? ? -35.34  124.91  
2 1 ASP A 81  ? ? -67.72  -176.25 
3 1 ASN A 118 ? ? -104.14 55.48   
# 
_pdbx_validate_peptide_omega.id               1 
_pdbx_validate_peptide_omega.PDB_model_num    1 
_pdbx_validate_peptide_omega.auth_comp_id_1   GLU 
_pdbx_validate_peptide_omega.auth_asym_id_1   A 
_pdbx_validate_peptide_omega.auth_seq_id_1    40 
_pdbx_validate_peptide_omega.PDB_ins_code_1   ? 
_pdbx_validate_peptide_omega.label_alt_id_1   ? 
_pdbx_validate_peptide_omega.auth_comp_id_2   GLY 
_pdbx_validate_peptide_omega.auth_asym_id_2   A 
_pdbx_validate_peptide_omega.auth_seq_id_2    41 
_pdbx_validate_peptide_omega.PDB_ins_code_2   ? 
_pdbx_validate_peptide_omega.label_alt_id_2   ? 
_pdbx_validate_peptide_omega.omega            -35.65 
# 
loop_
_pdbx_unobs_or_zero_occ_residues.id 
_pdbx_unobs_or_zero_occ_residues.PDB_model_num 
_pdbx_unobs_or_zero_occ_residues.polymer_flag 
_pdbx_unobs_or_zero_occ_residues.occupancy_flag 
_pdbx_unobs_or_zero_occ_residues.auth_asym_id 
_pdbx_unobs_or_zero_occ_residues.auth_comp_id 
_pdbx_unobs_or_zero_occ_residues.auth_seq_id 
_pdbx_unobs_or_zero_occ_residues.PDB_ins_code 
_pdbx_unobs_or_zero_occ_residues.label_asym_id 
_pdbx_unobs_or_zero_occ_residues.label_comp_id 
_pdbx_unobs_or_zero_occ_residues.label_seq_id 
1  1 Y 1 A MET 1   ? A MET 1   
2  1 Y 1 A HIS 2   ? A HIS 2   
3  1 Y 1 A HIS 3   ? A HIS 3   
4  1 Y 1 A HIS 4   ? A HIS 4   
5  1 Y 1 A HIS 5   ? A HIS 5   
6  1 Y 1 A HIS 6   ? A HIS 6   
7  1 Y 1 A HIS 7   ? A HIS 7   
8  1 Y 1 A SER 8   ? A SER 8   
9  1 Y 1 A SER 9   ? A SER 9   
10 1 Y 1 A GLY 10  ? A GLY 10  
11 1 Y 1 A ARG 11  ? A ARG 11  
12 1 Y 1 A GLU 12  ? A GLU 12  
13 1 Y 1 A ASN 37  ? A ASN 37  
14 1 Y 1 A SER 154 ? A SER 154 
15 1 Y 1 A ASN 155 ? A ASN 155 
16 1 Y 1 A ASN 156 ? A ASN 156 
# 
loop_
_chem_comp_atom.comp_id 
_chem_comp_atom.atom_id 
_chem_comp_atom.type_symbol 
_chem_comp_atom.pdbx_aromatic_flag 
_chem_comp_atom.pdbx_stereo_config 
_chem_comp_atom.pdbx_ordinal 
ALA N    N N N 1   
ALA CA   C N S 2   
ALA C    C N N 3   
ALA O    O N N 4   
ALA CB   C N N 5   
ALA OXT  O N N 6   
ALA H    H N N 7   
ALA H2   H N N 8   
ALA HA   H N N 9   
ALA HB1  H N N 10  
ALA HB2  H N N 11  
ALA HB3  H N N 12  
ALA HXT  H N N 13  
ARG N    N N N 14  
ARG CA   C N S 15  
ARG C    C N N 16  
ARG O    O N N 17  
ARG CB   C N N 18  
ARG CG   C N N 19  
ARG CD   C N N 20  
ARG NE   N N N 21  
ARG CZ   C N N 22  
ARG NH1  N N N 23  
ARG NH2  N N N 24  
ARG OXT  O N N 25  
ARG H    H N N 26  
ARG H2   H N N 27  
ARG HA   H N N 28  
ARG HB2  H N N 29  
ARG HB3  H N N 30  
ARG HG2  H N N 31  
ARG HG3  H N N 32  
ARG HD2  H N N 33  
ARG HD3  H N N 34  
ARG HE   H N N 35  
ARG HH11 H N N 36  
ARG HH12 H N N 37  
ARG HH21 H N N 38  
ARG HH22 H N N 39  
ARG HXT  H N N 40  
ASN N    N N N 41  
ASN CA   C N S 42  
ASN C    C N N 43  
ASN O    O N N 44  
ASN CB   C N N 45  
ASN CG   C N N 46  
ASN OD1  O N N 47  
ASN ND2  N N N 48  
ASN OXT  O N N 49  
ASN H    H N N 50  
ASN H2   H N N 51  
ASN HA   H N N 52  
ASN HB2  H N N 53  
ASN HB3  H N N 54  
ASN HD21 H N N 55  
ASN HD22 H N N 56  
ASN HXT  H N N 57  
ASP N    N N N 58  
ASP CA   C N S 59  
ASP C    C N N 60  
ASP O    O N N 61  
ASP CB   C N N 62  
ASP CG   C N N 63  
ASP OD1  O N N 64  
ASP OD2  O N N 65  
ASP OXT  O N N 66  
ASP H    H N N 67  
ASP H2   H N N 68  
ASP HA   H N N 69  
ASP HB2  H N N 70  
ASP HB3  H N N 71  
ASP HD2  H N N 72  
ASP HXT  H N N 73  
CYS N    N N N 74  
CYS CA   C N R 75  
CYS C    C N N 76  
CYS O    O N N 77  
CYS CB   C N N 78  
CYS SG   S N N 79  
CYS OXT  O N N 80  
CYS H    H N N 81  
CYS H2   H N N 82  
CYS HA   H N N 83  
CYS HB2  H N N 84  
CYS HB3  H N N 85  
CYS HG   H N N 86  
CYS HXT  H N N 87  
GLN N    N N N 88  
GLN CA   C N S 89  
GLN C    C N N 90  
GLN O    O N N 91  
GLN CB   C N N 92  
GLN CG   C N N 93  
GLN CD   C N N 94  
GLN OE1  O N N 95  
GLN NE2  N N N 96  
GLN OXT  O N N 97  
GLN H    H N N 98  
GLN H2   H N N 99  
GLN HA   H N N 100 
GLN HB2  H N N 101 
GLN HB3  H N N 102 
GLN HG2  H N N 103 
GLN HG3  H N N 104 
GLN HE21 H N N 105 
GLN HE22 H N N 106 
GLN HXT  H N N 107 
GLU N    N N N 108 
GLU CA   C N S 109 
GLU C    C N N 110 
GLU O    O N N 111 
GLU CB   C N N 112 
GLU CG   C N N 113 
GLU CD   C N N 114 
GLU OE1  O N N 115 
GLU OE2  O N N 116 
GLU OXT  O N N 117 
GLU H    H N N 118 
GLU H2   H N N 119 
GLU HA   H N N 120 
GLU HB2  H N N 121 
GLU HB3  H N N 122 
GLU HG2  H N N 123 
GLU HG3  H N N 124 
GLU HE2  H N N 125 
GLU HXT  H N N 126 
GLY N    N N N 127 
GLY CA   C N N 128 
GLY C    C N N 129 
GLY O    O N N 130 
GLY OXT  O N N 131 
GLY H    H N N 132 
GLY H2   H N N 133 
GLY HA2  H N N 134 
GLY HA3  H N N 135 
GLY HXT  H N N 136 
HIS N    N N N 137 
HIS CA   C N S 138 
HIS C    C N N 139 
HIS O    O N N 140 
HIS CB   C N N 141 
HIS CG   C Y N 142 
HIS ND1  N Y N 143 
HIS CD2  C Y N 144 
HIS CE1  C Y N 145 
HIS NE2  N Y N 146 
HIS OXT  O N N 147 
HIS H    H N N 148 
HIS H2   H N N 149 
HIS HA   H N N 150 
HIS HB2  H N N 151 
HIS HB3  H N N 152 
HIS HD1  H N N 153 
HIS HD2  H N N 154 
HIS HE1  H N N 155 
HIS HE2  H N N 156 
HIS HXT  H N N 157 
HOH O    O N N 158 
HOH H1   H N N 159 
HOH H2   H N N 160 
ILE N    N N N 161 
ILE CA   C N S 162 
ILE C    C N N 163 
ILE O    O N N 164 
ILE CB   C N S 165 
ILE CG1  C N N 166 
ILE CG2  C N N 167 
ILE CD1  C N N 168 
ILE OXT  O N N 169 
ILE H    H N N 170 
ILE H2   H N N 171 
ILE HA   H N N 172 
ILE HB   H N N 173 
ILE HG12 H N N 174 
ILE HG13 H N N 175 
ILE HG21 H N N 176 
ILE HG22 H N N 177 
ILE HG23 H N N 178 
ILE HD11 H N N 179 
ILE HD12 H N N 180 
ILE HD13 H N N 181 
ILE HXT  H N N 182 
LEU N    N N N 183 
LEU CA   C N S 184 
LEU C    C N N 185 
LEU O    O N N 186 
LEU CB   C N N 187 
LEU CG   C N N 188 
LEU CD1  C N N 189 
LEU CD2  C N N 190 
LEU OXT  O N N 191 
LEU H    H N N 192 
LEU H2   H N N 193 
LEU HA   H N N 194 
LEU HB2  H N N 195 
LEU HB3  H N N 196 
LEU HG   H N N 197 
LEU HD11 H N N 198 
LEU HD12 H N N 199 
LEU HD13 H N N 200 
LEU HD21 H N N 201 
LEU HD22 H N N 202 
LEU HD23 H N N 203 
LEU HXT  H N N 204 
LYS N    N N N 205 
LYS CA   C N S 206 
LYS C    C N N 207 
LYS O    O N N 208 
LYS CB   C N N 209 
LYS CG   C N N 210 
LYS CD   C N N 211 
LYS CE   C N N 212 
LYS NZ   N N N 213 
LYS OXT  O N N 214 
LYS H    H N N 215 
LYS H2   H N N 216 
LYS HA   H N N 217 
LYS HB2  H N N 218 
LYS HB3  H N N 219 
LYS HG2  H N N 220 
LYS HG3  H N N 221 
LYS HD2  H N N 222 
LYS HD3  H N N 223 
LYS HE2  H N N 224 
LYS HE3  H N N 225 
LYS HZ1  H N N 226 
LYS HZ2  H N N 227 
LYS HZ3  H N N 228 
LYS HXT  H N N 229 
MET N    N N N 230 
MET CA   C N S 231 
MET C    C N N 232 
MET O    O N N 233 
MET CB   C N N 234 
MET CG   C N N 235 
MET SD   S N N 236 
MET CE   C N N 237 
MET OXT  O N N 238 
MET H    H N N 239 
MET H2   H N N 240 
MET HA   H N N 241 
MET HB2  H N N 242 
MET HB3  H N N 243 
MET HG2  H N N 244 
MET HG3  H N N 245 
MET HE1  H N N 246 
MET HE2  H N N 247 
MET HE3  H N N 248 
MET HXT  H N N 249 
PHE N    N N N 250 
PHE CA   C N S 251 
PHE C    C N N 252 
PHE O    O N N 253 
PHE CB   C N N 254 
PHE CG   C Y N 255 
PHE CD1  C Y N 256 
PHE CD2  C Y N 257 
PHE CE1  C Y N 258 
PHE CE2  C Y N 259 
PHE CZ   C Y N 260 
PHE OXT  O N N 261 
PHE H    H N N 262 
PHE H2   H N N 263 
PHE HA   H N N 264 
PHE HB2  H N N 265 
PHE HB3  H N N 266 
PHE HD1  H N N 267 
PHE HD2  H N N 268 
PHE HE1  H N N 269 
PHE HE2  H N N 270 
PHE HZ   H N N 271 
PHE HXT  H N N 272 
PO4 P    P N N 273 
PO4 O1   O N N 274 
PO4 O2   O N N 275 
PO4 O3   O N N 276 
PO4 O4   O N N 277 
PRO N    N N N 278 
PRO CA   C N S 279 
PRO C    C N N 280 
PRO O    O N N 281 
PRO CB   C N N 282 
PRO CG   C N N 283 
PRO CD   C N N 284 
PRO OXT  O N N 285 
PRO H    H N N 286 
PRO HA   H N N 287 
PRO HB2  H N N 288 
PRO HB3  H N N 289 
PRO HG2  H N N 290 
PRO HG3  H N N 291 
PRO HD2  H N N 292 
PRO HD3  H N N 293 
PRO HXT  H N N 294 
SER N    N N N 295 
SER CA   C N S 296 
SER C    C N N 297 
SER O    O N N 298 
SER CB   C N N 299 
SER OG   O N N 300 
SER OXT  O N N 301 
SER H    H N N 302 
SER H2   H N N 303 
SER HA   H N N 304 
SER HB2  H N N 305 
SER HB3  H N N 306 
SER HG   H N N 307 
SER HXT  H N N 308 
THR N    N N N 309 
THR CA   C N S 310 
THR C    C N N 311 
THR O    O N N 312 
THR CB   C N R 313 
THR OG1  O N N 314 
THR CG2  C N N 315 
THR OXT  O N N 316 
THR H    H N N 317 
THR H2   H N N 318 
THR HA   H N N 319 
THR HB   H N N 320 
THR HG1  H N N 321 
THR HG21 H N N 322 
THR HG22 H N N 323 
THR HG23 H N N 324 
THR HXT  H N N 325 
TRP N    N N N 326 
TRP CA   C N S 327 
TRP C    C N N 328 
TRP O    O N N 329 
TRP CB   C N N 330 
TRP CG   C Y N 331 
TRP CD1  C Y N 332 
TRP CD2  C Y N 333 
TRP NE1  N Y N 334 
TRP CE2  C Y N 335 
TRP CE3  C Y N 336 
TRP CZ2  C Y N 337 
TRP CZ3  C Y N 338 
TRP CH2  C Y N 339 
TRP OXT  O N N 340 
TRP H    H N N 341 
TRP H2   H N N 342 
TRP HA   H N N 343 
TRP HB2  H N N 344 
TRP HB3  H N N 345 
TRP HD1  H N N 346 
TRP HE1  H N N 347 
TRP HE3  H N N 348 
TRP HZ2  H N N 349 
TRP HZ3  H N N 350 
TRP HH2  H N N 351 
TRP HXT  H N N 352 
TYR N    N N N 353 
TYR CA   C N S 354 
TYR C    C N N 355 
TYR O    O N N 356 
TYR CB   C N N 357 
TYR CG   C Y N 358 
TYR CD1  C Y N 359 
TYR CD2  C Y N 360 
TYR CE1  C Y N 361 
TYR CE2  C Y N 362 
TYR CZ   C Y N 363 
TYR OH   O N N 364 
TYR OXT  O N N 365 
TYR H    H N N 366 
TYR H2   H N N 367 
TYR HA   H N N 368 
TYR HB2  H N N 369 
TYR HB3  H N N 370 
TYR HD1  H N N 371 
TYR HD2  H N N 372 
TYR HE1  H N N 373 
TYR HE2  H N N 374 
TYR HH   H N N 375 
TYR HXT  H N N 376 
VAL N    N N N 377 
VAL CA   C N S 378 
VAL C    C N N 379 
VAL O    O N N 380 
VAL CB   C N N 381 
VAL CG1  C N N 382 
VAL CG2  C N N 383 
VAL OXT  O N N 384 
VAL H    H N N 385 
VAL H2   H N N 386 
VAL HA   H N N 387 
VAL HB   H N N 388 
VAL HG11 H N N 389 
VAL HG12 H N N 390 
VAL HG13 H N N 391 
VAL HG21 H N N 392 
VAL HG22 H N N 393 
VAL HG23 H N N 394 
VAL HXT  H N N 395 
# 
loop_
_chem_comp_bond.comp_id 
_chem_comp_bond.atom_id_1 
_chem_comp_bond.atom_id_2 
_chem_comp_bond.value_order 
_chem_comp_bond.pdbx_aromatic_flag 
_chem_comp_bond.pdbx_stereo_config 
_chem_comp_bond.pdbx_ordinal 
ALA N   CA   sing N N 1   
ALA N   H    sing N N 2   
ALA N   H2   sing N N 3   
ALA CA  C    sing N N 4   
ALA CA  CB   sing N N 5   
ALA CA  HA   sing N N 6   
ALA C   O    doub N N 7   
ALA C   OXT  sing N N 8   
ALA CB  HB1  sing N N 9   
ALA CB  HB2  sing N N 10  
ALA CB  HB3  sing N N 11  
ALA OXT HXT  sing N N 12  
ARG N   CA   sing N N 13  
ARG N   H    sing N N 14  
ARG N   H2   sing N N 15  
ARG CA  C    sing N N 16  
ARG CA  CB   sing N N 17  
ARG CA  HA   sing N N 18  
ARG C   O    doub N N 19  
ARG C   OXT  sing N N 20  
ARG CB  CG   sing N N 21  
ARG CB  HB2  sing N N 22  
ARG CB  HB3  sing N N 23  
ARG CG  CD   sing N N 24  
ARG CG  HG2  sing N N 25  
ARG CG  HG3  sing N N 26  
ARG CD  NE   sing N N 27  
ARG CD  HD2  sing N N 28  
ARG CD  HD3  sing N N 29  
ARG NE  CZ   sing N N 30  
ARG NE  HE   sing N N 31  
ARG CZ  NH1  sing N N 32  
ARG CZ  NH2  doub N N 33  
ARG NH1 HH11 sing N N 34  
ARG NH1 HH12 sing N N 35  
ARG NH2 HH21 sing N N 36  
ARG NH2 HH22 sing N N 37  
ARG OXT HXT  sing N N 38  
ASN N   CA   sing N N 39  
ASN N   H    sing N N 40  
ASN N   H2   sing N N 41  
ASN CA  C    sing N N 42  
ASN CA  CB   sing N N 43  
ASN CA  HA   sing N N 44  
ASN C   O    doub N N 45  
ASN C   OXT  sing N N 46  
ASN CB  CG   sing N N 47  
ASN CB  HB2  sing N N 48  
ASN CB  HB3  sing N N 49  
ASN CG  OD1  doub N N 50  
ASN CG  ND2  sing N N 51  
ASN ND2 HD21 sing N N 52  
ASN ND2 HD22 sing N N 53  
ASN OXT HXT  sing N N 54  
ASP N   CA   sing N N 55  
ASP N   H    sing N N 56  
ASP N   H2   sing N N 57  
ASP CA  C    sing N N 58  
ASP CA  CB   sing N N 59  
ASP CA  HA   sing N N 60  
ASP C   O    doub N N 61  
ASP C   OXT  sing N N 62  
ASP CB  CG   sing N N 63  
ASP CB  HB2  sing N N 64  
ASP CB  HB3  sing N N 65  
ASP CG  OD1  doub N N 66  
ASP CG  OD2  sing N N 67  
ASP OD2 HD2  sing N N 68  
ASP OXT HXT  sing N N 69  
CYS N   CA   sing N N 70  
CYS N   H    sing N N 71  
CYS N   H2   sing N N 72  
CYS CA  C    sing N N 73  
CYS CA  CB   sing N N 74  
CYS CA  HA   sing N N 75  
CYS C   O    doub N N 76  
CYS C   OXT  sing N N 77  
CYS CB  SG   sing N N 78  
CYS CB  HB2  sing N N 79  
CYS CB  HB3  sing N N 80  
CYS SG  HG   sing N N 81  
CYS OXT HXT  sing N N 82  
GLN N   CA   sing N N 83  
GLN N   H    sing N N 84  
GLN N   H2   sing N N 85  
GLN CA  C    sing N N 86  
GLN CA  CB   sing N N 87  
GLN CA  HA   sing N N 88  
GLN C   O    doub N N 89  
GLN C   OXT  sing N N 90  
GLN CB  CG   sing N N 91  
GLN CB  HB2  sing N N 92  
GLN CB  HB3  sing N N 93  
GLN CG  CD   sing N N 94  
GLN CG  HG2  sing N N 95  
GLN CG  HG3  sing N N 96  
GLN CD  OE1  doub N N 97  
GLN CD  NE2  sing N N 98  
GLN NE2 HE21 sing N N 99  
GLN NE2 HE22 sing N N 100 
GLN OXT HXT  sing N N 101 
GLU N   CA   sing N N 102 
GLU N   H    sing N N 103 
GLU N   H2   sing N N 104 
GLU CA  C    sing N N 105 
GLU CA  CB   sing N N 106 
GLU CA  HA   sing N N 107 
GLU C   O    doub N N 108 
GLU C   OXT  sing N N 109 
GLU CB  CG   sing N N 110 
GLU CB  HB2  sing N N 111 
GLU CB  HB3  sing N N 112 
GLU CG  CD   sing N N 113 
GLU CG  HG2  sing N N 114 
GLU CG  HG3  sing N N 115 
GLU CD  OE1  doub N N 116 
GLU CD  OE2  sing N N 117 
GLU OE2 HE2  sing N N 118 
GLU OXT HXT  sing N N 119 
GLY N   CA   sing N N 120 
GLY N   H    sing N N 121 
GLY N   H2   sing N N 122 
GLY CA  C    sing N N 123 
GLY CA  HA2  sing N N 124 
GLY CA  HA3  sing N N 125 
GLY C   O    doub N N 126 
GLY C   OXT  sing N N 127 
GLY OXT HXT  sing N N 128 
HIS N   CA   sing N N 129 
HIS N   H    sing N N 130 
HIS N   H2   sing N N 131 
HIS CA  C    sing N N 132 
HIS CA  CB   sing N N 133 
HIS CA  HA   sing N N 134 
HIS C   O    doub N N 135 
HIS C   OXT  sing N N 136 
HIS CB  CG   sing N N 137 
HIS CB  HB2  sing N N 138 
HIS CB  HB3  sing N N 139 
HIS CG  ND1  sing Y N 140 
HIS CG  CD2  doub Y N 141 
HIS ND1 CE1  doub Y N 142 
HIS ND1 HD1  sing N N 143 
HIS CD2 NE2  sing Y N 144 
HIS CD2 HD2  sing N N 145 
HIS CE1 NE2  sing Y N 146 
HIS CE1 HE1  sing N N 147 
HIS NE2 HE2  sing N N 148 
HIS OXT HXT  sing N N 149 
HOH O   H1   sing N N 150 
HOH O   H2   sing N N 151 
ILE N   CA   sing N N 152 
ILE N   H    sing N N 153 
ILE N   H2   sing N N 154 
ILE CA  C    sing N N 155 
ILE CA  CB   sing N N 156 
ILE CA  HA   sing N N 157 
ILE C   O    doub N N 158 
ILE C   OXT  sing N N 159 
ILE CB  CG1  sing N N 160 
ILE CB  CG2  sing N N 161 
ILE CB  HB   sing N N 162 
ILE CG1 CD1  sing N N 163 
ILE CG1 HG12 sing N N 164 
ILE CG1 HG13 sing N N 165 
ILE CG2 HG21 sing N N 166 
ILE CG2 HG22 sing N N 167 
ILE CG2 HG23 sing N N 168 
ILE CD1 HD11 sing N N 169 
ILE CD1 HD12 sing N N 170 
ILE CD1 HD13 sing N N 171 
ILE OXT HXT  sing N N 172 
LEU N   CA   sing N N 173 
LEU N   H    sing N N 174 
LEU N   H2   sing N N 175 
LEU CA  C    sing N N 176 
LEU CA  CB   sing N N 177 
LEU CA  HA   sing N N 178 
LEU C   O    doub N N 179 
LEU C   OXT  sing N N 180 
LEU CB  CG   sing N N 181 
LEU CB  HB2  sing N N 182 
LEU CB  HB3  sing N N 183 
LEU CG  CD1  sing N N 184 
LEU CG  CD2  sing N N 185 
LEU CG  HG   sing N N 186 
LEU CD1 HD11 sing N N 187 
LEU CD1 HD12 sing N N 188 
LEU CD1 HD13 sing N N 189 
LEU CD2 HD21 sing N N 190 
LEU CD2 HD22 sing N N 191 
LEU CD2 HD23 sing N N 192 
LEU OXT HXT  sing N N 193 
LYS N   CA   sing N N 194 
LYS N   H    sing N N 195 
LYS N   H2   sing N N 196 
LYS CA  C    sing N N 197 
LYS CA  CB   sing N N 198 
LYS CA  HA   sing N N 199 
LYS C   O    doub N N 200 
LYS C   OXT  sing N N 201 
LYS CB  CG   sing N N 202 
LYS CB  HB2  sing N N 203 
LYS CB  HB3  sing N N 204 
LYS CG  CD   sing N N 205 
LYS CG  HG2  sing N N 206 
LYS CG  HG3  sing N N 207 
LYS CD  CE   sing N N 208 
LYS CD  HD2  sing N N 209 
LYS CD  HD3  sing N N 210 
LYS CE  NZ   sing N N 211 
LYS CE  HE2  sing N N 212 
LYS CE  HE3  sing N N 213 
LYS NZ  HZ1  sing N N 214 
LYS NZ  HZ2  sing N N 215 
LYS NZ  HZ3  sing N N 216 
LYS OXT HXT  sing N N 217 
MET N   CA   sing N N 218 
MET N   H    sing N N 219 
MET N   H2   sing N N 220 
MET CA  C    sing N N 221 
MET CA  CB   sing N N 222 
MET CA  HA   sing N N 223 
MET C   O    doub N N 224 
MET C   OXT  sing N N 225 
MET CB  CG   sing N N 226 
MET CB  HB2  sing N N 227 
MET CB  HB3  sing N N 228 
MET CG  SD   sing N N 229 
MET CG  HG2  sing N N 230 
MET CG  HG3  sing N N 231 
MET SD  CE   sing N N 232 
MET CE  HE1  sing N N 233 
MET CE  HE2  sing N N 234 
MET CE  HE3  sing N N 235 
MET OXT HXT  sing N N 236 
PHE N   CA   sing N N 237 
PHE N   H    sing N N 238 
PHE N   H2   sing N N 239 
PHE CA  C    sing N N 240 
PHE CA  CB   sing N N 241 
PHE CA  HA   sing N N 242 
PHE C   O    doub N N 243 
PHE C   OXT  sing N N 244 
PHE CB  CG   sing N N 245 
PHE CB  HB2  sing N N 246 
PHE CB  HB3  sing N N 247 
PHE CG  CD1  doub Y N 248 
PHE CG  CD2  sing Y N 249 
PHE CD1 CE1  sing Y N 250 
PHE CD1 HD1  sing N N 251 
PHE CD2 CE2  doub Y N 252 
PHE CD2 HD2  sing N N 253 
PHE CE1 CZ   doub Y N 254 
PHE CE1 HE1  sing N N 255 
PHE CE2 CZ   sing Y N 256 
PHE CE2 HE2  sing N N 257 
PHE CZ  HZ   sing N N 258 
PHE OXT HXT  sing N N 259 
PO4 P   O1   doub N N 260 
PO4 P   O2   sing N N 261 
PO4 P   O3   sing N N 262 
PO4 P   O4   sing N N 263 
PRO N   CA   sing N N 264 
PRO N   CD   sing N N 265 
PRO N   H    sing N N 266 
PRO CA  C    sing N N 267 
PRO CA  CB   sing N N 268 
PRO CA  HA   sing N N 269 
PRO C   O    doub N N 270 
PRO C   OXT  sing N N 271 
PRO CB  CG   sing N N 272 
PRO CB  HB2  sing N N 273 
PRO CB  HB3  sing N N 274 
PRO CG  CD   sing N N 275 
PRO CG  HG2  sing N N 276 
PRO CG  HG3  sing N N 277 
PRO CD  HD2  sing N N 278 
PRO CD  HD3  sing N N 279 
PRO OXT HXT  sing N N 280 
SER N   CA   sing N N 281 
SER N   H    sing N N 282 
SER N   H2   sing N N 283 
SER CA  C    sing N N 284 
SER CA  CB   sing N N 285 
SER CA  HA   sing N N 286 
SER C   O    doub N N 287 
SER C   OXT  sing N N 288 
SER CB  OG   sing N N 289 
SER CB  HB2  sing N N 290 
SER CB  HB3  sing N N 291 
SER OG  HG   sing N N 292 
SER OXT HXT  sing N N 293 
THR N   CA   sing N N 294 
THR N   H    sing N N 295 
THR N   H2   sing N N 296 
THR CA  C    sing N N 297 
THR CA  CB   sing N N 298 
THR CA  HA   sing N N 299 
THR C   O    doub N N 300 
THR C   OXT  sing N N 301 
THR CB  OG1  sing N N 302 
THR CB  CG2  sing N N 303 
THR CB  HB   sing N N 304 
THR OG1 HG1  sing N N 305 
THR CG2 HG21 sing N N 306 
THR CG2 HG22 sing N N 307 
THR CG2 HG23 sing N N 308 
THR OXT HXT  sing N N 309 
TRP N   CA   sing N N 310 
TRP N   H    sing N N 311 
TRP N   H2   sing N N 312 
TRP CA  C    sing N N 313 
TRP CA  CB   sing N N 314 
TRP CA  HA   sing N N 315 
TRP C   O    doub N N 316 
TRP C   OXT  sing N N 317 
TRP CB  CG   sing N N 318 
TRP CB  HB2  sing N N 319 
TRP CB  HB3  sing N N 320 
TRP CG  CD1  doub Y N 321 
TRP CG  CD2  sing Y N 322 
TRP CD1 NE1  sing Y N 323 
TRP CD1 HD1  sing N N 324 
TRP CD2 CE2  doub Y N 325 
TRP CD2 CE3  sing Y N 326 
TRP NE1 CE2  sing Y N 327 
TRP NE1 HE1  sing N N 328 
TRP CE2 CZ2  sing Y N 329 
TRP CE3 CZ3  doub Y N 330 
TRP CE3 HE3  sing N N 331 
TRP CZ2 CH2  doub Y N 332 
TRP CZ2 HZ2  sing N N 333 
TRP CZ3 CH2  sing Y N 334 
TRP CZ3 HZ3  sing N N 335 
TRP CH2 HH2  sing N N 336 
TRP OXT HXT  sing N N 337 
TYR N   CA   sing N N 338 
TYR N   H    sing N N 339 
TYR N   H2   sing N N 340 
TYR CA  C    sing N N 341 
TYR CA  CB   sing N N 342 
TYR CA  HA   sing N N 343 
TYR C   O    doub N N 344 
TYR C   OXT  sing N N 345 
TYR CB  CG   sing N N 346 
TYR CB  HB2  sing N N 347 
TYR CB  HB3  sing N N 348 
TYR CG  CD1  doub Y N 349 
TYR CG  CD2  sing Y N 350 
TYR CD1 CE1  sing Y N 351 
TYR CD1 HD1  sing N N 352 
TYR CD2 CE2  doub Y N 353 
TYR CD2 HD2  sing N N 354 
TYR CE1 CZ   doub Y N 355 
TYR CE1 HE1  sing N N 356 
TYR CE2 CZ   sing Y N 357 
TYR CE2 HE2  sing N N 358 
TYR CZ  OH   sing N N 359 
TYR OH  HH   sing N N 360 
TYR OXT HXT  sing N N 361 
VAL N   CA   sing N N 362 
VAL N   H    sing N N 363 
VAL N   H2   sing N N 364 
VAL CA  C    sing N N 365 
VAL CA  CB   sing N N 366 
VAL CA  HA   sing N N 367 
VAL C   O    doub N N 368 
VAL C   OXT  sing N N 369 
VAL CB  CG1  sing N N 370 
VAL CB  CG2  sing N N 371 
VAL CB  HB   sing N N 372 
VAL CG1 HG11 sing N N 373 
VAL CG1 HG12 sing N N 374 
VAL CG1 HG13 sing N N 375 
VAL CG2 HG21 sing N N 376 
VAL CG2 HG22 sing N N 377 
VAL CG2 HG23 sing N N 378 
VAL OXT HXT  sing N N 379 
# 
loop_
_pdbx_entity_nonpoly.entity_id 
_pdbx_entity_nonpoly.name 
_pdbx_entity_nonpoly.comp_id 
2 'PHOSPHATE ION' PO4 
3 water           HOH 
# 
_pdbx_initial_refinement_model.id               1 
_pdbx_initial_refinement_model.entity_id_list   ? 
_pdbx_initial_refinement_model.type             'experimental model' 
_pdbx_initial_refinement_model.source_name      PDB 
_pdbx_initial_refinement_model.accession_code   1J74 
_pdbx_initial_refinement_model.details          'PDB entry 1J74' 
# 
